data_2OBY
#
_entry.id   2OBY
#
_cell.length_a   68.354
_cell.length_b   184.359
_cell.length_c   318.047
_cell.angle_alpha   90.00
_cell.angle_beta   90.00
_cell.angle_gamma   90.00
#
_symmetry.space_group_name_H-M   'C 2 2 21'
#
loop_
_entity.id
_entity.type
_entity.pdbx_description
1 polymer 'Putative quinone oxidoreductase'
2 non-polymer 'NADP NICOTINAMIDE-ADENINE-DINUCLEOTIDE PHOSPHATE'
3 water water
#
_entity_poly.entity_id   1
_entity_poly.type   'polypeptide(L)'
_entity_poly.pdbx_seq_one_letter_code
;GSPGIPMLAVHFDKPGGPENLYVKEVAKPSPGEGEVLLKVAASALNRADLMQRQGQYDPPPGASNILGLEASGHVAELGP
GCQGHWKIGDTAMALLPGGGQAQYVTVPEGLLMPIPEGLTLTQAAAIPEAWLTAFQLLHLVGNVQAGDYVLIHAGLSGVG
TAAIQLTRMAGAIPLVTAGSQKKLQMAEKLGAAAGFNYKKEDFSEATLKFTKGAGVNLILDCIGGSYWEKNVNCLALDGR
WVLYGLMGGGDINGPLFSKLLFKRGSLITSLLRSRDNKYKQMLVNAFTEQILPHFSTEGPQRLLPVLDRIYPVTEIQEAH
KYMEANKNIGKIVLELPQ
;
_entity_poly.pdbx_strand_id   A,B,C,D,E
#
# COMPACT_ATOMS: atom_id res chain seq x y z
N ILE A 5 -25.76 -35.98 -32.97
CA ILE A 5 -25.66 -36.54 -31.60
C ILE A 5 -25.53 -35.38 -30.60
N PRO A 6 -26.65 -34.97 -29.98
CA PRO A 6 -26.64 -33.73 -29.19
C PRO A 6 -25.95 -33.81 -27.83
N MET A 7 -25.81 -32.65 -27.19
CA MET A 7 -25.08 -32.51 -25.93
C MET A 7 -25.41 -31.15 -25.34
N LEU A 8 -25.79 -31.10 -24.06
CA LEU A 8 -26.09 -29.83 -23.40
C LEU A 8 -24.81 -29.05 -23.17
N ALA A 9 -24.87 -27.75 -23.44
CA ALA A 9 -23.69 -26.88 -23.32
C ALA A 9 -24.12 -25.43 -23.08
N VAL A 10 -23.28 -24.68 -22.39
CA VAL A 10 -23.51 -23.26 -22.15
C VAL A 10 -23.19 -22.49 -23.43
N HIS A 11 -24.08 -21.57 -23.79
CA HIS A 11 -24.01 -20.93 -25.10
C HIS A 11 -24.57 -19.51 -25.05
N PHE A 12 -24.15 -18.69 -26.00
CA PHE A 12 -24.69 -17.35 -26.17
C PHE A 12 -24.74 -17.00 -27.66
N ASP A 13 -25.89 -16.50 -28.11
CA ASP A 13 -26.10 -16.21 -29.53
C ASP A 13 -25.25 -15.03 -30.00
N LYS A 14 -25.31 -13.94 -29.24
CA LYS A 14 -24.55 -12.73 -29.55
C LYS A 14 -23.70 -12.31 -28.35
N PRO A 15 -22.62 -11.55 -28.61
CA PRO A 15 -21.84 -11.03 -27.50
C PRO A 15 -22.57 -9.88 -26.81
N GLY A 16 -22.68 -9.95 -25.50
CA GLY A 16 -23.34 -8.90 -24.73
C GLY A 16 -23.21 -9.15 -23.24
N GLY A 17 -24.29 -8.89 -22.49
CA GLY A 17 -24.28 -9.06 -21.04
C GLY A 17 -24.48 -10.50 -20.61
N PRO A 18 -24.53 -10.75 -19.29
CA PRO A 18 -24.77 -12.10 -18.77
C PRO A 18 -26.16 -12.64 -19.07
N GLU A 19 -27.11 -11.76 -19.40
CA GLU A 19 -28.46 -12.17 -19.79
C GLU A 19 -28.50 -12.96 -21.11
N ASN A 20 -27.47 -12.81 -21.94
CA ASN A 20 -27.36 -13.56 -23.19
C ASN A 20 -27.06 -15.05 -22.99
N LEU A 21 -26.69 -15.44 -21.76
CA LEU A 21 -26.33 -16.82 -21.48
C LEU A 21 -27.55 -17.73 -21.30
N TYR A 22 -27.45 -18.93 -21.87
CA TYR A 22 -28.43 -19.99 -21.64
C TYR A 22 -27.80 -21.34 -22.02
N VAL A 23 -28.51 -22.44 -21.71
CA VAL A 23 -28.01 -23.77 -22.02
C VAL A 23 -28.74 -24.36 -23.22
N LYS A 24 -27.95 -24.83 -24.19
CA LYS A 24 -28.47 -25.24 -25.50
C LYS A 24 -27.94 -26.62 -25.88
N GLU A 25 -28.64 -27.30 -26.77
CA GLU A 25 -28.16 -28.56 -27.34
C GLU A 25 -27.20 -28.28 -28.50
N VAL A 26 -25.93 -28.66 -28.30
CA VAL A 26 -24.89 -28.50 -29.30
C VAL A 26 -24.41 -29.89 -29.73
N ALA A 27 -23.73 -29.96 -30.87
CA ALA A 27 -23.18 -31.23 -31.35
C ALA A 27 -22.08 -31.73 -30.41
N LYS A 28 -22.20 -32.99 -29.99
CA LYS A 28 -21.23 -33.63 -29.11
C LYS A 28 -19.92 -33.86 -29.87
N PRO A 29 -18.78 -33.45 -29.29
CA PRO A 29 -17.50 -33.61 -29.96
C PRO A 29 -16.96 -35.03 -29.93
N SER A 30 -15.81 -35.24 -30.56
CA SER A 30 -15.19 -36.56 -30.66
C SER A 30 -13.68 -36.41 -30.52
N PRO A 31 -13.02 -37.40 -29.89
CA PRO A 31 -11.55 -37.36 -29.75
C PRO A 31 -10.81 -37.35 -31.09
N GLY A 32 -9.49 -37.37 -31.05
CA GLY A 32 -8.69 -37.28 -32.25
C GLY A 32 -7.19 -37.26 -32.00
N GLU A 33 -6.59 -38.45 -31.99
CA GLU A 33 -5.14 -38.62 -31.91
C GLU A 33 -4.52 -38.08 -30.63
N GLY A 34 -4.40 -38.95 -29.63
CA GLY A 34 -3.73 -38.60 -28.37
C GLY A 34 -4.57 -37.78 -27.43
N GLU A 35 -5.89 -37.91 -27.52
CA GLU A 35 -6.81 -37.24 -26.59
C GLU A 35 -8.00 -38.14 -26.25
N VAL A 36 -8.74 -37.74 -25.21
CA VAL A 36 -9.88 -38.51 -24.72
C VAL A 36 -11.10 -37.61 -24.55
N LEU A 37 -12.27 -38.24 -24.51
CA LEU A 37 -13.53 -37.55 -24.28
C LEU A 37 -13.85 -37.64 -22.80
N LEU A 38 -13.97 -36.49 -22.13
CA LEU A 38 -14.27 -36.45 -20.71
C LEU A 38 -15.76 -36.15 -20.47
N LYS A 39 -16.44 -37.07 -19.81
CA LYS A 39 -17.84 -36.89 -19.42
C LYS A 39 -17.89 -35.95 -18.22
N VAL A 40 -18.20 -34.68 -18.48
CA VAL A 40 -18.03 -33.62 -17.49
C VAL A 40 -19.05 -33.72 -16.34
N ALA A 41 -18.53 -33.79 -15.12
CA ALA A 41 -19.35 -33.77 -13.90
C ALA A 41 -19.45 -32.34 -13.36
N ALA A 42 -18.37 -31.57 -13.49
CA ALA A 42 -18.38 -30.17 -13.06
C ALA A 42 -17.33 -29.34 -13.80
N SER A 43 -17.60 -28.04 -13.92
CA SER A 43 -16.67 -27.06 -14.46
C SER A 43 -16.55 -25.90 -13.45
N ALA A 44 -15.98 -24.78 -13.87
CA ALA A 44 -15.83 -23.63 -12.97
C ALA A 44 -15.74 -22.32 -13.75
N LEU A 45 -16.24 -21.24 -13.17
CA LEU A 45 -16.16 -19.93 -13.80
C LEU A 45 -14.80 -19.27 -13.56
N ASN A 46 -14.25 -18.69 -14.62
CA ASN A 46 -13.04 -17.90 -14.54
C ASN A 46 -13.33 -16.54 -15.17
N ARG A 47 -12.46 -15.56 -14.92
CA ARG A 47 -12.68 -14.20 -15.42
C ARG A 47 -12.68 -14.17 -16.95
N ALA A 48 -11.92 -15.08 -17.55
CA ALA A 48 -11.89 -15.21 -19.00
C ALA A 48 -13.30 -15.38 -19.58
N ASP A 49 -14.13 -16.18 -18.91
CA ASP A 49 -15.48 -16.47 -19.39
C ASP A 49 -16.31 -15.19 -19.55
N LEU A 50 -16.11 -14.23 -18.66
CA LEU A 50 -16.84 -12.96 -18.70
C LEU A 50 -16.47 -12.15 -19.94
N MET A 51 -15.16 -11.99 -20.16
CA MET A 51 -14.66 -11.24 -21.31
C MET A 51 -15.02 -11.90 -22.63
N GLN A 52 -15.04 -13.22 -22.64
CA GLN A 52 -15.31 -13.98 -23.86
C GLN A 52 -16.72 -13.74 -24.39
N ARG A 53 -17.71 -13.70 -23.51
CA ARG A 53 -19.09 -13.44 -23.93
C ARG A 53 -19.37 -11.95 -24.16
N GLN A 54 -18.47 -11.08 -23.69
CA GLN A 54 -18.53 -9.66 -24.05
C GLN A 54 -17.90 -9.43 -25.43
N GLY A 55 -17.08 -10.37 -25.88
CA GLY A 55 -16.46 -10.34 -27.21
C GLY A 55 -14.97 -10.06 -27.18
N GLN A 56 -14.46 -9.62 -26.02
CA GLN A 56 -13.05 -9.23 -25.88
C GLN A 56 -12.10 -10.42 -26.03
N TYR A 57 -12.40 -11.51 -25.33
CA TYR A 57 -11.56 -12.71 -25.37
C TYR A 57 -12.08 -13.65 -26.45
N ASP A 58 -11.21 -14.08 -27.37
CA ASP A 58 -11.54 -15.11 -28.34
C ASP A 58 -10.74 -16.36 -28.02
N PRO A 59 -11.31 -17.55 -28.31
CA PRO A 59 -10.56 -18.79 -28.09
C PRO A 59 -9.48 -18.95 -29.16
N PRO A 60 -8.35 -19.61 -28.80
CA PRO A 60 -7.26 -19.76 -29.76
C PRO A 60 -7.66 -20.58 -30.99
N PRO A 61 -7.12 -20.24 -32.18
CA PRO A 61 -7.54 -20.86 -33.44
C PRO A 61 -7.63 -22.38 -33.34
N GLY A 62 -8.76 -22.93 -33.77
CA GLY A 62 -9.01 -24.37 -33.69
C GLY A 62 -9.82 -24.75 -32.46
N ALA A 63 -9.37 -24.31 -31.28
CA ALA A 63 -10.04 -24.63 -30.01
C ALA A 63 -11.52 -24.24 -30.02
N SER A 64 -12.31 -24.92 -29.19
CA SER A 64 -13.77 -24.75 -29.20
C SER A 64 -14.23 -23.38 -28.64
N ASN A 65 -15.25 -22.81 -29.27
CA ASN A 65 -15.77 -21.48 -28.90
C ASN A 65 -16.95 -21.58 -27.94
N ILE A 66 -16.79 -22.45 -26.95
CA ILE A 66 -17.80 -22.68 -25.91
C ILE A 66 -17.09 -22.53 -24.58
N LEU A 67 -17.73 -21.83 -23.65
CA LEU A 67 -17.08 -21.42 -22.39
C LEU A 67 -16.65 -22.62 -21.54
N GLY A 68 -15.67 -22.38 -20.68
CA GLY A 68 -15.14 -23.41 -19.78
C GLY A 68 -13.67 -23.65 -20.04
N LEU A 69 -12.82 -23.16 -19.14
CA LEU A 69 -11.37 -23.36 -19.24
C LEU A 69 -10.86 -24.55 -18.43
N GLU A 70 -11.75 -25.19 -17.68
CA GLU A 70 -11.37 -26.35 -16.88
C GLU A 70 -12.58 -27.26 -16.65
N ALA A 71 -12.32 -28.52 -16.35
CA ALA A 71 -13.39 -29.49 -16.11
C ALA A 71 -12.92 -30.67 -15.28
N SER A 72 -13.88 -31.42 -14.75
CA SER A 72 -13.61 -32.59 -13.94
C SER A 72 -14.73 -33.61 -14.17
N GLY A 73 -14.35 -34.87 -14.33
CA GLY A 73 -15.33 -35.93 -14.56
C GLY A 73 -14.69 -37.28 -14.86
N HIS A 74 -15.42 -38.12 -15.57
CA HIS A 74 -14.96 -39.46 -15.93
C HIS A 74 -14.45 -39.48 -17.37
N VAL A 75 -13.43 -40.31 -17.63
CA VAL A 75 -12.95 -40.50 -19.00
C VAL A 75 -13.99 -41.33 -19.74
N ALA A 76 -14.82 -40.66 -20.52
CA ALA A 76 -15.93 -41.32 -21.23
C ALA A 76 -15.45 -42.24 -22.35
N GLU A 77 -14.46 -41.77 -23.10
CA GLU A 77 -14.02 -42.45 -24.31
C GLU A 77 -12.53 -42.22 -24.57
N LEU A 78 -11.89 -43.17 -25.24
CA LEU A 78 -10.48 -43.04 -25.66
C LEU A 78 -10.42 -42.71 -27.15
N GLY A 79 -9.57 -41.75 -27.50
CA GLY A 79 -9.29 -41.44 -28.89
C GLY A 79 -8.16 -42.30 -29.40
N PRO A 80 -7.89 -42.25 -30.70
CA PRO A 80 -6.75 -42.96 -31.29
C PRO A 80 -5.42 -42.52 -30.71
N GLY A 81 -4.43 -43.41 -30.75
CA GLY A 81 -3.06 -43.09 -30.33
C GLY A 81 -2.89 -42.68 -28.87
N CYS A 82 -3.69 -43.27 -27.98
CA CYS A 82 -3.55 -43.03 -26.54
C CYS A 82 -2.45 -43.91 -25.95
N GLN A 83 -1.73 -43.36 -24.96
CA GLN A 83 -0.62 -44.08 -24.31
C GLN A 83 -1.14 -45.11 -23.31
N GLY A 84 -2.34 -44.88 -22.81
CA GLY A 84 -3.12 -45.96 -22.21
C GLY A 84 -2.92 -46.24 -20.73
N HIS A 85 -2.49 -45.25 -19.96
CA HIS A 85 -2.55 -45.36 -18.51
C HIS A 85 -3.97 -45.06 -18.07
N TRP A 86 -4.57 -44.08 -18.74
CA TRP A 86 -5.96 -43.72 -18.50
C TRP A 86 -6.87 -44.78 -19.11
N LYS A 87 -7.96 -45.07 -18.42
CA LYS A 87 -8.94 -46.06 -18.86
C LYS A 87 -10.34 -45.46 -18.74
N ILE A 88 -11.29 -46.00 -19.50
CA ILE A 88 -12.66 -45.52 -19.45
C ILE A 88 -13.21 -45.77 -18.06
N GLY A 89 -13.76 -44.73 -17.43
CA GLY A 89 -14.32 -44.84 -16.08
C GLY A 89 -13.46 -44.17 -15.01
N ASP A 90 -12.18 -43.96 -15.32
CA ASP A 90 -11.28 -43.23 -14.42
C ASP A 90 -11.77 -41.79 -14.26
N THR A 91 -11.78 -41.30 -13.02
CA THR A 91 -12.12 -39.91 -12.76
C THR A 91 -10.87 -39.04 -12.93
N ALA A 92 -11.03 -37.88 -13.55
CA ALA A 92 -9.91 -36.98 -13.81
C ALA A 92 -10.37 -35.52 -13.87
N MET A 93 -9.40 -34.62 -13.95
CA MET A 93 -9.66 -33.20 -14.15
C MET A 93 -8.71 -32.67 -15.21
N ALA A 94 -9.08 -31.60 -15.89
CA ALA A 94 -8.31 -31.13 -17.04
C ALA A 94 -8.28 -29.62 -17.18
N LEU A 95 -7.16 -29.11 -17.70
CA LEU A 95 -7.01 -27.72 -18.10
C LEU A 95 -7.37 -27.62 -19.58
N LEU A 96 -8.33 -26.76 -19.90
CA LEU A 96 -8.85 -26.63 -21.26
C LEU A 96 -8.62 -25.24 -21.83
N PRO A 97 -8.63 -25.13 -23.17
CA PRO A 97 -8.71 -23.84 -23.86
C PRO A 97 -10.16 -23.39 -24.07
N GLY A 98 -11.11 -24.28 -23.78
CA GLY A 98 -12.53 -24.04 -24.03
C GLY A 98 -13.33 -25.34 -23.96
N GLY A 99 -14.66 -25.22 -24.01
CA GLY A 99 -15.55 -26.37 -24.08
C GLY A 99 -15.76 -27.12 -22.77
N GLY A 100 -15.37 -26.50 -21.66
CA GLY A 100 -15.44 -27.14 -20.34
C GLY A 100 -16.83 -27.17 -19.72
N GLN A 101 -17.65 -26.19 -20.03
CA GLN A 101 -19.00 -26.08 -19.48
C GLN A 101 -20.01 -26.73 -20.42
N ALA A 102 -19.79 -28.02 -20.70
CA ALA A 102 -20.71 -28.83 -21.50
C ALA A 102 -20.51 -30.30 -21.13
N GLN A 103 -21.55 -31.12 -21.30
CA GLN A 103 -21.57 -32.49 -20.80
C GLN A 103 -20.37 -33.37 -21.22
N TYR A 104 -19.84 -33.14 -22.42
CA TYR A 104 -18.67 -33.85 -22.90
C TYR A 104 -17.67 -32.85 -23.46
N VAL A 105 -16.38 -33.14 -23.27
CA VAL A 105 -15.30 -32.27 -23.76
C VAL A 105 -14.08 -33.09 -24.20
N THR A 106 -13.48 -32.66 -25.31
CA THR A 106 -12.30 -33.32 -25.86
C THR A 106 -11.04 -32.80 -25.14
N VAL A 107 -10.22 -33.71 -24.61
CA VAL A 107 -9.04 -33.34 -23.82
C VAL A 107 -7.81 -34.19 -24.13
N PRO A 108 -6.70 -33.56 -24.57
CA PRO A 108 -5.41 -34.26 -24.69
C PRO A 108 -4.99 -34.91 -23.37
N GLU A 109 -4.62 -36.19 -23.40
CA GLU A 109 -4.33 -36.93 -22.17
C GLU A 109 -3.10 -36.42 -21.43
N GLY A 110 -2.26 -35.64 -22.12
CA GLY A 110 -1.14 -34.95 -21.48
C GLY A 110 -1.56 -33.87 -20.49
N LEU A 111 -2.72 -33.27 -20.73
CA LEU A 111 -3.29 -32.25 -19.82
C LEU A 111 -4.29 -32.85 -18.82
N LEU A 112 -4.30 -34.17 -18.70
CA LEU A 112 -5.25 -34.87 -17.85
C LEU A 112 -4.59 -35.15 -16.50
N MET A 113 -5.26 -34.78 -15.42
CA MET A 113 -4.72 -34.96 -14.08
C MET A 113 -5.64 -35.79 -13.20
N PRO A 114 -5.07 -36.63 -12.33
CA PRO A 114 -5.88 -37.43 -11.42
C PRO A 114 -6.44 -36.60 -10.28
N ILE A 115 -7.63 -36.97 -9.81
CA ILE A 115 -8.28 -36.27 -8.70
C ILE A 115 -7.71 -36.78 -7.39
N PRO A 116 -7.31 -35.85 -6.50
CA PRO A 116 -6.80 -36.27 -5.19
C PRO A 116 -7.82 -37.11 -4.41
N GLU A 117 -7.34 -38.06 -3.62
CA GLU A 117 -8.22 -38.88 -2.81
C GLU A 117 -8.89 -38.03 -1.73
N GLY A 118 -10.21 -38.16 -1.63
CA GLY A 118 -11.00 -37.42 -0.65
C GLY A 118 -11.80 -36.27 -1.24
N LEU A 119 -11.34 -35.74 -2.37
CA LEU A 119 -11.98 -34.56 -2.97
C LEU A 119 -13.16 -34.95 -3.86
N THR A 120 -14.22 -34.14 -3.80
CA THR A 120 -15.36 -34.32 -4.69
C THR A 120 -15.00 -33.83 -6.08
N LEU A 121 -15.66 -34.40 -7.09
CA LEU A 121 -15.47 -33.97 -8.47
C LEU A 121 -15.75 -32.48 -8.62
N THR A 122 -16.72 -31.97 -7.85
CA THR A 122 -17.03 -30.54 -7.80
C THR A 122 -15.83 -29.74 -7.27
N GLN A 123 -15.21 -30.25 -6.19
CA GLN A 123 -14.04 -29.60 -5.59
C GLN A 123 -12.84 -29.60 -6.54
N ALA A 124 -12.64 -30.72 -7.23
CA ALA A 124 -11.56 -30.84 -8.20
C ALA A 124 -11.75 -29.88 -9.37
N ALA A 125 -12.99 -29.49 -9.64
CA ALA A 125 -13.30 -28.55 -10.73
C ALA A 125 -12.72 -27.14 -10.49
N ALA A 126 -12.33 -26.83 -9.25
CA ALA A 126 -11.72 -25.54 -8.91
C ALA A 126 -10.20 -25.50 -9.11
N ILE A 127 -9.58 -26.67 -9.27
CA ILE A 127 -8.12 -26.77 -9.23
C ILE A 127 -7.39 -26.31 -10.50
N PRO A 128 -7.68 -26.91 -11.66
CA PRO A 128 -6.80 -26.78 -12.83
C PRO A 128 -6.38 -25.35 -13.19
N GLU A 129 -7.31 -24.52 -13.68
CA GLU A 129 -6.94 -23.19 -14.21
C GLU A 129 -6.32 -22.29 -13.14
N ALA A 130 -6.93 -22.26 -11.96
CA ALA A 130 -6.46 -21.39 -10.89
C ALA A 130 -5.05 -21.76 -10.45
N TRP A 131 -4.85 -23.03 -10.10
CA TRP A 131 -3.59 -23.46 -9.51
C TRP A 131 -2.47 -23.60 -10.54
N LEU A 132 -2.79 -24.09 -11.74
CA LEU A 132 -1.77 -24.21 -12.79
C LEU A 132 -1.23 -22.84 -13.17
N THR A 133 -2.11 -21.84 -13.19
CA THR A 133 -1.71 -20.45 -13.45
C THR A 133 -0.90 -19.92 -12.27
N ALA A 134 -1.41 -20.12 -11.06
CA ALA A 134 -0.70 -19.70 -9.85
C ALA A 134 0.70 -20.31 -9.86
N PHE A 135 0.77 -21.62 -10.10
CA PHE A 135 2.05 -22.35 -10.16
C PHE A 135 2.94 -21.81 -11.28
N GLN A 136 2.35 -21.59 -12.45
CA GLN A 136 3.06 -21.02 -13.59
C GLN A 136 3.71 -19.69 -13.17
N LEU A 137 2.85 -18.75 -12.75
CA LEU A 137 3.30 -17.40 -12.40
C LEU A 137 4.36 -17.42 -11.32
N LEU A 138 4.18 -18.23 -10.29
CA LEU A 138 5.11 -18.30 -9.17
C LEU A 138 6.46 -18.89 -9.57
N HIS A 139 6.43 -20.15 -9.98
CA HIS A 139 7.68 -20.89 -10.21
C HIS A 139 8.30 -20.64 -11.59
N LEU A 140 7.59 -21.00 -12.66
CA LEU A 140 8.16 -20.94 -14.02
C LEU A 140 8.48 -19.52 -14.47
N VAL A 141 7.50 -18.62 -14.34
CA VAL A 141 7.70 -17.23 -14.77
C VAL A 141 8.49 -16.43 -13.73
N GLY A 142 8.04 -16.49 -12.48
CA GLY A 142 8.55 -15.62 -11.42
C GLY A 142 9.79 -16.10 -10.67
N ASN A 143 10.06 -17.40 -10.71
CA ASN A 143 11.17 -18.00 -9.95
C ASN A 143 11.14 -17.60 -8.46
N VAL A 144 10.10 -18.07 -7.77
CA VAL A 144 9.96 -17.82 -6.34
C VAL A 144 11.05 -18.56 -5.60
N GLN A 145 11.74 -17.85 -4.71
CA GLN A 145 12.72 -18.45 -3.82
C GLN A 145 12.20 -18.39 -2.39
N ALA A 146 12.65 -19.32 -1.56
CA ALA A 146 12.29 -19.32 -0.16
C ALA A 146 12.82 -18.04 0.49
N GLY A 147 11.95 -17.32 1.19
CA GLY A 147 12.32 -16.07 1.85
C GLY A 147 11.84 -14.83 1.11
N ASP A 148 11.43 -15.01 -0.15
CA ASP A 148 10.96 -13.90 -0.98
C ASP A 148 9.68 -13.31 -0.41
N TYR A 149 9.51 -12.01 -0.61
CA TYR A 149 8.29 -11.32 -0.24
C TYR A 149 7.40 -11.17 -1.47
N VAL A 150 6.29 -11.88 -1.49
CA VAL A 150 5.39 -11.93 -2.65
C VAL A 150 4.13 -11.11 -2.40
N LEU A 151 3.86 -10.14 -3.28
CA LEU A 151 2.65 -9.32 -3.23
C LEU A 151 1.62 -9.86 -4.22
N ILE A 152 0.52 -10.40 -3.69
CA ILE A 152 -0.53 -10.98 -4.53
C ILE A 152 -1.75 -10.06 -4.54
N HIS A 153 -2.00 -9.44 -5.69
CA HIS A 153 -3.18 -8.60 -5.84
C HIS A 153 -4.41 -9.47 -6.11
N ALA A 154 -5.58 -9.01 -5.68
CA ALA A 154 -6.83 -9.78 -5.82
C ALA A 154 -6.66 -11.18 -5.24
N GLY A 155 -6.04 -11.24 -4.06
CA GLY A 155 -5.62 -12.50 -3.45
C GLY A 155 -6.73 -13.46 -3.07
N LEU A 156 -7.97 -12.97 -3.05
CA LEU A 156 -9.12 -13.84 -2.80
C LEU A 156 -9.92 -14.03 -4.07
N SER A 157 -9.20 -14.46 -5.10
CA SER A 157 -9.77 -14.84 -6.38
C SER A 157 -9.34 -16.28 -6.67
N GLY A 158 -9.85 -16.84 -7.76
CA GLY A 158 -9.48 -18.19 -8.16
C GLY A 158 -7.98 -18.39 -8.13
N VAL A 159 -7.26 -17.52 -8.84
CA VAL A 159 -5.81 -17.58 -8.91
C VAL A 159 -5.19 -17.21 -7.55
N GLY A 160 -5.76 -16.21 -6.90
CA GLY A 160 -5.25 -15.74 -5.62
C GLY A 160 -5.23 -16.81 -4.54
N THR A 161 -6.41 -17.34 -4.21
CA THR A 161 -6.53 -18.34 -3.13
C THR A 161 -5.64 -19.56 -3.33
N ALA A 162 -5.22 -19.82 -4.56
CA ALA A 162 -4.21 -20.84 -4.85
C ALA A 162 -2.80 -20.30 -4.62
N ALA A 163 -2.56 -19.08 -5.10
CA ALA A 163 -1.24 -18.46 -5.01
C ALA A 163 -0.76 -18.30 -3.57
N ILE A 164 -1.65 -17.90 -2.68
CA ILE A 164 -1.31 -17.73 -1.27
C ILE A 164 -0.73 -19.02 -0.72
N GLN A 165 -1.40 -20.14 -1.03
CA GLN A 165 -1.02 -21.43 -0.48
C GLN A 165 0.28 -21.96 -1.09
N LEU A 166 0.42 -21.85 -2.41
CA LEU A 166 1.65 -22.31 -3.08
C LEU A 166 2.86 -21.47 -2.65
N THR A 167 2.67 -20.16 -2.55
CA THR A 167 3.68 -19.25 -2.03
C THR A 167 4.15 -19.71 -0.66
N ARG A 168 3.22 -20.17 0.18
CA ARG A 168 3.55 -20.61 1.53
C ARG A 168 4.33 -21.91 1.50
N MET A 169 3.95 -22.80 0.58
CA MET A 169 4.62 -24.09 0.42
C MET A 169 6.03 -23.90 -0.14
N ALA A 170 6.21 -22.84 -0.95
CA ALA A 170 7.51 -22.50 -1.51
C ALA A 170 8.46 -21.88 -0.49
N GLY A 171 7.98 -21.67 0.74
CA GLY A 171 8.78 -21.06 1.78
C GLY A 171 8.89 -19.57 1.61
N ALA A 172 7.89 -18.98 0.94
CA ALA A 172 7.85 -17.55 0.68
C ALA A 172 6.78 -16.89 1.55
N ILE A 173 6.85 -15.56 1.63
CA ILE A 173 5.93 -14.78 2.45
C ILE A 173 4.91 -14.08 1.56
N PRO A 174 3.64 -14.52 1.61
CA PRO A 174 2.61 -13.91 0.79
C PRO A 174 1.94 -12.72 1.45
N LEU A 175 1.95 -11.59 0.75
CA LEU A 175 1.19 -10.40 1.13
C LEU A 175 0.04 -10.21 0.12
N VAL A 176 -1.16 -10.01 0.65
CA VAL A 176 -2.38 -10.00 -0.17
C VAL A 176 -3.00 -8.61 -0.21
N THR A 177 -3.64 -8.30 -1.34
CA THR A 177 -4.51 -7.11 -1.42
C THR A 177 -5.88 -7.53 -1.95
N ALA A 178 -6.93 -7.17 -1.20
CA ALA A 178 -8.32 -7.41 -1.60
C ALA A 178 -9.16 -6.19 -1.21
N GLY A 179 -10.43 -6.20 -1.57
CA GLY A 179 -11.31 -5.03 -1.39
C GLY A 179 -12.40 -5.19 -0.36
N SER A 180 -12.12 -5.93 0.71
CA SER A 180 -13.11 -6.22 1.73
C SER A 180 -12.48 -6.84 2.97
N GLN A 181 -12.90 -6.40 4.15
CA GLN A 181 -12.40 -6.95 5.41
C GLN A 181 -12.75 -8.43 5.55
N LYS A 182 -13.97 -8.79 5.18
CA LYS A 182 -14.40 -10.19 5.17
C LYS A 182 -13.45 -11.05 4.31
N LYS A 183 -13.03 -10.52 3.17
CA LYS A 183 -12.14 -11.25 2.27
C LYS A 183 -10.75 -11.39 2.90
N LEU A 184 -10.19 -10.29 3.37
CA LEU A 184 -8.87 -10.30 4.03
C LEU A 184 -8.78 -11.35 5.14
N GLN A 185 -9.86 -11.51 5.90
CA GLN A 185 -9.91 -12.48 6.99
C GLN A 185 -9.75 -13.91 6.48
N MET A 186 -10.35 -14.20 5.32
CA MET A 186 -10.21 -15.51 4.71
C MET A 186 -8.79 -15.71 4.19
N ALA A 187 -8.19 -14.64 3.69
CA ALA A 187 -6.81 -14.67 3.21
C ALA A 187 -5.87 -15.06 4.34
N GLU A 188 -6.11 -14.52 5.53
CA GLU A 188 -5.30 -14.84 6.70
C GLU A 188 -5.33 -16.34 7.00
N LYS A 189 -6.53 -16.92 7.03
CA LYS A 189 -6.69 -18.34 7.33
C LYS A 189 -6.01 -19.25 6.31
N LEU A 190 -5.84 -18.75 5.09
CA LEU A 190 -5.09 -19.45 4.05
C LEU A 190 -3.56 -19.28 4.20
N GLY A 191 -3.14 -18.50 5.18
CA GLY A 191 -1.71 -18.33 5.50
C GLY A 191 -1.09 -17.04 5.00
N ALA A 192 -1.90 -16.03 4.72
CA ALA A 192 -1.40 -14.73 4.29
C ALA A 192 -0.68 -14.07 5.46
N ALA A 193 0.56 -13.67 5.24
CA ALA A 193 1.37 -13.01 6.26
C ALA A 193 0.82 -11.63 6.59
N ALA A 194 0.27 -10.95 5.58
CA ALA A 194 -0.38 -9.66 5.78
C ALA A 194 -1.47 -9.44 4.72
N GLY A 195 -2.48 -8.65 5.09
CA GLY A 195 -3.58 -8.33 4.19
C GLY A 195 -3.87 -6.84 4.20
N PHE A 196 -4.08 -6.26 3.02
CA PHE A 196 -4.36 -4.83 2.89
C PHE A 196 -5.66 -4.58 2.11
N ASN A 197 -6.50 -3.71 2.64
CA ASN A 197 -7.75 -3.31 1.97
C ASN A 197 -7.50 -2.05 1.13
N TYR A 198 -7.36 -2.23 -0.18
CA TYR A 198 -6.99 -1.12 -1.08
C TYR A 198 -8.01 0.02 -1.11
N LYS A 199 -9.27 -0.30 -0.82
CA LYS A 199 -10.34 0.69 -0.76
C LYS A 199 -10.25 1.54 0.53
N LYS A 200 -9.52 1.04 1.52
CA LYS A 200 -9.30 1.76 2.78
C LYS A 200 -7.92 2.44 2.87
N GLU A 201 -6.91 1.83 2.25
CA GLU A 201 -5.51 2.25 2.46
C GLU A 201 -4.61 2.11 1.23
N ASP A 202 -3.43 2.70 1.33
CA ASP A 202 -2.41 2.60 0.27
C ASP A 202 -1.54 1.35 0.50
N PHE A 203 -1.65 0.38 -0.40
CA PHE A 203 -0.91 -0.88 -0.25
C PHE A 203 0.60 -0.71 -0.45
N SER A 204 1.01 0.32 -1.20
CA SER A 204 2.42 0.59 -1.44
C SER A 204 3.15 0.94 -0.15
N GLU A 205 2.52 1.77 0.69
CA GLU A 205 3.09 2.16 1.98
C GLU A 205 2.97 1.05 3.02
N ALA A 206 1.92 0.24 2.91
CA ALA A 206 1.74 -0.91 3.79
C ALA A 206 2.76 -2.01 3.48
N THR A 207 2.96 -2.28 2.20
CA THR A 207 3.92 -3.30 1.75
C THR A 207 5.34 -2.96 2.20
N LEU A 208 5.76 -1.71 1.96
CA LEU A 208 7.07 -1.24 2.37
C LEU A 208 7.25 -1.32 3.89
N LYS A 209 6.23 -0.90 4.63
CA LYS A 209 6.25 -0.96 6.09
C LYS A 209 6.50 -2.39 6.55
N PHE A 210 5.77 -3.34 5.97
CA PHE A 210 5.90 -4.74 6.34
C PHE A 210 7.30 -5.27 6.03
N THR A 211 7.82 -4.92 4.84
CA THR A 211 9.13 -5.39 4.38
C THR A 211 10.29 -4.54 4.89
N LYS A 212 10.04 -3.75 5.93
CA LYS A 212 11.07 -2.92 6.57
C LYS A 212 11.78 -1.99 5.57
N GLY A 213 11.03 -1.47 4.61
CA GLY A 213 11.56 -0.56 3.59
C GLY A 213 12.22 -1.23 2.41
N ALA A 214 12.38 -2.56 2.48
CA ALA A 214 13.10 -3.31 1.46
C ALA A 214 12.31 -3.48 0.16
N GLY A 215 11.01 -3.74 0.30
CA GLY A 215 10.12 -3.93 -0.85
C GLY A 215 9.89 -5.40 -1.20
N VAL A 216 8.90 -5.66 -2.03
CA VAL A 216 8.56 -7.03 -2.45
C VAL A 216 9.46 -7.54 -3.56
N ASN A 217 9.87 -8.80 -3.43
CA ASN A 217 10.76 -9.43 -4.40
C ASN A 217 10.01 -9.96 -5.62
N LEU A 218 8.70 -10.19 -5.46
CA LEU A 218 7.86 -10.68 -6.56
C LEU A 218 6.45 -10.12 -6.47
N ILE A 219 5.89 -9.75 -7.62
CA ILE A 219 4.52 -9.25 -7.70
C ILE A 219 3.70 -10.05 -8.70
N LEU A 220 2.53 -10.53 -8.26
CA LEU A 220 1.57 -11.18 -9.16
C LEU A 220 0.45 -10.20 -9.48
N ASP A 221 0.74 -9.30 -10.42
CA ASP A 221 -0.15 -8.20 -10.76
C ASP A 221 -1.20 -8.61 -11.79
N CYS A 222 -2.47 -8.60 -11.38
CA CYS A 222 -3.57 -8.84 -12.30
C CYS A 222 -4.56 -7.66 -12.34
N ILE A 223 -4.12 -6.50 -11.88
CA ILE A 223 -4.94 -5.29 -11.93
C ILE A 223 -4.41 -4.37 -13.03
N GLY A 224 -3.10 -4.15 -13.05
CA GLY A 224 -2.44 -3.45 -14.15
C GLY A 224 -2.36 -1.93 -14.04
N GLY A 225 -3.20 -1.24 -14.80
CA GLY A 225 -3.11 0.21 -14.96
C GLY A 225 -3.20 0.99 -13.65
N SER A 226 -4.32 0.85 -12.94
CA SER A 226 -4.56 1.61 -11.71
C SER A 226 -3.56 1.34 -10.59
N TYR A 227 -2.77 0.28 -10.74
CA TYR A 227 -1.84 -0.16 -9.70
C TYR A 227 -0.37 0.11 -10.04
N TRP A 228 -0.08 0.58 -11.26
CA TRP A 228 1.30 0.59 -11.74
C TRP A 228 2.24 1.43 -10.88
N GLU A 229 1.80 2.62 -10.47
CA GLU A 229 2.65 3.49 -9.66
C GLU A 229 2.95 2.88 -8.31
N LYS A 230 1.89 2.40 -7.66
CA LYS A 230 1.97 1.82 -6.33
C LYS A 230 2.74 0.49 -6.32
N ASN A 231 2.75 -0.21 -7.46
CA ASN A 231 3.55 -1.43 -7.62
C ASN A 231 5.05 -1.14 -7.78
N VAL A 232 5.39 -0.17 -8.62
CA VAL A 232 6.80 0.16 -8.88
C VAL A 232 7.47 0.69 -7.62
N ASN A 233 6.72 1.45 -6.83
CA ASN A 233 7.23 2.01 -5.59
C ASN A 233 7.62 0.92 -4.59
N CYS A 234 6.72 -0.02 -4.32
CA CYS A 234 6.95 -1.05 -3.30
C CYS A 234 7.77 -2.26 -3.81
N LEU A 235 8.22 -2.23 -5.06
CA LEU A 235 9.06 -3.29 -5.60
C LEU A 235 10.49 -3.12 -5.09
N ALA A 236 11.17 -4.24 -4.86
CA ALA A 236 12.53 -4.24 -4.33
C ALA A 236 13.56 -4.15 -5.45
N LEU A 237 14.81 -3.92 -5.08
CA LEU A 237 15.94 -3.98 -6.02
C LEU A 237 16.01 -5.37 -6.67
N ASP A 238 16.05 -5.40 -8.00
CA ASP A 238 16.01 -6.65 -8.77
C ASP A 238 14.72 -7.45 -8.56
N GLY A 239 13.62 -6.78 -8.27
CA GLY A 239 12.35 -7.44 -8.05
C GLY A 239 11.73 -7.89 -9.36
N ARG A 240 10.97 -8.99 -9.32
CA ARG A 240 10.20 -9.45 -10.47
C ARG A 240 8.76 -8.96 -10.36
N TRP A 241 8.20 -8.54 -11.49
CA TRP A 241 6.86 -7.99 -11.54
C TRP A 241 6.12 -8.74 -12.64
N VAL A 242 5.40 -9.78 -12.24
CA VAL A 242 4.66 -10.61 -13.18
C VAL A 242 3.29 -9.97 -13.45
N LEU A 243 3.03 -9.68 -14.71
CA LEU A 243 1.80 -9.01 -15.14
C LEU A 243 0.94 -9.99 -15.93
N TYR A 244 -0.31 -10.19 -15.50
CA TYR A 244 -1.16 -11.22 -16.11
C TYR A 244 -2.67 -10.95 -16.09
N GLY A 245 -3.10 -9.71 -15.87
CA GLY A 245 -4.53 -9.43 -15.65
C GLY A 245 -5.15 -8.24 -16.36
N LEU A 246 -4.72 -7.03 -16.01
CA LEU A 246 -5.29 -5.79 -16.58
C LEU A 246 -6.76 -5.53 -16.21
N MET A 247 -7.22 -6.06 -15.08
CA MET A 247 -8.60 -5.87 -14.63
C MET A 247 -8.89 -4.41 -14.34
N GLY A 248 -7.91 -3.73 -13.75
CA GLY A 248 -8.04 -2.31 -13.40
C GLY A 248 -7.22 -1.41 -14.31
N GLY A 249 -7.28 -1.66 -15.61
CA GLY A 249 -6.62 -0.79 -16.58
C GLY A 249 -5.95 -1.53 -17.70
N GLY A 250 -4.72 -1.13 -18.01
CA GLY A 250 -4.04 -1.53 -19.24
C GLY A 250 -3.22 -0.39 -19.84
N ASP A 251 -3.60 0.85 -19.50
CA ASP A 251 -2.86 2.04 -19.93
C ASP A 251 -1.94 2.56 -18.82
N ILE A 252 -0.80 3.12 -19.23
CA ILE A 252 0.18 3.72 -18.31
C ILE A 252 0.27 5.20 -18.65
N ASN A 253 0.61 6.03 -17.67
CA ASN A 253 0.57 7.49 -17.84
C ASN A 253 1.50 8.24 -16.89
N GLY A 254 2.73 7.76 -16.76
CA GLY A 254 3.73 8.41 -15.91
C GLY A 254 5.13 7.91 -16.18
N PRO A 255 6.09 8.24 -15.30
CA PRO A 255 7.48 7.84 -15.46
C PRO A 255 7.74 6.38 -15.03
N LEU A 256 7.13 5.43 -15.74
CA LEU A 256 7.29 4.01 -15.44
C LEU A 256 8.72 3.57 -15.67
N PHE A 257 9.23 3.83 -16.87
CA PHE A 257 10.59 3.46 -17.26
C PHE A 257 11.62 4.03 -16.30
N SER A 258 11.45 5.29 -15.90
CA SER A 258 12.38 5.94 -14.97
C SER A 258 12.45 5.22 -13.63
N LYS A 259 11.30 4.82 -13.10
CA LYS A 259 11.22 4.21 -11.77
C LYS A 259 11.62 2.74 -11.79
N LEU A 260 11.20 2.01 -12.83
CA LEU A 260 11.54 0.60 -12.97
C LEU A 260 13.04 0.41 -13.15
N LEU A 261 13.66 1.28 -13.95
CA LEU A 261 15.10 1.24 -14.18
C LEU A 261 15.89 1.53 -12.91
N PHE A 262 15.33 2.34 -12.01
CA PHE A 262 15.96 2.60 -10.71
C PHE A 262 15.96 1.36 -9.83
N LYS A 263 14.85 0.62 -9.83
CA LYS A 263 14.72 -0.59 -9.03
C LYS A 263 15.35 -1.81 -9.71
N ARG A 264 15.92 -1.60 -10.90
CA ARG A 264 16.51 -2.69 -11.68
C ARG A 264 15.50 -3.81 -11.88
N GLY A 265 14.26 -3.44 -12.18
CA GLY A 265 13.14 -4.38 -12.19
C GLY A 265 12.96 -5.18 -13.48
N SER A 266 12.10 -6.19 -13.39
CA SER A 266 11.71 -6.99 -14.55
C SER A 266 10.20 -7.04 -14.62
N LEU A 267 9.63 -6.55 -15.72
CA LEU A 267 8.19 -6.68 -15.97
C LEU A 267 7.94 -7.86 -16.90
N ILE A 268 7.68 -9.03 -16.30
CA ILE A 268 7.45 -10.25 -17.05
C ILE A 268 5.96 -10.46 -17.22
N THR A 269 5.46 -10.39 -18.45
CA THR A 269 4.06 -10.69 -18.71
C THR A 269 3.90 -12.20 -18.90
N SER A 270 2.69 -12.71 -18.69
CA SER A 270 2.41 -14.14 -18.87
C SER A 270 0.95 -14.46 -19.21
N LEU A 271 0.79 -15.41 -20.12
CA LEU A 271 -0.51 -15.94 -20.50
C LEU A 271 -0.44 -17.47 -20.43
N LEU A 272 -1.59 -18.13 -20.32
CA LEU A 272 -1.66 -19.58 -20.30
C LEU A 272 -2.49 -20.14 -21.46
N ARG A 273 -3.70 -19.60 -21.62
CA ARG A 273 -4.65 -20.12 -22.62
C ARG A 273 -4.09 -20.12 -24.04
N SER A 274 -3.34 -19.09 -24.41
CA SER A 274 -2.82 -18.94 -25.78
C SER A 274 -1.67 -19.89 -26.14
N ARG A 275 -1.14 -20.61 -25.17
CA ARG A 275 0.08 -21.41 -25.35
C ARG A 275 -0.15 -22.69 -26.15
N ASP A 276 0.93 -23.21 -26.71
CA ASP A 276 0.88 -24.49 -27.44
C ASP A 276 0.84 -25.68 -26.48
N ASN A 277 0.53 -26.86 -27.04
CA ASN A 277 0.39 -28.08 -26.24
C ASN A 277 1.68 -28.52 -25.55
N LYS A 278 2.83 -28.29 -26.19
CA LYS A 278 4.13 -28.63 -25.60
C LYS A 278 4.30 -27.96 -24.25
N TYR A 279 4.11 -26.65 -24.23
CA TYR A 279 4.25 -25.86 -23.02
C TYR A 279 3.22 -26.32 -21.99
N LYS A 280 1.98 -26.54 -22.43
CA LYS A 280 0.90 -26.95 -21.53
C LYS A 280 1.14 -28.34 -20.94
N GLN A 281 1.72 -29.25 -21.72
CA GLN A 281 2.05 -30.59 -21.23
C GLN A 281 3.20 -30.54 -20.23
N MET A 282 4.22 -29.75 -20.55
CA MET A 282 5.36 -29.53 -19.66
C MET A 282 4.89 -28.95 -18.30
N LEU A 283 3.96 -28.01 -18.35
CA LEU A 283 3.46 -27.34 -17.14
C LEU A 283 2.62 -28.28 -16.28
N VAL A 284 1.72 -29.02 -16.91
CA VAL A 284 0.85 -29.94 -16.16
C VAL A 284 1.66 -31.09 -15.55
N ASN A 285 2.77 -31.46 -16.19
CA ASN A 285 3.64 -32.51 -15.67
C ASN A 285 4.42 -32.03 -14.44
N ALA A 286 4.93 -30.81 -14.52
CA ALA A 286 5.64 -30.20 -13.39
C ALA A 286 4.69 -30.08 -12.19
N PHE A 287 3.43 -29.74 -12.47
CA PHE A 287 2.42 -29.58 -11.43
C PHE A 287 2.06 -30.91 -10.77
N THR A 288 1.88 -31.94 -11.58
CA THR A 288 1.53 -33.26 -11.05
C THR A 288 2.64 -33.79 -10.14
N GLU A 289 3.90 -33.57 -10.51
CA GLU A 289 5.02 -34.04 -9.69
C GLU A 289 5.15 -33.22 -8.42
N GLN A 290 5.28 -31.91 -8.56
CA GLN A 290 5.62 -31.03 -7.44
C GLN A 290 4.42 -30.72 -6.54
N ILE A 291 3.29 -30.38 -7.14
CA ILE A 291 2.16 -29.79 -6.40
C ILE A 291 1.05 -30.78 -6.06
N LEU A 292 0.59 -31.51 -7.06
CA LEU A 292 -0.64 -32.31 -6.96
C LEU A 292 -0.73 -33.23 -5.72
N PRO A 293 0.35 -33.97 -5.41
CA PRO A 293 0.28 -34.90 -4.29
C PRO A 293 -0.08 -34.25 -2.96
N HIS A 294 0.24 -32.96 -2.83
CA HIS A 294 -0.02 -32.21 -1.60
C HIS A 294 -1.50 -31.86 -1.39
N PHE A 295 -2.34 -32.08 -2.41
CA PHE A 295 -3.80 -31.93 -2.24
C PHE A 295 -4.41 -33.04 -1.39
N SER A 296 -3.63 -34.06 -1.10
CA SER A 296 -4.09 -35.17 -0.27
C SER A 296 -2.96 -35.73 0.60
N THR A 297 -2.14 -34.84 1.18
CA THR A 297 -1.11 -35.29 2.11
C THR A 297 -1.77 -35.75 3.42
N GLU A 298 -2.14 -34.82 4.30
CA GLU A 298 -2.83 -35.19 5.54
C GLU A 298 -3.63 -34.04 6.16
N GLY A 299 -2.97 -32.91 6.42
CA GLY A 299 -3.64 -31.75 7.00
C GLY A 299 -2.78 -30.51 7.11
N PRO A 300 -1.81 -30.51 8.04
CA PRO A 300 -1.02 -29.31 8.34
C PRO A 300 -0.63 -28.50 7.11
N GLN A 301 0.02 -29.16 6.14
CA GLN A 301 0.55 -28.48 4.96
C GLN A 301 -0.32 -28.73 3.73
N ARG A 302 -1.53 -29.25 3.94
CA ARG A 302 -2.36 -29.69 2.83
C ARG A 302 -2.93 -28.52 2.04
N LEU A 303 -2.89 -28.64 0.71
CA LEU A 303 -3.42 -27.61 -0.17
C LEU A 303 -4.93 -27.77 -0.28
N LEU A 304 -5.64 -26.67 -0.08
CA LEU A 304 -7.09 -26.68 -0.05
C LEU A 304 -7.67 -25.89 -1.22
N PRO A 305 -8.48 -26.53 -2.07
CA PRO A 305 -9.17 -25.79 -3.12
C PRO A 305 -10.33 -25.02 -2.52
N VAL A 306 -10.43 -23.72 -2.82
CA VAL A 306 -11.42 -22.87 -2.18
C VAL A 306 -12.64 -22.65 -3.07
N LEU A 307 -13.81 -23.02 -2.56
CA LEU A 307 -15.07 -22.85 -3.28
C LEU A 307 -15.95 -21.84 -2.53
N ASP A 308 -16.39 -20.80 -3.23
CA ASP A 308 -17.34 -19.84 -2.66
C ASP A 308 -18.75 -20.40 -2.76
N ARG A 309 -19.18 -20.71 -3.99
CA ARG A 309 -20.54 -21.17 -4.25
C ARG A 309 -20.60 -22.17 -5.41
N ILE A 310 -21.66 -22.98 -5.39
CA ILE A 310 -21.92 -23.93 -6.46
C ILE A 310 -23.24 -23.60 -7.13
N TYR A 311 -23.22 -23.53 -8.46
CA TYR A 311 -24.42 -23.32 -9.25
C TYR A 311 -24.60 -24.49 -10.22
N PRO A 312 -25.85 -24.85 -10.53
CA PRO A 312 -26.07 -25.75 -11.66
C PRO A 312 -25.95 -25.00 -12.98
N VAL A 313 -25.65 -25.73 -14.05
CA VAL A 313 -25.46 -25.13 -15.38
C VAL A 313 -26.64 -24.26 -15.81
N THR A 314 -27.86 -24.69 -15.52
CA THR A 314 -29.07 -23.88 -15.84
C THR A 314 -29.02 -22.48 -15.23
N GLU A 315 -28.39 -22.35 -14.06
CA GLU A 315 -28.25 -21.05 -13.39
C GLU A 315 -26.94 -20.35 -13.75
N ILE A 316 -26.40 -20.66 -14.94
CA ILE A 316 -25.19 -20.00 -15.46
C ILE A 316 -25.35 -18.49 -15.46
N GLN A 317 -26.54 -18.03 -15.83
CA GLN A 317 -26.85 -16.61 -15.91
C GLN A 317 -26.63 -15.93 -14.56
N GLU A 318 -27.12 -16.57 -13.50
CA GLU A 318 -27.03 -16.05 -12.13
C GLU A 318 -25.58 -16.00 -11.62
N ALA A 319 -24.79 -16.98 -12.05
CA ALA A 319 -23.40 -17.11 -11.63
C ALA A 319 -22.53 -15.97 -12.16
N HIS A 320 -22.80 -15.54 -13.39
CA HIS A 320 -22.02 -14.47 -14.01
C HIS A 320 -22.27 -13.11 -13.36
N LYS A 321 -23.50 -12.87 -12.89
CA LYS A 321 -23.83 -11.64 -12.15
C LYS A 321 -23.09 -11.60 -10.81
N TYR A 322 -22.90 -12.77 -10.21
CA TYR A 322 -22.20 -12.90 -8.93
C TYR A 322 -20.72 -12.53 -9.07
N MET A 323 -20.06 -13.11 -10.08
CA MET A 323 -18.64 -12.83 -10.32
C MET A 323 -18.42 -11.38 -10.73
N GLU A 324 -19.29 -10.86 -11.61
CA GLU A 324 -19.18 -9.47 -12.07
C GLU A 324 -19.41 -8.46 -10.94
N ALA A 325 -20.11 -8.89 -9.89
CA ALA A 325 -20.27 -8.08 -8.68
C ALA A 325 -19.09 -8.21 -7.72
N ASN A 326 -18.08 -9.01 -8.10
CA ASN A 326 -16.87 -9.22 -7.29
C ASN A 326 -17.13 -9.84 -5.92
N LYS A 327 -18.28 -10.50 -5.77
CA LYS A 327 -18.69 -11.04 -4.49
C LYS A 327 -17.97 -12.35 -4.12
N ASN A 328 -17.55 -13.11 -5.12
CA ASN A 328 -16.96 -14.43 -4.87
C ASN A 328 -15.64 -14.36 -4.11
N ILE A 329 -15.44 -15.33 -3.23
CA ILE A 329 -14.24 -15.42 -2.40
C ILE A 329 -13.65 -16.82 -2.62
N GLY A 330 -12.94 -16.95 -3.73
CA GLY A 330 -12.47 -18.24 -4.23
C GLY A 330 -13.19 -18.61 -5.52
N LYS A 331 -13.14 -19.89 -5.87
CA LYS A 331 -13.72 -20.37 -7.13
C LYS A 331 -15.26 -20.49 -7.05
N ILE A 332 -15.87 -20.64 -8.22
CA ILE A 332 -17.32 -20.61 -8.34
C ILE A 332 -17.73 -21.68 -9.38
N VAL A 333 -18.17 -22.83 -8.88
CA VAL A 333 -18.25 -24.05 -9.68
C VAL A 333 -19.62 -24.28 -10.32
N LEU A 334 -19.59 -24.76 -11.56
CA LEU A 334 -20.78 -25.10 -12.32
C LEU A 334 -20.90 -26.62 -12.42
N GLU A 335 -22.09 -27.15 -12.11
CA GLU A 335 -22.34 -28.59 -12.20
C GLU A 335 -23.20 -28.93 -13.40
N LEU A 336 -22.79 -29.96 -14.14
CA LEU A 336 -23.48 -30.37 -15.36
C LEU A 336 -24.39 -31.56 -15.08
N PRO A 337 -25.62 -31.53 -15.63
CA PRO A 337 -26.49 -32.68 -15.47
C PRO A 337 -25.95 -33.84 -16.29
N GLN A 338 -25.73 -34.97 -15.64
CA GLN A 338 -25.12 -36.13 -16.30
C GLN A 338 -26.19 -37.13 -16.72
N ILE B 5 48.90 14.63 -0.68
CA ILE B 5 49.71 15.11 -1.85
C ILE B 5 48.76 15.30 -3.05
N PRO B 6 49.02 16.30 -3.92
CA PRO B 6 48.04 16.72 -4.94
C PRO B 6 47.96 15.86 -6.22
N MET B 7 46.99 16.16 -7.08
CA MET B 7 46.65 15.35 -8.25
C MET B 7 45.72 16.12 -9.19
N LEU B 8 46.04 16.16 -10.48
CA LEU B 8 45.16 16.80 -11.47
C LEU B 8 43.98 15.89 -11.80
N ALA B 9 42.80 16.47 -11.93
CA ALA B 9 41.57 15.73 -12.23
C ALA B 9 40.50 16.62 -12.86
N VAL B 10 39.64 16.02 -13.69
CA VAL B 10 38.50 16.72 -14.25
C VAL B 10 37.56 17.15 -13.13
N HIS B 11 36.96 18.33 -13.27
CA HIS B 11 36.19 18.91 -12.18
C HIS B 11 35.12 19.87 -12.68
N PHE B 12 34.12 20.13 -11.83
CA PHE B 12 33.13 21.18 -12.05
C PHE B 12 32.63 21.67 -10.69
N ASP B 13 32.67 22.98 -10.47
CA ASP B 13 32.25 23.54 -9.19
C ASP B 13 30.78 23.26 -8.94
N LYS B 14 29.95 23.75 -9.85
CA LYS B 14 28.50 23.63 -9.75
C LYS B 14 28.00 22.81 -10.94
N PRO B 15 26.84 22.16 -10.78
CA PRO B 15 26.27 21.42 -11.89
C PRO B 15 25.71 22.38 -12.94
N GLY B 16 25.95 22.10 -14.20
CA GLY B 16 25.46 22.97 -15.28
C GLY B 16 25.68 22.38 -16.66
N GLY B 17 26.06 23.22 -17.61
CA GLY B 17 26.35 22.78 -18.97
C GLY B 17 27.78 22.27 -19.07
N PRO B 18 28.26 22.02 -20.30
CA PRO B 18 29.64 21.60 -20.52
C PRO B 18 30.70 22.68 -20.25
N GLU B 19 30.32 23.95 -20.35
CA GLU B 19 31.26 25.07 -20.15
C GLU B 19 31.79 25.23 -18.70
N ASN B 20 31.20 24.51 -17.75
CA ASN B 20 31.62 24.57 -16.35
C ASN B 20 32.89 23.77 -16.06
N LEU B 21 33.20 22.82 -16.95
CA LEU B 21 34.26 21.85 -16.72
C LEU B 21 35.66 22.45 -16.78
N TYR B 22 36.56 21.89 -15.99
CA TYR B 22 37.99 22.23 -16.04
C TYR B 22 38.84 21.21 -15.28
N VAL B 23 40.15 21.24 -15.54
CA VAL B 23 41.10 20.41 -14.80
C VAL B 23 41.51 21.13 -13.54
N LYS B 24 41.50 20.42 -12.41
CA LYS B 24 41.78 21.01 -11.10
C LYS B 24 42.68 20.09 -10.29
N GLU B 25 43.51 20.68 -9.42
CA GLU B 25 44.30 19.89 -8.49
C GLU B 25 43.43 19.45 -7.31
N VAL B 26 43.17 18.15 -7.24
CA VAL B 26 42.38 17.54 -6.17
C VAL B 26 43.30 16.62 -5.36
N ALA B 27 42.79 16.05 -4.27
CA ALA B 27 43.57 15.18 -3.40
C ALA B 27 43.81 13.82 -4.07
N LYS B 28 45.05 13.34 -4.01
CA LYS B 28 45.43 12.04 -4.55
C LYS B 28 44.95 10.95 -3.60
N PRO B 29 44.17 9.98 -4.12
CA PRO B 29 43.65 8.93 -3.25
C PRO B 29 44.71 7.88 -2.93
N SER B 30 44.34 6.92 -2.08
CA SER B 30 45.24 5.86 -1.68
C SER B 30 44.46 4.55 -1.51
N PRO B 31 45.11 3.38 -1.71
CA PRO B 31 44.45 2.08 -1.54
C PRO B 31 43.91 1.81 -0.14
N GLY B 32 43.35 0.62 0.06
CA GLY B 32 42.68 0.28 1.32
C GLY B 32 42.02 -1.08 1.32
N GLU B 33 42.81 -2.11 1.62
CA GLU B 33 42.32 -3.49 1.82
C GLU B 33 41.75 -4.14 0.56
N GLY B 34 42.64 -4.66 -0.28
CA GLY B 34 42.26 -5.40 -1.47
C GLY B 34 42.05 -4.54 -2.70
N GLU B 35 42.77 -3.42 -2.79
CA GLU B 35 42.72 -2.56 -3.96
C GLU B 35 44.09 -1.97 -4.30
N VAL B 36 44.20 -1.43 -5.52
CA VAL B 36 45.47 -0.91 -6.03
C VAL B 36 45.28 0.45 -6.68
N LEU B 37 46.28 1.30 -6.54
CA LEU B 37 46.26 2.63 -7.16
C LEU B 37 46.75 2.49 -8.60
N LEU B 38 46.05 3.17 -9.52
CA LEU B 38 46.35 3.08 -10.95
C LEU B 38 46.76 4.44 -11.51
N LYS B 39 47.97 4.51 -12.06
CA LYS B 39 48.46 5.73 -12.70
C LYS B 39 47.88 5.81 -14.10
N VAL B 40 46.83 6.63 -14.24
CA VAL B 40 46.00 6.64 -15.45
C VAL B 40 46.72 7.22 -16.66
N ALA B 41 46.65 6.50 -17.77
CA ALA B 41 47.16 6.95 -19.06
C ALA B 41 46.06 7.66 -19.84
N ALA B 42 44.88 7.04 -19.88
CA ALA B 42 43.75 7.59 -20.63
C ALA B 42 42.41 7.03 -20.17
N SER B 43 41.39 7.89 -20.16
CA SER B 43 40.02 7.50 -19.81
C SER B 43 39.09 7.71 -21.00
N ALA B 44 37.80 7.46 -20.80
CA ALA B 44 36.81 7.56 -21.88
C ALA B 44 35.55 8.25 -21.40
N LEU B 45 34.98 9.08 -22.27
CA LEU B 45 33.69 9.69 -21.99
C LEU B 45 32.58 8.66 -22.16
N ASN B 46 31.59 8.73 -21.26
CA ASN B 46 30.35 7.98 -21.37
C ASN B 46 29.19 8.94 -21.14
N ARG B 47 27.99 8.55 -21.58
CA ARG B 47 26.81 9.43 -21.47
C ARG B 47 26.48 9.74 -20.01
N ALA B 48 26.88 8.87 -19.10
CA ALA B 48 26.68 9.09 -17.66
C ALA B 48 27.48 10.29 -17.12
N ASP B 49 28.59 10.63 -17.80
CA ASP B 49 29.40 11.78 -17.43
C ASP B 49 28.66 13.10 -17.74
N LEU B 50 27.87 13.10 -18.81
CA LEU B 50 27.06 14.26 -19.19
C LEU B 50 25.98 14.54 -18.16
N MET B 51 25.19 13.52 -17.86
CA MET B 51 24.10 13.63 -16.88
C MET B 51 24.61 14.04 -15.50
N GLN B 52 25.78 13.51 -15.10
CA GLN B 52 26.33 13.76 -13.77
C GLN B 52 26.59 15.24 -13.53
N ARG B 53 27.27 15.90 -14.47
CA ARG B 53 27.58 17.32 -14.32
C ARG B 53 26.37 18.24 -14.52
N GLN B 54 25.28 17.70 -15.07
CA GLN B 54 23.99 18.39 -15.06
C GLN B 54 23.27 18.17 -13.73
N GLY B 55 23.62 17.07 -13.03
CA GLY B 55 23.10 16.79 -11.69
C GLY B 55 22.28 15.51 -11.57
N GLN B 56 21.93 14.90 -12.70
CA GLN B 56 20.99 13.78 -12.71
C GLN B 56 21.62 12.38 -12.58
N TYR B 57 22.87 12.30 -12.14
CA TYR B 57 23.52 11.00 -11.98
C TYR B 57 24.59 11.03 -10.88
N ASP B 58 24.15 10.97 -9.63
CA ASP B 58 25.06 11.01 -8.49
C ASP B 58 25.73 9.65 -8.30
N PRO B 59 27.01 9.65 -7.92
CA PRO B 59 27.72 8.38 -7.76
C PRO B 59 27.24 7.62 -6.54
N PRO B 60 27.31 6.27 -6.57
CA PRO B 60 26.80 5.46 -5.46
C PRO B 60 27.54 5.76 -4.15
N PRO B 61 26.83 5.69 -3.00
CA PRO B 61 27.36 6.12 -1.70
C PRO B 61 28.79 5.63 -1.42
N GLY B 62 29.72 6.57 -1.32
CA GLY B 62 31.12 6.24 -1.03
C GLY B 62 32.03 6.39 -2.24
N ALA B 63 31.56 5.94 -3.40
CA ALA B 63 32.34 6.06 -4.64
C ALA B 63 32.69 7.52 -4.91
N SER B 64 33.82 7.74 -5.58
CA SER B 64 34.32 9.10 -5.79
C SER B 64 33.38 9.90 -6.68
N ASN B 65 33.21 11.17 -6.33
CA ASN B 65 32.39 12.10 -7.11
C ASN B 65 33.26 12.85 -8.09
N ILE B 66 33.64 12.15 -9.15
CA ILE B 66 34.53 12.68 -10.19
C ILE B 66 34.38 11.82 -11.44
N LEU B 67 34.24 12.48 -12.58
CA LEU B 67 33.84 11.82 -13.83
C LEU B 67 34.85 10.77 -14.27
N GLY B 68 34.37 9.72 -14.95
CA GLY B 68 35.24 8.66 -15.46
C GLY B 68 34.85 7.28 -14.97
N LEU B 69 34.06 6.57 -15.77
CA LEU B 69 33.58 5.23 -15.40
C LEU B 69 34.55 4.11 -15.79
N GLU B 70 35.62 4.46 -16.50
CA GLU B 70 36.62 3.50 -16.94
C GLU B 70 37.96 4.19 -17.07
N ALA B 71 39.04 3.40 -17.05
CA ALA B 71 40.39 3.95 -17.16
C ALA B 71 41.40 2.88 -17.55
N SER B 72 42.50 3.31 -18.16
CA SER B 72 43.64 2.45 -18.49
C SER B 72 44.93 3.14 -18.03
N GLY B 73 45.92 2.35 -17.64
CA GLY B 73 47.19 2.90 -17.18
C GLY B 73 48.16 1.88 -16.63
N HIS B 74 48.95 2.30 -15.65
CA HIS B 74 49.95 1.44 -15.00
C HIS B 74 49.69 1.32 -13.50
N VAL B 75 50.05 0.18 -12.92
CA VAL B 75 49.88 -0.05 -11.47
C VAL B 75 50.86 0.82 -10.69
N ALA B 76 50.32 1.84 -10.01
CA ALA B 76 51.13 2.79 -9.26
C ALA B 76 51.51 2.26 -7.88
N GLU B 77 50.53 1.70 -7.17
CA GLU B 77 50.73 1.25 -5.80
C GLU B 77 49.84 0.06 -5.45
N LEU B 78 50.30 -0.78 -4.53
CA LEU B 78 49.51 -1.92 -4.02
C LEU B 78 48.96 -1.61 -2.63
N GLY B 79 47.73 -2.06 -2.37
CA GLY B 79 47.09 -1.89 -1.06
C GLY B 79 47.31 -3.11 -0.19
N PRO B 80 47.02 -3.00 1.11
CA PRO B 80 47.12 -4.14 2.03
C PRO B 80 46.18 -5.28 1.68
N GLY B 81 46.66 -6.51 1.76
CA GLY B 81 45.83 -7.69 1.55
C GLY B 81 45.48 -7.98 0.10
N CYS B 82 46.40 -7.67 -0.80
CA CYS B 82 46.23 -7.99 -2.22
C CYS B 82 46.71 -9.42 -2.48
N GLN B 83 46.54 -9.87 -3.73
CA GLN B 83 46.99 -11.21 -4.13
C GLN B 83 48.50 -11.27 -4.41
N GLY B 84 49.04 -10.18 -4.96
CA GLY B 84 50.43 -10.16 -5.43
C GLY B 84 50.53 -10.53 -6.89
N HIS B 85 49.38 -10.70 -7.54
CA HIS B 85 49.30 -11.02 -8.95
C HIS B 85 49.72 -9.80 -9.75
N TRP B 86 49.03 -8.69 -9.50
CA TRP B 86 49.41 -7.41 -10.08
C TRP B 86 50.61 -6.87 -9.33
N LYS B 87 51.53 -6.24 -10.06
CA LYS B 87 52.76 -5.71 -9.50
C LYS B 87 53.03 -4.31 -10.06
N ILE B 88 53.76 -3.50 -9.31
CA ILE B 88 53.99 -2.09 -9.69
C ILE B 88 54.68 -1.97 -11.05
N GLY B 89 53.99 -1.37 -12.02
CA GLY B 89 54.49 -1.27 -13.39
C GLY B 89 53.62 -1.94 -14.42
N ASP B 90 52.93 -3.01 -14.03
CA ASP B 90 52.02 -3.75 -14.92
C ASP B 90 50.98 -2.83 -15.55
N THR B 91 50.69 -3.05 -16.82
CA THR B 91 49.61 -2.33 -17.50
C THR B 91 48.27 -2.95 -17.14
N ALA B 92 47.23 -2.13 -17.09
CA ALA B 92 45.89 -2.61 -16.74
C ALA B 92 44.80 -1.66 -17.18
N MET B 93 43.58 -2.19 -17.29
CA MET B 93 42.37 -1.40 -17.48
C MET B 93 41.32 -1.86 -16.47
N ALA B 94 40.36 -0.99 -16.17
CA ALA B 94 39.41 -1.28 -15.10
C ALA B 94 38.03 -0.67 -15.34
N LEU B 95 37.04 -1.21 -14.64
CA LEU B 95 35.70 -0.65 -14.59
C LEU B 95 35.56 0.14 -13.28
N LEU B 96 35.11 1.38 -13.38
CA LEU B 96 35.08 2.29 -12.23
C LEU B 96 33.68 2.83 -11.97
N PRO B 97 33.36 3.10 -10.70
CA PRO B 97 32.18 3.87 -10.34
C PRO B 97 32.43 5.38 -10.43
N GLY B 98 33.69 5.77 -10.60
CA GLY B 98 34.09 7.17 -10.73
C GLY B 98 35.60 7.33 -10.60
N GLY B 99 36.06 8.57 -10.78
CA GLY B 99 37.48 8.90 -10.63
C GLY B 99 38.38 8.45 -11.77
N GLY B 100 37.79 8.17 -12.93
CA GLY B 100 38.53 7.68 -14.08
C GLY B 100 39.38 8.73 -14.75
N GLN B 101 38.87 9.96 -14.81
CA GLN B 101 39.52 11.05 -15.52
C GLN B 101 40.38 11.88 -14.57
N ALA B 102 41.31 11.19 -13.91
CA ALA B 102 42.26 11.82 -12.97
C ALA B 102 43.55 10.99 -12.96
N GLN B 103 44.68 11.67 -12.81
CA GLN B 103 46.01 11.04 -12.96
C GLN B 103 46.18 9.72 -12.19
N TYR B 104 45.56 9.64 -11.01
CA TYR B 104 45.56 8.41 -10.22
C TYR B 104 44.15 8.05 -9.79
N VAL B 105 43.87 6.74 -9.69
CA VAL B 105 42.57 6.26 -9.21
C VAL B 105 42.72 4.97 -8.40
N THR B 106 41.90 4.84 -7.36
CA THR B 106 41.89 3.64 -6.53
C THR B 106 40.91 2.62 -7.12
N VAL B 107 41.40 1.39 -7.34
CA VAL B 107 40.61 0.35 -8.00
C VAL B 107 40.76 -0.99 -7.31
N PRO B 108 39.64 -1.61 -6.88
CA PRO B 108 39.70 -2.99 -6.39
C PRO B 108 40.37 -3.92 -7.40
N GLU B 109 41.21 -4.83 -6.91
CA GLU B 109 42.01 -5.71 -7.77
C GLU B 109 41.20 -6.74 -8.55
N GLY B 110 39.97 -7.02 -8.12
CA GLY B 110 39.09 -7.91 -8.85
C GLY B 110 38.64 -7.34 -10.18
N LEU B 111 38.28 -6.07 -10.18
CA LEU B 111 37.73 -5.41 -11.37
C LEU B 111 38.81 -4.98 -12.38
N LEU B 112 40.07 -5.31 -12.08
CA LEU B 112 41.21 -4.94 -12.91
C LEU B 112 41.38 -6.00 -14.01
N MET B 113 41.56 -5.55 -15.25
CA MET B 113 41.70 -6.45 -16.39
C MET B 113 43.02 -6.19 -17.12
N PRO B 114 43.64 -7.25 -17.66
CA PRO B 114 44.87 -7.07 -18.44
C PRO B 114 44.58 -6.49 -19.82
N ILE B 115 45.56 -5.78 -20.38
CA ILE B 115 45.43 -5.20 -21.71
C ILE B 115 45.66 -6.27 -22.76
N PRO B 116 44.79 -6.33 -23.79
CA PRO B 116 45.06 -7.26 -24.90
C PRO B 116 46.37 -6.93 -25.59
N GLU B 117 47.07 -7.95 -26.09
CA GLU B 117 48.32 -7.72 -26.79
C GLU B 117 48.06 -7.04 -28.14
N GLY B 118 48.90 -6.04 -28.44
CA GLY B 118 48.76 -5.25 -29.66
C GLY B 118 47.69 -4.17 -29.57
N LEU B 119 47.45 -3.66 -28.37
CA LEU B 119 46.52 -2.55 -28.16
C LEU B 119 47.18 -1.45 -27.34
N THR B 120 47.08 -0.21 -27.82
CA THR B 120 47.59 0.96 -27.11
C THR B 120 46.76 1.23 -25.85
N LEU B 121 47.36 1.84 -24.85
CA LEU B 121 46.64 2.24 -23.63
C LEU B 121 45.45 3.14 -23.94
N THR B 122 45.59 3.98 -24.97
CA THR B 122 44.49 4.82 -25.46
C THR B 122 43.33 3.96 -26.01
N GLN B 123 43.67 2.85 -26.66
CA GLN B 123 42.67 1.92 -27.18
C GLN B 123 41.98 1.14 -26.07
N ALA B 124 42.76 0.64 -25.10
CA ALA B 124 42.22 -0.17 -24.00
C ALA B 124 41.31 0.61 -23.06
N ALA B 125 41.40 1.94 -23.08
CA ALA B 125 40.50 2.80 -22.30
C ALA B 125 39.06 2.78 -22.83
N ALA B 126 38.87 2.35 -24.07
CA ALA B 126 37.54 2.29 -24.69
C ALA B 126 36.80 0.96 -24.46
N ILE B 127 37.47 -0.01 -23.83
CA ILE B 127 36.89 -1.34 -23.64
C ILE B 127 35.90 -1.47 -22.46
N PRO B 128 36.33 -1.10 -21.23
CA PRO B 128 35.56 -1.48 -20.03
C PRO B 128 34.05 -1.21 -20.06
N GLU B 129 33.63 0.04 -19.92
CA GLU B 129 32.21 0.35 -19.75
C GLU B 129 31.38 -0.10 -20.95
N ALA B 130 31.88 0.19 -22.15
CA ALA B 130 31.14 -0.10 -23.38
C ALA B 130 30.90 -1.60 -23.59
N TRP B 131 31.93 -2.41 -23.37
CA TRP B 131 31.85 -3.84 -23.65
C TRP B 131 31.33 -4.65 -22.48
N LEU B 132 31.67 -4.26 -21.25
CA LEU B 132 31.14 -4.92 -20.06
C LEU B 132 29.63 -4.75 -19.96
N THR B 133 29.15 -3.55 -20.27
CA THR B 133 27.71 -3.29 -20.32
C THR B 133 27.07 -4.09 -21.44
N ALA B 134 27.68 -4.05 -22.63
CA ALA B 134 27.19 -4.80 -23.78
C ALA B 134 27.07 -6.29 -23.46
N PHE B 135 28.11 -6.83 -22.82
CA PHE B 135 28.17 -8.25 -22.46
C PHE B 135 27.16 -8.60 -21.37
N GLN B 136 27.04 -7.73 -20.38
CA GLN B 136 26.02 -7.85 -19.36
C GLN B 136 24.65 -7.90 -20.02
N LEU B 137 24.31 -6.84 -20.74
CA LEU B 137 23.00 -6.72 -21.39
C LEU B 137 22.65 -7.94 -22.24
N LEU B 138 23.58 -8.35 -23.09
CA LEU B 138 23.32 -9.41 -24.06
C LEU B 138 23.20 -10.79 -23.41
N HIS B 139 24.19 -11.15 -22.60
CA HIS B 139 24.31 -12.53 -22.11
C HIS B 139 23.66 -12.76 -20.76
N LEU B 140 23.97 -11.91 -19.78
CA LEU B 140 23.44 -12.09 -18.43
C LEU B 140 21.96 -11.71 -18.34
N VAL B 141 21.62 -10.53 -18.86
CA VAL B 141 20.24 -10.05 -18.80
C VAL B 141 19.39 -10.72 -19.88
N GLY B 142 19.90 -10.72 -21.10
CA GLY B 142 19.12 -11.15 -22.27
C GLY B 142 19.18 -12.62 -22.63
N ASN B 143 20.26 -13.31 -22.26
CA ASN B 143 20.48 -14.70 -22.66
C ASN B 143 20.34 -14.87 -24.18
N VAL B 144 21.19 -14.14 -24.93
CA VAL B 144 21.19 -14.23 -26.38
C VAL B 144 21.53 -15.64 -26.82
N GLN B 145 20.75 -16.17 -27.75
CA GLN B 145 20.97 -17.50 -28.32
C GLN B 145 21.40 -17.39 -29.77
N ALA B 146 22.03 -18.44 -30.29
CA ALA B 146 22.39 -18.50 -31.70
C ALA B 146 21.12 -18.62 -32.52
N GLY B 147 20.82 -17.57 -33.29
CA GLY B 147 19.58 -17.51 -34.08
C GLY B 147 18.73 -16.29 -33.77
N ASP B 148 18.81 -15.82 -32.53
CA ASP B 148 18.06 -14.64 -32.11
C ASP B 148 18.34 -13.45 -33.01
N TYR B 149 17.28 -12.77 -33.42
CA TYR B 149 17.40 -11.44 -34.00
C TYR B 149 17.58 -10.47 -32.84
N VAL B 150 18.45 -9.46 -33.04
CA VAL B 150 18.72 -8.47 -31.99
C VAL B 150 18.55 -7.06 -32.55
N LEU B 151 17.78 -6.25 -31.85
CA LEU B 151 17.61 -4.84 -32.21
C LEU B 151 18.42 -3.97 -31.25
N ILE B 152 19.46 -3.32 -31.78
CA ILE B 152 20.33 -2.46 -30.98
C ILE B 152 20.04 -0.99 -31.31
N HIS B 153 19.46 -0.27 -30.35
CA HIS B 153 19.17 1.13 -30.54
C HIS B 153 20.38 2.00 -30.15
N ALA B 154 20.60 3.07 -30.91
CA ALA B 154 21.81 3.90 -30.78
C ALA B 154 23.04 3.02 -30.99
N GLY B 155 23.02 2.23 -32.06
CA GLY B 155 24.04 1.23 -32.31
C GLY B 155 25.44 1.75 -32.55
N LEU B 156 25.54 3.01 -32.98
CA LEU B 156 26.85 3.62 -33.21
C LEU B 156 27.16 4.56 -32.06
N SER B 157 27.33 3.93 -30.90
CA SER B 157 27.64 4.58 -29.65
C SER B 157 28.67 3.72 -28.95
N GLY B 158 29.03 4.09 -27.72
CA GLY B 158 29.96 3.29 -26.92
C GLY B 158 29.53 1.83 -26.80
N VAL B 159 28.34 1.62 -26.24
CA VAL B 159 27.83 0.27 -26.00
C VAL B 159 27.37 -0.40 -27.29
N GLY B 160 26.68 0.36 -28.14
CA GLY B 160 26.13 -0.16 -29.40
C GLY B 160 27.16 -0.77 -30.33
N THR B 161 28.27 -0.05 -30.55
CA THR B 161 29.35 -0.53 -31.43
C THR B 161 29.98 -1.82 -30.90
N ALA B 162 30.01 -1.97 -29.58
CA ALA B 162 30.46 -3.21 -28.95
C ALA B 162 29.40 -4.29 -29.12
N ALA B 163 28.14 -3.91 -28.93
CA ALA B 163 27.01 -4.86 -28.99
C ALA B 163 26.85 -5.53 -30.35
N ILE B 164 27.08 -4.79 -31.43
CA ILE B 164 27.01 -5.33 -32.79
C ILE B 164 27.97 -6.50 -32.98
N GLN B 165 29.17 -6.37 -32.42
CA GLN B 165 30.24 -7.37 -32.57
C GLN B 165 30.01 -8.58 -31.68
N LEU B 166 29.62 -8.36 -30.42
CA LEU B 166 29.31 -9.44 -29.49
C LEU B 166 28.09 -10.26 -29.94
N THR B 167 27.10 -9.57 -30.49
CA THR B 167 25.92 -10.22 -31.08
C THR B 167 26.29 -11.07 -32.29
N ARG B 168 27.25 -10.59 -33.08
CA ARG B 168 27.76 -11.35 -34.21
C ARG B 168 28.62 -12.53 -33.73
N MET B 169 29.38 -12.31 -32.65
CA MET B 169 30.20 -13.38 -32.04
C MET B 169 29.36 -14.40 -31.28
N ALA B 170 28.21 -13.96 -30.76
CA ALA B 170 27.25 -14.86 -30.12
C ALA B 170 26.49 -15.71 -31.14
N GLY B 171 26.60 -15.37 -32.42
CA GLY B 171 25.90 -16.08 -33.48
C GLY B 171 24.48 -15.61 -33.65
N ALA B 172 24.19 -14.38 -33.20
CA ALA B 172 22.89 -13.78 -33.38
C ALA B 172 22.93 -12.85 -34.59
N ILE B 173 21.77 -12.32 -34.96
CA ILE B 173 21.64 -11.41 -36.11
C ILE B 173 21.32 -10.00 -35.62
N PRO B 174 22.31 -9.09 -35.63
CA PRO B 174 22.10 -7.74 -35.12
C PRO B 174 21.39 -6.82 -36.12
N LEU B 175 20.47 -6.01 -35.62
CA LEU B 175 19.78 -4.99 -36.40
C LEU B 175 19.95 -3.64 -35.69
N VAL B 176 20.33 -2.62 -36.44
CA VAL B 176 20.75 -1.34 -35.86
C VAL B 176 19.78 -0.20 -36.19
N THR B 177 19.70 0.77 -35.28
CA THR B 177 19.01 2.05 -35.53
C THR B 177 19.95 3.21 -35.17
N ALA B 178 20.06 4.18 -36.08
CA ALA B 178 20.90 5.36 -35.88
C ALA B 178 20.33 6.58 -36.61
N GLY B 179 20.90 7.75 -36.37
CA GLY B 179 20.38 9.00 -36.93
C GLY B 179 21.25 9.65 -37.99
N SER B 180 21.85 8.83 -38.85
CA SER B 180 22.73 9.32 -39.91
C SER B 180 23.15 8.19 -40.85
N GLN B 181 23.20 8.50 -42.15
CA GLN B 181 23.67 7.52 -43.14
C GLN B 181 25.14 7.20 -42.96
N LYS B 182 25.93 8.23 -42.61
CA LYS B 182 27.35 8.07 -42.35
C LYS B 182 27.62 7.07 -41.22
N LYS B 183 26.74 7.05 -40.22
CA LYS B 183 26.88 6.15 -39.07
C LYS B 183 26.45 4.72 -39.43
N LEU B 184 25.30 4.58 -40.08
CA LEU B 184 24.79 3.26 -40.49
C LEU B 184 25.79 2.48 -41.35
N GLN B 185 26.53 3.20 -42.20
CA GLN B 185 27.55 2.59 -43.04
C GLN B 185 28.69 2.00 -42.21
N MET B 186 29.11 2.71 -41.17
CA MET B 186 30.09 2.19 -40.22
C MET B 186 29.49 1.01 -39.46
N ALA B 187 28.20 1.10 -39.13
CA ALA B 187 27.49 0.01 -38.46
C ALA B 187 27.52 -1.27 -39.29
N GLU B 188 27.35 -1.13 -40.60
CA GLU B 188 27.43 -2.26 -41.54
C GLU B 188 28.81 -2.93 -41.49
N LYS B 189 29.86 -2.12 -41.47
CA LYS B 189 31.24 -2.63 -41.44
C LYS B 189 31.59 -3.36 -40.14
N LEU B 190 30.80 -3.13 -39.10
CA LEU B 190 30.95 -3.86 -37.83
C LEU B 190 30.18 -5.20 -37.83
N GLY B 191 29.61 -5.58 -38.97
CA GLY B 191 28.91 -6.84 -39.11
C GLY B 191 27.42 -6.77 -38.82
N ALA B 192 26.83 -5.59 -39.03
CA ALA B 192 25.39 -5.39 -38.82
C ALA B 192 24.61 -6.00 -39.99
N ALA B 193 23.60 -6.79 -39.66
CA ALA B 193 22.75 -7.43 -40.68
C ALA B 193 21.94 -6.38 -41.47
N ALA B 194 21.36 -5.43 -40.76
CA ALA B 194 20.67 -4.30 -41.38
C ALA B 194 20.74 -3.07 -40.48
N GLY B 195 20.64 -1.90 -41.11
CA GLY B 195 20.66 -0.62 -40.39
C GLY B 195 19.54 0.27 -40.87
N PHE B 196 18.83 0.90 -39.93
CA PHE B 196 17.69 1.77 -40.26
C PHE B 196 17.92 3.18 -39.74
N ASN B 197 17.62 4.16 -40.57
CA ASN B 197 17.69 5.57 -40.19
C ASN B 197 16.35 6.01 -39.62
N TYR B 198 16.25 6.11 -38.30
CA TYR B 198 14.97 6.39 -37.62
C TYR B 198 14.38 7.76 -37.98
N LYS B 199 15.24 8.72 -38.34
CA LYS B 199 14.78 10.04 -38.75
C LYS B 199 14.16 10.01 -40.15
N LYS B 200 14.52 9.00 -40.94
CA LYS B 200 14.00 8.83 -42.31
C LYS B 200 12.80 7.89 -42.38
N GLU B 201 12.81 6.85 -41.55
CA GLU B 201 11.82 5.77 -41.65
C GLU B 201 11.38 5.22 -40.29
N ASP B 202 10.33 4.40 -40.31
CA ASP B 202 9.83 3.71 -39.13
C ASP B 202 10.59 2.37 -39.00
N PHE B 203 11.38 2.25 -37.93
CA PHE B 203 12.21 1.04 -37.72
C PHE B 203 11.40 -0.20 -37.32
N SER B 204 10.18 0.02 -36.81
CA SER B 204 9.28 -1.06 -36.44
C SER B 204 8.89 -1.86 -37.69
N GLU B 205 8.44 -1.17 -38.71
CA GLU B 205 8.07 -1.82 -39.98
C GLU B 205 9.28 -2.44 -40.67
N ALA B 206 10.39 -1.71 -40.71
CA ALA B 206 11.63 -2.21 -41.30
C ALA B 206 12.06 -3.53 -40.66
N THR B 207 11.95 -3.61 -39.33
CA THR B 207 12.33 -4.80 -38.58
C THR B 207 11.38 -5.97 -38.86
N LEU B 208 10.07 -5.68 -38.84
CA LEU B 208 9.05 -6.68 -39.17
C LEU B 208 9.24 -7.23 -40.59
N LYS B 209 9.65 -6.37 -41.51
CA LYS B 209 9.95 -6.79 -42.88
C LYS B 209 11.21 -7.67 -42.91
N PHE B 210 12.26 -7.25 -42.21
CA PHE B 210 13.53 -7.99 -42.21
C PHE B 210 13.39 -9.38 -41.57
N THR B 211 12.57 -9.47 -40.52
CA THR B 211 12.33 -10.75 -39.82
C THR B 211 11.13 -11.53 -40.40
N LYS B 212 10.67 -11.15 -41.59
CA LYS B 212 9.56 -11.83 -42.26
C LYS B 212 8.28 -11.84 -41.42
N GLY B 213 8.05 -10.76 -40.69
CA GLY B 213 6.84 -10.60 -39.87
C GLY B 213 6.89 -11.22 -38.48
N ALA B 214 7.99 -11.92 -38.17
CA ALA B 214 8.12 -12.60 -36.88
C ALA B 214 8.41 -11.61 -35.76
N GLY B 215 9.31 -10.67 -36.01
CA GLY B 215 9.75 -9.70 -35.01
C GLY B 215 11.10 -10.08 -34.42
N VAL B 216 11.64 -9.21 -33.55
CA VAL B 216 12.93 -9.47 -32.89
C VAL B 216 12.76 -10.20 -31.57
N ASN B 217 13.76 -11.02 -31.23
CA ASN B 217 13.76 -11.79 -29.99
C ASN B 217 14.39 -11.04 -28.82
N LEU B 218 15.27 -10.09 -29.12
CA LEU B 218 15.94 -9.29 -28.10
C LEU B 218 16.08 -7.83 -28.54
N ILE B 219 15.67 -6.91 -27.67
CA ILE B 219 15.83 -5.48 -27.93
C ILE B 219 16.75 -4.86 -26.86
N LEU B 220 17.82 -4.21 -27.32
CA LEU B 220 18.72 -3.48 -26.42
C LEU B 220 18.33 -2.00 -26.46
N ASP B 221 17.29 -1.66 -25.72
CA ASP B 221 16.72 -0.31 -25.75
C ASP B 221 17.43 0.62 -24.79
N CYS B 222 17.92 1.73 -25.33
CA CYS B 222 18.48 2.82 -24.53
C CYS B 222 17.89 4.19 -24.91
N ILE B 223 16.72 4.18 -25.54
CA ILE B 223 16.01 5.40 -25.91
C ILE B 223 14.81 5.58 -24.97
N GLY B 224 13.97 4.54 -24.90
CA GLY B 224 12.89 4.49 -23.92
C GLY B 224 11.54 5.00 -24.41
N GLY B 225 11.13 6.15 -23.88
CA GLY B 225 9.75 6.65 -24.03
C GLY B 225 9.29 7.07 -25.41
N SER B 226 10.22 7.52 -26.25
CA SER B 226 9.88 7.87 -27.63
C SER B 226 9.76 6.63 -28.52
N TYR B 227 10.38 5.53 -28.08
CA TYR B 227 10.48 4.31 -28.88
C TYR B 227 9.52 3.19 -28.45
N TRP B 228 8.92 3.30 -27.26
CA TRP B 228 8.17 2.19 -26.68
C TRP B 228 7.06 1.68 -27.60
N GLU B 229 6.33 2.59 -28.24
CA GLU B 229 5.26 2.21 -29.17
C GLU B 229 5.84 1.30 -30.27
N LYS B 230 6.97 1.72 -30.82
CA LYS B 230 7.62 1.03 -31.93
C LYS B 230 8.33 -0.26 -31.49
N ASN B 231 8.93 -0.24 -30.31
CA ASN B 231 9.61 -1.42 -29.77
C ASN B 231 8.65 -2.61 -29.58
N VAL B 232 7.44 -2.33 -29.08
CA VAL B 232 6.49 -3.41 -28.76
C VAL B 232 5.95 -4.07 -30.03
N ASN B 233 5.76 -3.29 -31.08
CA ASN B 233 5.23 -3.82 -32.34
C ASN B 233 6.20 -4.80 -33.00
N CYS B 234 7.47 -4.43 -33.09
CA CYS B 234 8.48 -5.27 -33.73
C CYS B 234 9.06 -6.32 -32.79
N LEU B 235 8.65 -6.31 -31.52
CA LEU B 235 9.05 -7.36 -30.58
C LEU B 235 8.30 -8.65 -30.90
N ALA B 236 9.04 -9.75 -30.98
CA ALA B 236 8.46 -11.05 -31.30
C ALA B 236 7.77 -11.66 -30.09
N LEU B 237 7.09 -12.79 -30.29
CA LEU B 237 6.48 -13.53 -29.20
C LEU B 237 7.57 -13.97 -28.22
N ASP B 238 7.25 -13.87 -26.93
CA ASP B 238 8.18 -14.24 -25.83
C ASP B 238 9.51 -13.48 -25.86
N GLY B 239 9.56 -12.37 -26.59
CA GLY B 239 10.81 -11.64 -26.77
C GLY B 239 11.22 -10.91 -25.50
N ARG B 240 12.54 -10.73 -25.34
CA ARG B 240 13.08 -9.95 -24.23
C ARG B 240 13.34 -8.55 -24.74
N TRP B 241 13.03 -7.56 -23.91
CA TRP B 241 13.14 -6.16 -24.28
C TRP B 241 13.96 -5.45 -23.20
N VAL B 242 15.28 -5.46 -23.36
CA VAL B 242 16.19 -4.96 -22.34
C VAL B 242 16.24 -3.44 -22.35
N LEU B 243 15.90 -2.83 -21.21
CA LEU B 243 15.85 -1.38 -21.09
C LEU B 243 16.99 -0.89 -20.21
N TYR B 244 17.70 0.15 -20.67
CA TYR B 244 18.82 0.71 -19.91
C TYR B 244 19.22 2.15 -20.31
N GLY B 245 18.27 2.95 -20.79
CA GLY B 245 18.62 4.25 -21.36
C GLY B 245 17.81 5.47 -20.92
N LEU B 246 16.62 5.61 -21.48
CA LEU B 246 15.77 6.77 -21.22
C LEU B 246 16.34 8.07 -21.79
N MET B 247 17.16 7.98 -22.85
CA MET B 247 17.67 9.18 -23.53
C MET B 247 16.56 9.91 -24.25
N GLY B 248 15.56 9.16 -24.71
CA GLY B 248 14.39 9.72 -25.37
C GLY B 248 13.10 9.48 -24.62
N GLY B 249 13.15 9.51 -23.29
CA GLY B 249 11.93 9.41 -22.50
C GLY B 249 12.09 9.19 -21.00
N GLY B 250 11.59 8.06 -20.52
CA GLY B 250 11.41 7.83 -19.08
C GLY B 250 9.93 7.73 -18.72
N ASP B 251 9.10 8.54 -19.41
CA ASP B 251 7.65 8.52 -19.23
C ASP B 251 6.97 7.63 -20.27
N ILE B 252 5.87 7.00 -19.87
CA ILE B 252 5.03 6.21 -20.78
C ILE B 252 3.61 6.78 -20.73
N ASN B 253 2.93 6.69 -21.87
CA ASN B 253 1.58 7.26 -22.01
C ASN B 253 0.80 6.55 -23.12
N GLY B 254 0.22 5.40 -22.77
CA GLY B 254 -0.50 4.56 -23.74
C GLY B 254 -0.68 3.16 -23.22
N PRO B 255 -1.24 2.27 -24.06
CA PRO B 255 -1.49 0.88 -23.66
C PRO B 255 -0.28 -0.05 -23.82
N LEU B 256 0.78 0.22 -23.05
CA LEU B 256 1.97 -0.62 -23.05
C LEU B 256 1.67 -2.00 -22.48
N PHE B 257 0.99 -2.01 -21.33
CA PHE B 257 0.60 -3.24 -20.65
C PHE B 257 -0.21 -4.16 -21.57
N SER B 258 -1.15 -3.59 -22.30
CA SER B 258 -2.00 -4.35 -23.22
C SER B 258 -1.18 -5.05 -24.29
N LYS B 259 -0.26 -4.31 -24.91
CA LYS B 259 0.50 -4.82 -26.04
C LYS B 259 1.62 -5.77 -25.62
N LEU B 260 2.27 -5.47 -24.49
CA LEU B 260 3.34 -6.33 -23.99
C LEU B 260 2.79 -7.67 -23.49
N LEU B 261 1.56 -7.64 -22.98
CA LEU B 261 0.89 -8.87 -22.58
C LEU B 261 0.50 -9.73 -23.79
N PHE B 262 0.19 -9.08 -24.92
CA PHE B 262 -0.17 -9.81 -26.15
C PHE B 262 1.03 -10.53 -26.77
N LYS B 263 2.20 -9.93 -26.71
CA LYS B 263 3.44 -10.53 -27.22
C LYS B 263 4.08 -11.48 -26.20
N ARG B 264 3.47 -11.61 -25.02
CA ARG B 264 4.04 -12.39 -23.91
C ARG B 264 5.45 -11.93 -23.59
N GLY B 265 5.66 -10.62 -23.66
CA GLY B 265 6.99 -10.03 -23.59
C GLY B 265 7.53 -9.89 -22.18
N SER B 266 8.80 -9.49 -22.11
CA SER B 266 9.48 -9.28 -20.84
C SER B 266 10.32 -8.00 -20.93
N LEU B 267 10.08 -7.06 -20.03
CA LEU B 267 10.79 -5.78 -19.99
C LEU B 267 11.82 -5.79 -18.85
N ILE B 268 13.02 -6.26 -19.16
CA ILE B 268 14.06 -6.41 -18.15
C ILE B 268 14.94 -5.18 -18.16
N THR B 269 14.84 -4.36 -17.12
CA THR B 269 15.74 -3.21 -16.96
C THR B 269 17.07 -3.67 -16.37
N SER B 270 18.11 -2.86 -16.56
CA SER B 270 19.45 -3.21 -16.10
C SER B 270 20.32 -1.98 -15.83
N LEU B 271 21.10 -2.04 -14.76
CA LEU B 271 22.11 -1.04 -14.44
C LEU B 271 23.43 -1.73 -14.09
N LEU B 272 24.52 -0.97 -14.12
CA LEU B 272 25.86 -1.52 -13.81
C LEU B 272 26.57 -0.74 -12.71
N ARG B 273 26.64 0.59 -12.87
CA ARG B 273 27.29 1.46 -11.88
C ARG B 273 26.75 1.25 -10.46
N SER B 274 25.45 1.03 -10.34
CA SER B 274 24.79 0.91 -9.04
C SER B 274 24.90 -0.49 -8.39
N ARG B 275 25.66 -1.38 -9.00
CA ARG B 275 25.77 -2.76 -8.49
C ARG B 275 26.74 -2.86 -7.34
N ASP B 276 26.65 -3.96 -6.58
CA ASP B 276 27.62 -4.26 -5.52
C ASP B 276 28.89 -4.86 -6.11
N ASN B 277 29.91 -5.03 -5.27
CA ASN B 277 31.21 -5.55 -5.72
C ASN B 277 31.18 -7.04 -6.08
N LYS B 278 30.39 -7.82 -5.37
CA LYS B 278 30.24 -9.26 -5.67
C LYS B 278 29.75 -9.48 -7.09
N TYR B 279 28.78 -8.66 -7.51
CA TYR B 279 28.22 -8.74 -8.85
C TYR B 279 29.22 -8.27 -9.90
N LYS B 280 29.87 -7.15 -9.62
CA LYS B 280 30.81 -6.54 -10.58
C LYS B 280 31.99 -7.46 -10.90
N GLN B 281 32.55 -8.11 -9.88
CA GLN B 281 33.64 -9.07 -10.11
C GLN B 281 33.17 -10.22 -10.98
N MET B 282 32.05 -10.82 -10.60
CA MET B 282 31.43 -11.91 -11.37
C MET B 282 31.27 -11.55 -12.86
N LEU B 283 30.92 -10.29 -13.14
CA LEU B 283 30.79 -9.83 -14.52
C LEU B 283 32.17 -9.72 -15.18
N VAL B 284 33.09 -9.03 -14.50
CA VAL B 284 34.46 -8.85 -15.01
C VAL B 284 35.16 -10.20 -15.17
N ASN B 285 34.83 -11.15 -14.30
CA ASN B 285 35.40 -12.49 -14.33
C ASN B 285 34.85 -13.28 -15.52
N ALA B 286 33.54 -13.18 -15.74
CA ALA B 286 32.89 -13.82 -16.88
C ALA B 286 33.41 -13.22 -18.18
N PHE B 287 33.57 -11.90 -18.18
CA PHE B 287 34.04 -11.16 -19.35
C PHE B 287 35.48 -11.51 -19.72
N THR B 288 36.35 -11.67 -18.72
CA THR B 288 37.77 -12.00 -18.96
C THR B 288 38.00 -13.45 -19.44
N GLU B 289 36.98 -14.30 -19.30
CA GLU B 289 37.05 -15.67 -19.85
C GLU B 289 36.39 -15.75 -21.22
N GLN B 290 35.17 -15.24 -21.32
CA GLN B 290 34.39 -15.35 -22.55
C GLN B 290 34.81 -14.36 -23.65
N ILE B 291 35.15 -13.12 -23.27
CA ILE B 291 35.24 -12.01 -24.23
C ILE B 291 36.64 -11.38 -24.42
N LEU B 292 37.43 -11.29 -23.35
CA LEU B 292 38.71 -10.57 -23.42
C LEU B 292 39.76 -11.20 -24.34
N PRO B 293 39.88 -12.54 -24.35
CA PRO B 293 40.90 -13.17 -25.22
C PRO B 293 40.73 -12.83 -26.70
N HIS B 294 39.49 -12.59 -27.13
CA HIS B 294 39.18 -12.31 -28.53
C HIS B 294 39.53 -10.89 -29.01
N PHE B 295 40.04 -10.05 -28.10
CA PHE B 295 40.56 -8.72 -28.50
C PHE B 295 41.95 -8.80 -29.13
N SER B 296 42.58 -9.97 -29.05
CA SER B 296 43.90 -10.18 -29.64
C SER B 296 44.04 -11.57 -30.28
N THR B 297 42.95 -12.06 -30.90
CA THR B 297 42.99 -13.32 -31.63
C THR B 297 43.85 -13.15 -32.89
N GLU B 298 43.27 -12.61 -33.97
CA GLU B 298 44.07 -12.26 -35.15
C GLU B 298 43.41 -11.24 -36.09
N GLY B 299 42.29 -11.61 -36.70
CA GLY B 299 41.67 -10.74 -37.70
C GLY B 299 40.23 -11.09 -38.05
N PRO B 300 40.02 -12.26 -38.67
CA PRO B 300 38.68 -12.70 -39.10
C PRO B 300 37.57 -12.51 -38.05
N GLN B 301 37.85 -12.89 -36.80
CA GLN B 301 36.86 -12.79 -35.72
C GLN B 301 37.30 -11.88 -34.57
N ARG B 302 38.30 -11.03 -34.81
CA ARG B 302 38.89 -10.23 -33.73
C ARG B 302 38.04 -9.01 -33.38
N LEU B 303 37.78 -8.82 -32.09
CA LEU B 303 36.97 -7.71 -31.62
C LEU B 303 37.76 -6.42 -31.66
N LEU B 304 37.20 -5.40 -32.30
CA LEU B 304 37.85 -4.12 -32.50
C LEU B 304 37.19 -3.04 -31.65
N PRO B 305 37.97 -2.40 -30.76
CA PRO B 305 37.42 -1.28 -30.01
C PRO B 305 37.28 -0.04 -30.90
N VAL B 306 36.07 0.49 -30.98
CA VAL B 306 35.78 1.60 -31.89
C VAL B 306 36.12 2.94 -31.25
N LEU B 307 37.18 3.58 -31.76
CA LEU B 307 37.58 4.89 -31.31
C LEU B 307 37.21 5.94 -32.37
N ASP B 308 36.48 6.96 -31.95
CA ASP B 308 36.12 8.07 -32.83
C ASP B 308 37.22 9.12 -32.79
N ARG B 309 37.40 9.75 -31.63
CA ARG B 309 38.36 10.84 -31.45
C ARG B 309 39.10 10.73 -30.13
N ILE B 310 40.32 11.26 -30.10
CA ILE B 310 41.12 11.34 -28.89
C ILE B 310 41.35 12.81 -28.53
N TYR B 311 40.97 13.19 -27.31
CA TYR B 311 41.22 14.53 -26.79
C TYR B 311 42.19 14.43 -25.61
N PRO B 312 42.89 15.54 -25.31
CA PRO B 312 43.58 15.64 -24.03
C PRO B 312 42.61 16.08 -22.93
N VAL B 313 43.00 15.90 -21.67
CA VAL B 313 42.13 16.25 -20.54
C VAL B 313 41.86 17.76 -20.45
N THR B 314 42.82 18.57 -20.92
CA THR B 314 42.65 20.03 -20.93
C THR B 314 41.56 20.52 -21.89
N GLU B 315 41.14 19.68 -22.83
CA GLU B 315 40.01 19.98 -23.72
C GLU B 315 38.77 19.12 -23.41
N ILE B 316 38.59 18.78 -22.14
CA ILE B 316 37.40 18.07 -21.66
C ILE B 316 36.12 18.83 -22.00
N GLN B 317 36.21 20.15 -21.97
CA GLN B 317 35.11 21.04 -22.31
C GLN B 317 34.62 20.80 -23.74
N GLU B 318 35.56 20.79 -24.68
CA GLU B 318 35.24 20.62 -26.11
C GLU B 318 34.78 19.19 -26.44
N ALA B 319 35.17 18.24 -25.60
CA ALA B 319 34.78 16.84 -25.77
C ALA B 319 33.32 16.62 -25.40
N HIS B 320 32.85 17.24 -24.33
CA HIS B 320 31.46 17.10 -23.90
C HIS B 320 30.49 17.70 -24.92
N LYS B 321 30.87 18.81 -25.53
CA LYS B 321 30.07 19.42 -26.61
C LYS B 321 29.93 18.48 -27.80
N TYR B 322 30.99 17.74 -28.10
CA TYR B 322 31.02 16.80 -29.23
C TYR B 322 30.07 15.62 -29.00
N MET B 323 30.05 15.11 -27.78
CA MET B 323 29.16 13.99 -27.42
C MET B 323 27.70 14.45 -27.39
N GLU B 324 27.46 15.62 -26.81
CA GLU B 324 26.08 16.14 -26.69
C GLU B 324 25.43 16.41 -28.03
N ALA B 325 26.22 16.79 -29.03
CA ALA B 325 25.72 17.01 -30.40
C ALA B 325 25.57 15.69 -31.18
N ASN B 326 25.83 14.56 -30.51
CA ASN B 326 25.66 13.22 -31.09
C ASN B 326 26.56 12.91 -32.29
N LYS B 327 27.69 13.62 -32.37
CA LYS B 327 28.59 13.53 -33.53
C LYS B 327 29.52 12.32 -33.46
N ASN B 328 29.75 11.78 -32.27
CA ASN B 328 30.68 10.67 -32.09
C ASN B 328 30.16 9.34 -32.66
N ILE B 329 31.07 8.57 -33.23
CA ILE B 329 30.75 7.29 -33.87
C ILE B 329 31.63 6.21 -33.24
N GLY B 330 31.24 5.80 -32.03
CA GLY B 330 32.06 4.93 -31.20
C GLY B 330 32.51 5.71 -29.98
N LYS B 331 33.56 5.21 -29.33
CA LYS B 331 34.06 5.81 -28.08
C LYS B 331 34.83 7.10 -28.35
N ILE B 332 34.90 7.95 -27.33
CA ILE B 332 35.64 9.20 -27.40
C ILE B 332 36.57 9.31 -26.18
N VAL B 333 37.85 9.01 -26.40
CA VAL B 333 38.83 8.82 -25.33
C VAL B 333 39.57 10.10 -24.96
N LEU B 334 39.77 10.30 -23.66
CA LEU B 334 40.57 11.39 -23.14
C LEU B 334 41.94 10.88 -22.70
N GLU B 335 43.00 11.65 -22.95
CA GLU B 335 44.34 11.33 -22.48
C GLU B 335 44.72 12.24 -21.32
N LEU B 336 45.18 11.65 -20.21
CA LEU B 336 45.65 12.40 -19.06
C LEU B 336 47.16 12.56 -19.15
N PRO B 337 47.68 13.76 -18.86
CA PRO B 337 49.13 13.92 -18.87
C PRO B 337 49.74 13.09 -17.76
N GLN B 338 50.82 12.39 -18.07
CA GLN B 338 51.49 11.52 -17.11
C GLN B 338 52.69 12.21 -16.49
N ILE C 5 15.48 5.66 53.95
CA ILE C 5 14.14 6.06 53.42
C ILE C 5 13.52 4.91 52.61
N PRO C 6 12.23 4.60 52.84
CA PRO C 6 11.62 3.42 52.20
C PRO C 6 11.43 3.54 50.69
N MET C 7 11.44 2.39 50.02
CA MET C 7 11.31 2.29 48.56
C MET C 7 10.80 0.90 48.20
N LEU C 8 9.81 0.82 47.31
CA LEU C 8 9.24 -0.48 46.91
C LEU C 8 10.15 -1.17 45.89
N ALA C 9 10.34 -2.47 46.06
CA ALA C 9 11.25 -3.25 45.22
C ALA C 9 10.94 -4.74 45.22
N VAL C 10 11.21 -5.38 44.08
CA VAL C 10 11.10 -6.83 43.97
C VAL C 10 12.12 -7.47 44.90
N HIS C 11 11.75 -8.58 45.52
CA HIS C 11 12.63 -9.23 46.48
C HIS C 11 12.27 -10.70 46.72
N PHE C 12 13.26 -11.47 47.12
CA PHE C 12 13.05 -12.84 47.61
C PHE C 12 14.05 -13.09 48.75
N ASP C 13 13.57 -13.74 49.79
CA ASP C 13 14.40 -13.97 50.98
C ASP C 13 15.39 -15.10 50.72
N LYS C 14 14.86 -16.27 50.36
CA LYS C 14 15.70 -17.44 50.08
C LYS C 14 15.56 -17.82 48.62
N PRO C 15 16.64 -18.35 48.02
CA PRO C 15 16.62 -18.69 46.61
C PRO C 15 15.79 -19.93 46.33
N GLY C 16 15.06 -19.92 45.21
CA GLY C 16 14.22 -21.05 44.84
C GLY C 16 13.34 -20.74 43.64
N GLY C 17 12.11 -21.26 43.66
CA GLY C 17 11.16 -21.08 42.57
C GLY C 17 10.51 -19.71 42.59
N PRO C 18 9.58 -19.46 41.64
CA PRO C 18 8.91 -18.16 41.52
C PRO C 18 8.00 -17.79 42.69
N GLU C 19 7.55 -18.79 43.44
CA GLU C 19 6.71 -18.55 44.62
C GLU C 19 7.39 -17.74 45.72
N ASN C 20 8.73 -17.79 45.76
CA ASN C 20 9.50 -17.04 46.74
C ASN C 20 9.47 -15.52 46.53
N LEU C 21 9.22 -15.09 45.29
CA LEU C 21 9.23 -13.67 44.95
C LEU C 21 8.09 -12.90 45.62
N TYR C 22 8.40 -11.69 46.08
CA TYR C 22 7.39 -10.76 46.58
C TYR C 22 7.89 -9.31 46.51
N VAL C 23 7.00 -8.37 46.81
CA VAL C 23 7.33 -6.96 46.81
C VAL C 23 7.55 -6.48 48.25
N LYS C 24 8.69 -5.86 48.48
CA LYS C 24 9.10 -5.44 49.82
C LYS C 24 9.52 -3.98 49.80
N GLU C 25 9.56 -3.35 50.97
CA GLU C 25 10.19 -2.04 51.12
C GLU C 25 11.67 -2.23 51.42
N VAL C 26 12.52 -1.60 50.62
CA VAL C 26 13.96 -1.64 50.83
C VAL C 26 14.49 -0.22 50.98
N ALA C 27 15.78 -0.10 51.31
CA ALA C 27 16.42 1.20 51.44
C ALA C 27 16.59 1.86 50.08
N LYS C 28 16.06 3.07 49.95
CA LYS C 28 16.23 3.86 48.74
C LYS C 28 17.69 4.26 48.61
N PRO C 29 18.32 3.94 47.46
CA PRO C 29 19.74 4.22 47.28
C PRO C 29 19.99 5.68 46.94
N SER C 30 21.27 6.04 46.79
CA SER C 30 21.67 7.38 46.42
C SER C 30 22.78 7.33 45.36
N PRO C 31 22.95 8.40 44.57
CA PRO C 31 24.04 8.48 43.59
C PRO C 31 25.45 8.49 44.21
N GLY C 32 26.46 8.80 43.41
CA GLY C 32 27.84 8.76 43.87
C GLY C 32 28.86 8.88 42.75
N GLU C 33 29.24 10.10 42.43
CA GLU C 33 30.25 10.40 41.42
C GLU C 33 29.86 9.90 40.01
N GLY C 34 29.40 10.82 39.18
CA GLY C 34 29.13 10.52 37.77
C GLY C 34 27.94 9.63 37.52
N GLU C 35 27.02 9.57 38.48
CA GLU C 35 25.80 8.78 38.31
C GLU C 35 24.59 9.56 38.80
N VAL C 36 23.40 9.10 38.38
CA VAL C 36 22.13 9.73 38.74
C VAL C 36 21.15 8.70 39.29
N LEU C 37 20.11 9.20 39.96
CA LEU C 37 19.08 8.36 40.54
C LEU C 37 17.83 8.38 39.65
N LEU C 38 17.55 7.26 38.97
CA LEU C 38 16.43 7.16 38.04
C LEU C 38 15.18 6.70 38.78
N LYS C 39 14.09 7.45 38.59
CA LYS C 39 12.78 7.08 39.15
C LYS C 39 12.12 6.12 38.17
N VAL C 40 12.14 4.83 38.52
CA VAL C 40 11.78 3.77 37.58
C VAL C 40 10.29 3.72 37.26
N ALA C 41 9.95 4.09 36.02
CA ALA C 41 8.59 3.95 35.51
C ALA C 41 8.30 2.50 35.17
N ALA C 42 9.28 1.83 34.57
CA ALA C 42 9.13 0.45 34.12
C ALA C 42 10.47 -0.28 34.02
N SER C 43 10.42 -1.60 34.21
CA SER C 43 11.58 -2.47 34.02
C SER C 43 11.14 -3.73 33.28
N ALA C 44 12.10 -4.52 32.82
CA ALA C 44 11.80 -5.70 32.00
C ALA C 44 12.33 -6.98 32.63
N LEU C 45 11.65 -8.09 32.35
CA LEU C 45 12.16 -9.41 32.76
C LEU C 45 13.12 -9.94 31.70
N ASN C 46 14.20 -10.55 32.19
CA ASN C 46 15.12 -11.28 31.34
C ASN C 46 15.34 -12.66 31.94
N ARG C 47 16.01 -13.54 31.19
CA ARG C 47 16.24 -14.91 31.64
C ARG C 47 17.17 -14.94 32.85
N ALA C 48 18.04 -13.94 32.94
CA ALA C 48 18.93 -13.79 34.09
C ALA C 48 18.15 -13.68 35.40
N ASP C 49 17.00 -13.00 35.37
CA ASP C 49 16.14 -12.86 36.54
C ASP C 49 15.76 -14.23 37.13
N LEU C 50 15.53 -15.22 36.26
CA LEU C 50 15.14 -16.55 36.70
C LEU C 50 16.29 -17.29 37.36
N MET C 51 17.45 -17.26 36.72
CA MET C 51 18.63 -17.97 37.24
C MET C 51 19.17 -17.32 38.51
N GLN C 52 19.01 -16.01 38.63
CA GLN C 52 19.50 -15.27 39.79
C GLN C 52 18.72 -15.63 41.06
N ARG C 53 17.40 -15.73 40.95
CA ARG C 53 16.58 -16.07 42.12
C ARG C 53 16.65 -17.55 42.48
N GLN C 54 17.06 -18.40 41.55
CA GLN C 54 17.36 -19.80 41.86
C GLN C 54 18.72 -19.91 42.56
N GLY C 55 19.64 -19.00 42.20
CA GLY C 55 20.97 -18.95 42.80
C GLY C 55 22.10 -19.00 41.80
N GLN C 56 21.84 -19.55 40.61
CA GLN C 56 22.90 -19.81 39.62
C GLN C 56 23.62 -18.56 39.09
N TYR C 57 22.93 -17.43 39.02
CA TYR C 57 23.47 -16.20 38.46
C TYR C 57 23.56 -15.12 39.54
N ASP C 58 24.74 -14.95 40.13
CA ASP C 58 24.96 -13.88 41.11
C ASP C 58 25.36 -12.59 40.38
N PRO C 59 25.05 -11.43 40.99
CA PRO C 59 25.41 -10.16 40.39
C PRO C 59 26.90 -9.82 40.59
N PRO C 60 27.49 -9.01 39.68
CA PRO C 60 28.91 -8.71 39.79
C PRO C 60 29.22 -7.97 41.09
N PRO C 61 30.36 -8.30 41.73
CA PRO C 61 30.73 -7.70 43.01
C PRO C 61 30.45 -6.20 43.05
N GLY C 62 29.75 -5.74 44.08
CA GLY C 62 29.45 -4.32 44.26
C GLY C 62 28.07 -3.93 43.79
N ALA C 63 27.63 -4.50 42.66
CA ALA C 63 26.30 -4.24 42.13
C ALA C 63 25.20 -4.69 43.09
N SER C 64 24.03 -4.11 42.96
CA SER C 64 22.91 -4.39 43.88
C SER C 64 22.33 -5.78 43.63
N ASN C 65 22.24 -6.57 44.70
CA ASN C 65 21.64 -7.91 44.62
C ASN C 65 20.13 -7.79 44.70
N ILE C 66 19.56 -7.28 43.60
CA ILE C 66 18.15 -7.03 43.49
C ILE C 66 17.85 -7.04 42.00
N LEU C 67 16.84 -7.81 41.62
CA LEU C 67 16.62 -8.15 40.21
C LEU C 67 16.33 -6.90 39.38
N GLY C 68 16.62 -6.99 38.08
CA GLY C 68 16.33 -5.90 37.14
C GLY C 68 17.58 -5.41 36.41
N LEU C 69 17.77 -5.87 35.17
CA LEU C 69 18.96 -5.53 34.40
C LEU C 69 18.77 -4.31 33.52
N GLU C 70 17.55 -3.80 33.43
CA GLU C 70 17.25 -2.62 32.63
C GLU C 70 16.07 -1.86 33.21
N ALA C 71 15.98 -0.58 32.89
CA ALA C 71 14.89 0.24 33.40
C ALA C 71 14.75 1.52 32.58
N SER C 72 13.55 2.10 32.66
CA SER C 72 13.26 3.37 32.03
C SER C 72 12.48 4.22 33.02
N GLY C 73 12.65 5.53 32.96
CA GLY C 73 11.97 6.41 33.89
C GLY C 73 12.38 7.85 33.74
N HIS C 74 12.30 8.60 34.85
CA HIS C 74 12.69 9.99 34.87
C HIS C 74 13.95 10.12 35.72
N VAL C 75 14.78 11.11 35.38
CA VAL C 75 15.96 11.43 36.21
C VAL C 75 15.50 12.15 37.48
N ALA C 76 15.39 11.39 38.57
CA ALA C 76 14.91 11.92 39.84
C ALA C 76 15.95 12.81 40.50
N GLU C 77 17.20 12.35 40.54
CA GLU C 77 18.25 13.05 41.29
C GLU C 77 19.58 13.02 40.55
N LEU C 78 20.36 14.09 40.73
CA LEU C 78 21.73 14.14 40.21
C LEU C 78 22.71 13.86 41.34
N GLY C 79 23.74 13.10 41.00
CA GLY C 79 24.87 12.85 41.90
C GLY C 79 25.98 13.84 41.64
N PRO C 80 27.00 13.84 42.51
CA PRO C 80 28.15 14.70 42.28
C PRO C 80 28.90 14.32 41.01
N GLY C 81 29.55 15.29 40.38
CA GLY C 81 30.38 15.04 39.21
C GLY C 81 29.63 14.61 37.96
N CYS C 82 28.43 15.15 37.76
CA CYS C 82 27.67 14.90 36.54
C CYS C 82 28.01 15.94 35.48
N GLN C 83 27.98 15.52 34.21
CA GLN C 83 28.35 16.39 33.09
C GLN C 83 27.43 17.59 32.95
N GLY C 84 26.11 17.34 33.00
CA GLY C 84 25.11 18.41 32.96
C GLY C 84 24.19 18.39 31.76
N HIS C 85 24.41 17.44 30.85
CA HIS C 85 23.52 17.25 29.71
C HIS C 85 22.18 16.71 30.19
N TRP C 86 22.23 15.66 30.99
CA TRP C 86 21.03 15.16 31.65
C TRP C 86 20.60 16.12 32.74
N LYS C 87 19.29 16.34 32.84
CA LYS C 87 18.72 17.23 33.86
C LYS C 87 17.54 16.56 34.54
N ILE C 88 17.22 17.01 35.76
CA ILE C 88 16.16 16.41 36.54
C ILE C 88 14.81 16.73 35.89
N GLY C 89 14.04 15.69 35.59
CA GLY C 89 12.82 15.82 34.79
C GLY C 89 12.93 15.12 33.44
N ASP C 90 14.14 15.02 32.90
CA ASP C 90 14.37 14.34 31.63
C ASP C 90 14.02 12.86 31.76
N THR C 91 13.43 12.29 30.71
CA THR C 91 13.13 10.87 30.67
C THR C 91 14.30 10.13 30.04
N ALA C 92 14.56 8.91 30.50
CA ALA C 92 15.70 8.14 30.05
C ALA C 92 15.54 6.66 30.33
N MET C 93 16.36 5.85 29.65
CA MET C 93 16.42 4.41 29.86
C MET C 93 17.88 4.03 29.97
N ALA C 94 18.16 2.87 30.56
CA ALA C 94 19.54 2.51 30.82
C ALA C 94 19.75 1.02 31.00
N LEU C 95 20.97 0.59 30.69
CA LEU C 95 21.45 -0.75 30.98
C LEU C 95 21.92 -0.78 32.43
N LEU C 96 21.55 -1.84 33.14
CA LEU C 96 21.91 -2.01 34.54
C LEU C 96 22.60 -3.35 34.77
N PRO C 97 23.33 -3.48 35.89
CA PRO C 97 23.80 -4.77 36.40
C PRO C 97 22.85 -5.36 37.44
N GLY C 98 21.80 -4.62 37.78
CA GLY C 98 20.87 -4.99 38.84
C GLY C 98 20.12 -3.79 39.37
N GLY C 99 19.08 -4.03 40.16
CA GLY C 99 18.32 -2.96 40.82
C GLY C 99 17.32 -2.22 39.95
N GLY C 100 16.98 -2.79 38.79
CA GLY C 100 16.03 -2.19 37.87
C GLY C 100 14.58 -2.29 38.33
N GLN C 101 14.24 -3.40 38.97
CA GLN C 101 12.86 -3.69 39.38
C GLN C 101 12.60 -3.15 40.79
N ALA C 102 12.72 -1.84 40.94
CA ALA C 102 12.50 -1.13 42.21
C ALA C 102 12.26 0.34 41.90
N GLN C 103 11.44 1.01 42.71
CA GLN C 103 10.97 2.37 42.39
C GLN C 103 12.07 3.33 41.92
N TYR C 104 13.21 3.32 42.62
CA TYR C 104 14.36 4.14 42.24
C TYR C 104 15.59 3.27 42.02
N VAL C 105 16.53 3.77 41.23
CA VAL C 105 17.76 3.02 40.92
C VAL C 105 18.95 3.94 40.62
N THR C 106 20.13 3.53 41.06
CA THR C 106 21.36 4.28 40.82
C THR C 106 21.99 3.85 39.50
N VAL C 107 22.35 4.82 38.66
CA VAL C 107 22.78 4.57 37.28
C VAL C 107 23.87 5.54 36.81
N PRO C 108 25.05 5.01 36.40
CA PRO C 108 26.09 5.84 35.77
C PRO C 108 25.57 6.50 34.51
N GLU C 109 25.82 7.80 34.35
CA GLU C 109 25.19 8.56 33.26
C GLU C 109 25.73 8.25 31.87
N GLY C 110 26.85 7.52 31.81
CA GLY C 110 27.33 6.97 30.54
C GLY C 110 26.42 5.86 30.01
N LEU C 111 25.78 5.12 30.90
CA LEU C 111 24.88 4.03 30.52
C LEU C 111 23.45 4.52 30.28
N LEU C 112 23.26 5.84 30.32
CA LEU C 112 21.95 6.46 30.19
C LEU C 112 21.67 6.71 28.72
N MET C 113 20.43 6.44 28.30
CA MET C 113 20.02 6.66 26.93
C MET C 113 18.68 7.38 26.90
N PRO C 114 18.49 8.31 25.95
CA PRO C 114 17.21 8.98 25.82
C PRO C 114 16.18 8.08 25.18
N ILE C 115 14.92 8.43 25.34
CA ILE C 115 13.83 7.63 24.78
C ILE C 115 13.44 8.18 23.41
N PRO C 116 13.47 7.32 22.37
CA PRO C 116 13.10 7.75 21.01
C PRO C 116 11.71 8.35 20.99
N GLU C 117 11.56 9.48 20.32
CA GLU C 117 10.27 10.19 20.30
C GLU C 117 9.15 9.29 19.81
N GLY C 118 8.06 9.25 20.58
CA GLY C 118 6.87 8.48 20.23
C GLY C 118 6.67 7.22 21.06
N LEU C 119 7.73 6.74 21.69
CA LEU C 119 7.66 5.50 22.47
C LEU C 119 7.19 5.75 23.90
N THR C 120 6.51 4.77 24.47
CA THR C 120 6.11 4.81 25.87
C THR C 120 7.32 4.50 26.75
N LEU C 121 7.29 4.98 27.98
CA LEU C 121 8.30 4.58 28.98
C LEU C 121 8.29 3.06 29.14
N THR C 122 7.10 2.46 29.04
CA THR C 122 6.96 1.01 29.09
C THR C 122 7.67 0.34 27.92
N GLN C 123 7.51 0.91 26.72
CA GLN C 123 8.18 0.41 25.52
C GLN C 123 9.69 0.57 25.64
N ALA C 124 10.13 1.70 26.17
CA ALA C 124 11.54 1.96 26.38
C ALA C 124 12.19 0.90 27.27
N ALA C 125 11.45 0.42 28.26
CA ALA C 125 11.95 -0.61 29.17
C ALA C 125 12.31 -1.92 28.45
N ALA C 126 11.76 -2.12 27.26
CA ALA C 126 12.06 -3.30 26.45
C ALA C 126 13.42 -3.22 25.76
N ILE C 127 13.92 -2.02 25.55
CA ILE C 127 15.07 -1.79 24.65
C ILE C 127 16.44 -2.21 25.19
N PRO C 128 16.84 -1.70 26.36
CA PRO C 128 18.27 -1.77 26.76
C PRO C 128 18.96 -3.14 26.65
N GLU C 129 18.57 -4.12 27.46
CA GLU C 129 19.30 -5.39 27.49
C GLU C 129 19.18 -6.14 26.18
N ALA C 130 17.94 -6.38 25.76
CA ALA C 130 17.68 -7.17 24.55
C ALA C 130 18.48 -6.66 23.35
N TRP C 131 18.43 -5.36 23.11
CA TRP C 131 19.02 -4.78 21.91
C TRP C 131 20.53 -4.54 22.02
N LEU C 132 21.00 -4.09 23.18
CA LEU C 132 22.43 -3.93 23.38
C LEU C 132 23.14 -5.28 23.21
N THR C 133 22.57 -6.32 23.81
CA THR C 133 23.12 -7.67 23.68
C THR C 133 23.11 -8.11 22.22
N ALA C 134 21.98 -7.91 21.54
CA ALA C 134 21.87 -8.25 20.13
C ALA C 134 22.91 -7.50 19.32
N PHE C 135 22.97 -6.19 19.52
CA PHE C 135 23.96 -5.32 18.87
C PHE C 135 25.39 -5.81 19.16
N GLN C 136 25.69 -6.03 20.43
CA GLN C 136 26.97 -6.58 20.86
C GLN C 136 27.26 -7.87 20.09
N LEU C 137 26.34 -8.83 20.20
CA LEU C 137 26.51 -10.15 19.62
C LEU C 137 26.69 -10.13 18.10
N LEU C 138 25.87 -9.33 17.42
CA LEU C 138 25.91 -9.28 15.95
C LEU C 138 27.13 -8.53 15.45
N HIS C 139 27.27 -7.26 15.84
CA HIS C 139 28.32 -6.41 15.30
C HIS C 139 29.68 -6.60 15.96
N LEU C 140 29.80 -6.25 17.24
CA LEU C 140 31.09 -6.29 17.92
C LEU C 140 31.71 -7.68 17.99
N VAL C 141 30.90 -8.67 18.37
CA VAL C 141 31.39 -10.04 18.58
C VAL C 141 31.55 -10.82 17.29
N GLY C 142 30.50 -10.86 16.47
CA GLY C 142 30.45 -11.70 15.28
C GLY C 142 30.50 -10.99 13.94
N ASN C 143 30.92 -9.72 13.96
CA ASN C 143 31.07 -8.90 12.74
C ASN C 143 30.11 -9.28 11.61
N VAL C 144 28.85 -8.92 11.77
CA VAL C 144 27.86 -9.18 10.74
C VAL C 144 28.16 -8.34 9.51
N GLN C 145 28.16 -8.99 8.36
CA GLN C 145 28.38 -8.35 7.07
C GLN C 145 27.11 -8.48 6.24
N ALA C 146 26.84 -7.50 5.39
CA ALA C 146 25.67 -7.52 4.53
C ALA C 146 25.75 -8.71 3.58
N GLY C 147 24.75 -9.58 3.64
CA GLY C 147 24.72 -10.80 2.83
C GLY C 147 24.85 -12.07 3.64
N ASP C 148 25.41 -11.97 4.85
CA ASP C 148 25.55 -13.13 5.73
C ASP C 148 24.21 -13.83 5.94
N TYR C 149 24.24 -15.16 5.98
CA TYR C 149 23.11 -15.95 6.45
C TYR C 149 23.24 -16.04 7.96
N VAL C 150 22.26 -15.53 8.69
CA VAL C 150 22.34 -15.46 10.16
C VAL C 150 21.27 -16.34 10.81
N LEU C 151 21.70 -17.44 11.43
CA LEU C 151 20.80 -18.26 12.21
C LEU C 151 20.61 -17.61 13.57
N ILE C 152 19.40 -17.66 14.11
CA ILE C 152 19.11 -17.08 15.42
C ILE C 152 18.28 -18.07 16.24
N HIS C 153 18.91 -18.68 17.23
CA HIS C 153 18.20 -19.60 18.11
C HIS C 153 17.40 -18.81 19.16
N ALA C 154 16.21 -19.33 19.47
CA ALA C 154 15.26 -18.63 20.34
C ALA C 154 15.02 -17.24 19.78
N GLY C 155 14.67 -17.20 18.50
CA GLY C 155 14.50 -15.95 17.77
C GLY C 155 13.34 -15.10 18.23
N LEU C 156 12.44 -15.69 19.01
CA LEU C 156 11.34 -14.94 19.61
C LEU C 156 11.52 -14.84 21.11
N SER C 157 12.74 -14.49 21.50
CA SER C 157 13.06 -14.19 22.87
C SER C 157 13.27 -12.68 22.91
N GLY C 158 13.70 -12.16 24.06
CA GLY C 158 14.07 -10.76 24.16
C GLY C 158 15.13 -10.46 23.12
N VAL C 159 16.28 -11.13 23.25
CA VAL C 159 17.42 -10.93 22.37
C VAL C 159 17.09 -11.28 20.92
N GLY C 160 16.42 -12.41 20.72
CA GLY C 160 16.08 -12.89 19.38
C GLY C 160 15.25 -11.92 18.57
N THR C 161 14.19 -11.40 19.18
CA THR C 161 13.30 -10.45 18.50
C THR C 161 14.05 -9.17 18.12
N ALA C 162 14.96 -8.75 18.99
CA ALA C 162 15.80 -7.61 18.69
C ALA C 162 16.77 -7.93 17.57
N ALA C 163 17.37 -9.12 17.64
CA ALA C 163 18.40 -9.53 16.67
C ALA C 163 17.85 -9.65 15.26
N ILE C 164 16.65 -10.21 15.12
CA ILE C 164 16.01 -10.35 13.82
C ILE C 164 15.98 -9.03 13.05
N GLN C 165 15.60 -7.96 13.75
CA GLN C 165 15.46 -6.65 13.14
C GLN C 165 16.81 -6.03 12.81
N LEU C 166 17.78 -6.20 13.70
CA LEU C 166 19.12 -5.66 13.48
C LEU C 166 19.86 -6.45 12.40
N THR C 167 19.60 -7.75 12.33
CA THR C 167 20.13 -8.59 11.26
C THR C 167 19.61 -8.11 9.91
N ARG C 168 18.38 -7.64 9.88
CA ARG C 168 17.76 -7.14 8.66
C ARG C 168 18.27 -5.73 8.31
N MET C 169 18.51 -4.91 9.33
CA MET C 169 19.00 -3.54 9.12
C MET C 169 20.47 -3.52 8.67
N ALA C 170 21.18 -4.61 8.92
CA ALA C 170 22.58 -4.74 8.49
C ALA C 170 22.71 -5.32 7.08
N GLY C 171 21.59 -5.65 6.46
CA GLY C 171 21.59 -6.28 5.14
C GLY C 171 21.89 -7.76 5.23
N ALA C 172 21.64 -8.36 6.39
CA ALA C 172 21.83 -9.80 6.59
C ALA C 172 20.49 -10.53 6.55
N ILE C 173 20.58 -11.84 6.33
CA ILE C 173 19.41 -12.67 6.10
C ILE C 173 19.16 -13.55 7.33
N PRO C 174 18.19 -13.15 8.17
CA PRO C 174 17.92 -13.86 9.43
C PRO C 174 17.07 -15.12 9.27
N LEU C 175 17.55 -16.21 9.87
CA LEU C 175 16.80 -17.47 9.95
C LEU C 175 16.57 -17.77 11.44
N VAL C 176 15.38 -18.23 11.78
CA VAL C 176 15.00 -18.38 13.19
C VAL C 176 14.60 -19.81 13.55
N THR C 177 14.91 -20.20 14.78
CA THR C 177 14.40 -21.44 15.36
C THR C 177 13.56 -21.08 16.58
N ALA C 178 12.44 -21.77 16.75
CA ALA C 178 11.56 -21.59 17.91
C ALA C 178 10.54 -22.71 17.98
N GLY C 179 9.96 -22.94 19.15
CA GLY C 179 9.15 -24.15 19.38
C GLY C 179 7.65 -24.01 19.18
N SER C 180 7.23 -23.13 18.28
CA SER C 180 5.81 -22.85 18.09
C SER C 180 5.53 -22.07 16.81
N GLN C 181 4.53 -22.51 16.03
CA GLN C 181 4.13 -21.80 14.81
C GLN C 181 3.71 -20.37 15.12
N LYS C 182 2.84 -20.24 16.12
CA LYS C 182 2.41 -18.93 16.62
C LYS C 182 3.59 -17.98 16.77
N LYS C 183 4.70 -18.51 17.29
CA LYS C 183 5.92 -17.74 17.45
C LYS C 183 6.56 -17.50 16.09
N LEU C 184 6.82 -18.57 15.35
CA LEU C 184 7.40 -18.45 14.01
C LEU C 184 6.67 -17.41 13.17
N GLN C 185 5.34 -17.45 13.24
CA GLN C 185 4.50 -16.49 12.53
C GLN C 185 4.84 -15.05 12.89
N MET C 186 5.01 -14.78 14.18
CA MET C 186 5.35 -13.43 14.65
C MET C 186 6.76 -13.03 14.20
N ALA C 187 7.69 -13.97 14.26
CA ALA C 187 9.07 -13.74 13.82
C ALA C 187 9.12 -13.33 12.36
N GLU C 188 8.20 -13.89 11.58
CA GLU C 188 8.09 -13.58 10.15
C GLU C 188 7.76 -12.10 9.94
N LYS C 189 6.86 -11.57 10.78
CA LYS C 189 6.46 -10.17 10.71
C LYS C 189 7.57 -9.22 11.16
N LEU C 190 8.48 -9.72 11.99
CA LEU C 190 9.64 -8.94 12.41
C LEU C 190 10.72 -8.86 11.32
N GLY C 191 10.64 -9.73 10.31
CA GLY C 191 11.56 -9.70 9.18
C GLY C 191 12.42 -10.94 9.00
N ALA C 192 11.99 -12.05 9.60
CA ALA C 192 12.67 -13.33 9.46
C ALA C 192 12.43 -13.89 8.07
N ALA C 193 13.50 -14.14 7.33
CA ALA C 193 13.40 -14.74 6.01
C ALA C 193 12.85 -16.15 6.12
N ALA C 194 13.28 -16.88 7.15
CA ALA C 194 12.75 -18.22 7.41
C ALA C 194 12.67 -18.48 8.91
N GLY C 195 11.90 -19.50 9.27
CA GLY C 195 11.71 -19.87 10.66
C GLY C 195 11.39 -21.35 10.76
N PHE C 196 12.08 -22.05 11.65
CA PHE C 196 11.94 -23.50 11.77
C PHE C 196 11.44 -23.90 13.17
N ASN C 197 10.48 -24.81 13.21
CA ASN C 197 9.95 -25.33 14.48
C ASN C 197 10.82 -26.50 14.98
N TYR C 198 11.77 -26.20 15.87
CA TYR C 198 12.74 -27.21 16.31
C TYR C 198 12.14 -28.42 17.05
N LYS C 199 10.84 -28.38 17.35
CA LYS C 199 10.15 -29.52 17.93
C LYS C 199 9.52 -30.38 16.85
N LYS C 200 9.29 -29.80 15.67
CA LYS C 200 8.68 -30.48 14.54
C LYS C 200 9.67 -30.95 13.48
N GLU C 201 10.84 -30.32 13.42
CA GLU C 201 11.80 -30.58 12.34
C GLU C 201 13.24 -30.45 12.84
N ASP C 202 14.19 -30.90 12.01
CA ASP C 202 15.61 -30.72 12.29
C ASP C 202 16.06 -29.41 11.64
N PHE C 203 16.51 -28.48 12.46
CA PHE C 203 16.87 -27.15 11.97
C PHE C 203 18.19 -27.12 11.19
N SER C 204 19.03 -28.14 11.38
CA SER C 204 20.31 -28.21 10.67
C SER C 204 20.09 -28.38 9.17
N GLU C 205 19.28 -29.37 8.80
CA GLU C 205 19.00 -29.62 7.39
C GLU C 205 18.18 -28.50 6.78
N ALA C 206 17.24 -27.95 7.55
CA ALA C 206 16.42 -26.82 7.11
C ALA C 206 17.31 -25.63 6.74
N THR C 207 18.25 -25.31 7.61
CA THR C 207 19.25 -24.28 7.35
C THR C 207 20.04 -24.60 6.09
N LEU C 208 20.65 -25.78 6.05
CA LEU C 208 21.41 -26.24 4.90
C LEU C 208 20.60 -26.20 3.60
N LYS C 209 19.30 -26.47 3.70
CA LYS C 209 18.44 -26.38 2.54
C LYS C 209 18.31 -24.93 2.11
N PHE C 210 17.85 -24.08 3.03
CA PHE C 210 17.63 -22.66 2.74
C PHE C 210 18.86 -22.00 2.14
N THR C 211 20.04 -22.35 2.66
CA THR C 211 21.29 -21.75 2.23
C THR C 211 21.94 -22.51 1.06
N LYS C 212 21.16 -23.36 0.39
CA LYS C 212 21.62 -24.11 -0.79
C LYS C 212 22.80 -25.04 -0.47
N GLY C 213 22.89 -25.51 0.76
CA GLY C 213 23.98 -26.39 1.19
C GLY C 213 25.29 -25.68 1.47
N ALA C 214 25.25 -24.35 1.53
CA ALA C 214 26.42 -23.53 1.82
C ALA C 214 26.60 -23.35 3.32
N GLY C 215 25.49 -23.32 4.05
CA GLY C 215 25.50 -23.19 5.51
C GLY C 215 25.36 -21.74 5.95
N VAL C 216 25.10 -21.54 7.25
CA VAL C 216 25.01 -20.20 7.82
C VAL C 216 26.39 -19.62 8.09
N ASN C 217 26.47 -18.29 8.11
CA ASN C 217 27.73 -17.57 8.27
C ASN C 217 27.91 -16.99 9.67
N LEU C 218 26.81 -16.82 10.40
CA LEU C 218 26.85 -16.42 11.82
C LEU C 218 25.75 -17.13 12.61
N ILE C 219 26.12 -17.75 13.72
CA ILE C 219 25.13 -18.37 14.62
C ILE C 219 25.07 -17.62 15.94
N LEU C 220 23.85 -17.31 16.38
CA LEU C 220 23.63 -16.71 17.69
C LEU C 220 23.07 -17.80 18.61
N ASP C 221 23.96 -18.63 19.12
CA ASP C 221 23.59 -19.79 19.93
C ASP C 221 23.43 -19.39 21.39
N CYS C 222 22.20 -19.49 21.88
CA CYS C 222 21.90 -19.30 23.29
C CYS C 222 21.35 -20.59 23.93
N ILE C 223 21.43 -21.69 23.21
CA ILE C 223 20.93 -22.99 23.69
C ILE C 223 22.11 -23.80 24.21
N GLY C 224 23.13 -23.96 23.37
CA GLY C 224 24.41 -24.54 23.79
C GLY C 224 24.60 -26.02 23.50
N GLY C 225 24.63 -26.82 24.57
CA GLY C 225 24.98 -28.24 24.51
C GLY C 225 24.16 -29.09 23.56
N SER C 226 22.84 -29.15 23.78
CA SER C 226 21.97 -30.02 22.99
C SER C 226 21.96 -29.69 21.50
N TYR C 227 22.41 -28.49 21.14
CA TYR C 227 22.41 -28.01 19.77
C TYR C 227 23.78 -28.09 19.07
N TRP C 228 24.87 -28.30 19.82
CA TRP C 228 26.22 -28.18 19.24
C TRP C 228 26.42 -29.03 17.98
N GLU C 229 25.87 -30.24 17.96
CA GLU C 229 26.07 -31.17 16.83
C GLU C 229 25.37 -30.64 15.58
N LYS C 230 24.16 -30.14 15.77
CA LYS C 230 23.37 -29.59 14.68
C LYS C 230 23.97 -28.28 14.16
N ASN C 231 24.39 -27.42 15.08
CA ASN C 231 24.99 -26.13 14.72
C ASN C 231 26.20 -26.28 13.80
N VAL C 232 27.11 -27.19 14.16
CA VAL C 232 28.34 -27.37 13.39
C VAL C 232 28.04 -27.87 11.98
N ASN C 233 27.05 -28.75 11.83
CA ASN C 233 26.67 -29.25 10.50
C ASN C 233 26.36 -28.11 9.55
N CYS C 234 25.44 -27.23 9.96
CA CYS C 234 24.94 -26.17 9.10
C CYS C 234 25.79 -24.89 9.14
N LEU C 235 26.88 -24.90 9.90
CA LEU C 235 27.82 -23.79 9.90
C LEU C 235 28.62 -23.87 8.62
N ALA C 236 28.70 -22.74 7.91
CA ALA C 236 29.43 -22.67 6.64
C ALA C 236 30.92 -22.63 6.93
N LEU C 237 31.72 -22.72 5.87
CA LEU C 237 33.16 -22.55 6.02
C LEU C 237 33.44 -21.16 6.57
N ASP C 238 34.37 -21.07 7.51
CA ASP C 238 34.79 -19.79 8.11
C ASP C 238 33.67 -19.01 8.82
N GLY C 239 32.62 -19.73 9.22
CA GLY C 239 31.47 -19.10 9.86
C GLY C 239 31.73 -18.85 11.33
N ARG C 240 31.14 -17.78 11.86
CA ARG C 240 31.27 -17.47 13.28
C ARG C 240 30.11 -18.08 14.05
N TRP C 241 30.41 -18.63 15.20
CA TRP C 241 29.43 -19.33 16.02
C TRP C 241 29.44 -18.67 17.39
N VAL C 242 28.57 -17.69 17.58
CA VAL C 242 28.54 -16.92 18.81
C VAL C 242 27.73 -17.65 19.89
N LEU C 243 28.42 -18.05 20.97
CA LEU C 243 27.79 -18.73 22.09
C LEU C 243 27.56 -17.73 23.21
N TYR C 244 26.33 -17.64 23.71
CA TYR C 244 26.04 -16.69 24.79
C TYR C 244 24.90 -17.12 25.73
N GLY C 245 24.50 -18.39 25.72
CA GLY C 245 23.33 -18.83 26.47
C GLY C 245 23.50 -20.01 27.42
N LEU C 246 23.62 -21.21 26.86
CA LEU C 246 23.65 -22.45 27.65
C LEU C 246 22.31 -22.80 28.33
N MET C 247 21.19 -22.46 27.69
CA MET C 247 19.88 -22.86 28.20
C MET C 247 19.66 -24.35 28.05
N GLY C 248 20.07 -24.89 26.91
CA GLY C 248 19.92 -26.30 26.60
C GLY C 248 21.19 -27.12 26.74
N GLY C 249 22.02 -26.76 27.71
CA GLY C 249 23.24 -27.53 27.96
C GLY C 249 24.35 -26.78 28.69
N GLY C 250 25.55 -26.84 28.13
CA GLY C 250 26.78 -26.41 28.81
C GLY C 250 27.85 -27.48 28.72
N ASP C 251 27.41 -28.74 28.65
CA ASP C 251 28.30 -29.89 28.49
C ASP C 251 28.47 -30.29 27.02
N ILE C 252 29.58 -30.96 26.73
CA ILE C 252 29.87 -31.50 25.40
C ILE C 252 30.34 -32.95 25.56
N ASN C 253 30.15 -33.75 24.52
CA ASN C 253 30.40 -35.20 24.60
C ASN C 253 30.93 -35.88 23.32
N GLY C 254 31.03 -35.13 22.22
CA GLY C 254 31.42 -35.71 20.92
C GLY C 254 32.70 -35.11 20.35
N PRO C 255 32.94 -35.31 19.04
CA PRO C 255 34.12 -34.82 18.34
C PRO C 255 33.96 -33.39 17.83
N LEU C 256 33.71 -32.45 18.75
CA LEU C 256 33.47 -31.06 18.39
C LEU C 256 34.71 -30.44 17.73
N PHE C 257 35.86 -30.66 18.35
CA PHE C 257 37.12 -30.12 17.84
C PHE C 257 37.37 -30.59 16.42
N SER C 258 37.14 -31.88 16.17
CA SER C 258 37.27 -32.46 14.84
C SER C 258 36.35 -31.72 13.86
N LYS C 259 35.06 -31.70 14.19
CA LYS C 259 34.04 -31.15 13.30
C LYS C 259 34.21 -29.65 13.05
N LEU C 260 34.57 -28.91 14.09
CA LEU C 260 34.73 -27.45 13.99
C LEU C 260 35.92 -27.10 13.11
N LEU C 261 37.05 -27.79 13.33
CA LEU C 261 38.28 -27.54 12.59
C LEU C 261 38.10 -27.73 11.09
N PHE C 262 37.25 -28.68 10.72
CA PHE C 262 36.96 -28.94 9.31
C PHE C 262 36.30 -27.74 8.66
N LYS C 263 35.31 -27.18 9.35
CA LYS C 263 34.55 -26.04 8.84
C LYS C 263 35.32 -24.72 9.00
N ARG C 264 36.49 -24.77 9.62
CA ARG C 264 37.32 -23.58 9.86
C ARG C 264 36.56 -22.54 10.68
N GLY C 265 35.75 -23.05 11.62
CA GLY C 265 34.83 -22.22 12.37
C GLY C 265 35.46 -21.52 13.56
N SER C 266 34.74 -20.53 14.07
CA SER C 266 35.12 -19.81 15.27
C SER C 266 33.99 -19.95 16.26
N LEU C 267 34.29 -20.45 17.46
CA LEU C 267 33.33 -20.45 18.56
C LEU C 267 33.67 -19.26 19.46
N ILE C 268 33.05 -18.11 19.17
CA ILE C 268 33.26 -16.89 19.94
C ILE C 268 32.19 -16.79 21.04
N THR C 269 32.61 -16.81 22.30
CA THR C 269 31.69 -16.62 23.41
C THR C 269 31.53 -15.13 23.70
N SER C 270 30.54 -14.78 24.51
CA SER C 270 30.23 -13.38 24.81
C SER C 270 29.38 -13.21 26.07
N LEU C 271 29.76 -12.25 26.90
CA LEU C 271 28.96 -11.82 28.06
C LEU C 271 28.86 -10.30 28.09
N LEU C 272 27.91 -9.79 28.86
CA LEU C 272 27.69 -8.35 28.98
C LEU C 272 27.69 -7.90 30.45
N ARG C 273 26.87 -8.54 31.27
CA ARG C 273 26.71 -8.17 32.69
C ARG C 273 28.02 -8.19 33.48
N SER C 274 28.92 -9.10 33.14
CA SER C 274 30.21 -9.22 33.84
C SER C 274 31.19 -8.12 33.51
N ARG C 275 30.94 -7.39 32.43
CA ARG C 275 31.91 -6.42 31.89
C ARG C 275 32.09 -5.20 32.78
N ASP C 276 33.30 -4.63 32.72
CA ASP C 276 33.61 -3.38 33.41
C ASP C 276 32.89 -2.20 32.76
N ASN C 277 32.86 -1.07 33.44
CA ASN C 277 32.13 0.10 32.96
C ASN C 277 32.70 0.74 31.69
N LYS C 278 34.00 0.57 31.45
CA LYS C 278 34.60 1.08 30.21
C LYS C 278 33.97 0.43 28.98
N TYR C 279 33.81 -0.90 29.01
CA TYR C 279 33.19 -1.64 27.91
C TYR C 279 31.74 -1.22 27.74
N LYS C 280 30.99 -1.17 28.84
CA LYS C 280 29.56 -0.89 28.78
C LYS C 280 29.25 0.50 28.22
N GLN C 281 30.07 1.49 28.56
CA GLN C 281 29.88 2.85 28.05
C GLN C 281 30.20 2.92 26.57
N MET C 282 31.30 2.29 26.17
CA MET C 282 31.69 2.19 24.76
C MET C 282 30.58 1.52 23.95
N LEU C 283 30.03 0.43 24.49
CA LEU C 283 28.94 -0.28 23.85
C LEU C 283 27.75 0.64 23.67
N VAL C 284 27.35 1.30 24.75
CA VAL C 284 26.16 2.17 24.73
C VAL C 284 26.36 3.38 23.83
N ASN C 285 27.59 3.91 23.78
CA ASN C 285 27.88 5.06 22.92
C ASN C 285 27.81 4.68 21.44
N ALA C 286 28.25 3.46 21.13
CA ALA C 286 28.16 2.94 19.77
C ALA C 286 26.69 2.75 19.39
N PHE C 287 25.94 2.17 20.32
CA PHE C 287 24.51 1.91 20.15
C PHE C 287 23.74 3.22 19.90
N THR C 288 24.00 4.25 20.70
CA THR C 288 23.31 5.53 20.57
C THR C 288 23.62 6.24 19.24
N GLU C 289 24.79 5.94 18.65
CA GLU C 289 25.15 6.48 17.35
C GLU C 289 24.61 5.62 16.20
N GLN C 290 24.87 4.31 16.27
CA GLN C 290 24.56 3.39 15.16
C GLN C 290 23.11 2.93 15.09
N ILE C 291 22.50 2.68 16.25
CA ILE C 291 21.22 1.98 16.32
C ILE C 291 20.05 2.81 16.85
N LEU C 292 20.29 3.57 17.92
CA LEU C 292 19.22 4.27 18.63
C LEU C 292 18.38 5.26 17.79
N PRO C 293 19.02 5.99 16.86
CA PRO C 293 18.22 6.91 16.04
C PRO C 293 17.15 6.22 15.18
N HIS C 294 17.40 4.96 14.81
CA HIS C 294 16.47 4.21 13.97
C HIS C 294 15.20 3.74 14.70
N PHE C 295 15.13 3.94 16.02
CA PHE C 295 13.89 3.67 16.77
C PHE C 295 12.83 4.73 16.54
N SER C 296 13.20 5.86 15.94
CA SER C 296 12.26 6.95 15.70
C SER C 296 12.51 7.67 14.36
N THR C 297 12.82 6.90 13.31
CA THR C 297 13.00 7.48 11.97
C THR C 297 11.66 7.91 11.37
N GLU C 298 10.83 6.95 11.01
CA GLU C 298 9.46 7.26 10.60
C GLU C 298 8.61 6.00 10.47
N GLY C 299 8.99 5.12 9.54
CA GLY C 299 8.26 3.89 9.30
C GLY C 299 9.10 2.81 8.66
N PRO C 300 9.29 2.90 7.34
CA PRO C 300 9.83 1.78 6.58
C PRO C 300 10.90 0.98 7.33
N GLN C 301 12.00 1.62 7.69
CA GLN C 301 13.14 0.90 8.30
C GLN C 301 13.14 0.97 9.83
N ARG C 302 12.04 1.42 10.42
CA ARG C 302 12.02 1.78 11.82
C ARG C 302 12.09 0.57 12.74
N LEU C 303 12.95 0.65 13.75
CA LEU C 303 13.12 -0.43 14.70
C LEU C 303 12.00 -0.37 15.72
N LEU C 304 11.29 -1.49 15.86
CA LEU C 304 10.16 -1.59 16.75
C LEU C 304 10.53 -2.50 17.90
N PRO C 305 10.28 -2.05 19.15
CA PRO C 305 10.48 -2.94 20.29
C PRO C 305 9.33 -3.93 20.41
N VAL C 306 9.64 -5.15 20.79
CA VAL C 306 8.65 -6.22 20.86
C VAL C 306 8.23 -6.44 22.31
N LEU C 307 6.94 -6.23 22.60
CA LEU C 307 6.38 -6.40 23.93
C LEU C 307 5.32 -7.49 23.90
N ASP C 308 5.51 -8.55 24.70
CA ASP C 308 4.50 -9.59 24.82
C ASP C 308 3.38 -9.09 25.73
N ARG C 309 3.67 -9.03 27.03
CA ARG C 309 2.68 -8.66 28.05
C ARG C 309 3.29 -7.61 28.97
N ILE C 310 2.43 -6.93 29.71
CA ILE C 310 2.86 -6.03 30.79
C ILE C 310 2.22 -6.47 32.09
N TYR C 311 3.00 -6.42 33.18
CA TYR C 311 2.51 -6.75 34.50
C TYR C 311 2.82 -5.61 35.46
N PRO C 312 1.96 -5.40 36.46
CA PRO C 312 2.38 -4.55 37.58
C PRO C 312 3.31 -5.35 38.49
N VAL C 313 4.29 -4.67 39.09
CA VAL C 313 5.31 -5.35 39.90
C VAL C 313 4.73 -6.31 40.93
N THR C 314 3.61 -5.92 41.54
CA THR C 314 2.94 -6.78 42.50
C THR C 314 2.66 -8.16 41.91
N GLU C 315 2.37 -8.22 40.62
CA GLU C 315 2.18 -9.49 39.91
C GLU C 315 3.49 -10.07 39.33
N ILE C 316 4.63 -9.74 39.95
CA ILE C 316 5.92 -10.27 39.51
C ILE C 316 5.94 -11.80 39.57
N GLN C 317 5.44 -12.35 40.68
CA GLN C 317 5.38 -13.79 40.88
C GLN C 317 4.84 -14.51 39.64
N GLU C 318 3.72 -14.00 39.10
CA GLU C 318 3.06 -14.58 37.93
C GLU C 318 3.87 -14.38 36.65
N ALA C 319 4.55 -13.24 36.55
CA ALA C 319 5.39 -12.94 35.38
C ALA C 319 6.53 -13.94 35.21
N HIS C 320 7.10 -14.39 36.32
CA HIS C 320 8.17 -15.40 36.29
C HIS C 320 7.65 -16.79 35.89
N LYS C 321 6.44 -17.13 36.30
CA LYS C 321 5.82 -18.38 35.85
C LYS C 321 5.66 -18.36 34.33
N TYR C 322 5.20 -17.23 33.80
CA TYR C 322 4.97 -17.05 32.37
C TYR C 322 6.23 -17.30 31.54
N MET C 323 7.32 -16.61 31.89
CA MET C 323 8.61 -16.75 31.20
C MET C 323 9.16 -18.17 31.30
N GLU C 324 9.01 -18.81 32.46
CA GLU C 324 9.49 -20.18 32.64
C GLU C 324 8.73 -21.18 31.78
N ALA C 325 7.47 -20.89 31.48
CA ALA C 325 6.67 -21.73 30.60
C ALA C 325 7.03 -21.51 29.12
N ASN C 326 7.95 -20.60 28.86
CA ASN C 326 8.42 -20.28 27.50
C ASN C 326 7.32 -19.68 26.61
N LYS C 327 6.32 -19.08 27.26
CA LYS C 327 5.13 -18.57 26.54
C LYS C 327 5.36 -17.20 25.90
N ASN C 328 6.27 -16.41 26.46
CA ASN C 328 6.45 -15.03 25.96
C ASN C 328 6.97 -14.99 24.53
N ILE C 329 6.54 -13.96 23.80
CA ILE C 329 6.87 -13.79 22.40
C ILE C 329 7.31 -12.35 22.21
N GLY C 330 8.51 -12.06 22.72
CA GLY C 330 9.04 -10.72 22.83
C GLY C 330 9.33 -10.44 24.29
N LYS C 331 9.50 -9.16 24.63
CA LYS C 331 9.80 -8.77 26.00
C LYS C 331 8.57 -8.82 26.90
N ILE C 332 8.82 -8.85 28.21
CA ILE C 332 7.77 -8.89 29.23
C ILE C 332 8.13 -7.84 30.30
N VAL C 333 7.38 -6.73 30.30
CA VAL C 333 7.76 -5.53 31.07
C VAL C 333 6.98 -5.38 32.38
N LEU C 334 7.71 -5.15 33.47
CA LEU C 334 7.13 -4.85 34.77
C LEU C 334 6.93 -3.34 34.91
N GLU C 335 5.81 -2.95 35.51
CA GLU C 335 5.54 -1.54 35.82
C GLU C 335 5.60 -1.31 37.31
N LEU C 336 6.20 -0.19 37.71
CA LEU C 336 6.37 0.14 39.13
C LEU C 336 5.48 1.31 39.52
N PRO C 337 4.73 1.17 40.62
CA PRO C 337 3.92 2.31 41.06
C PRO C 337 4.79 3.51 41.32
N GLN C 338 4.41 4.65 40.76
CA GLN C 338 5.24 5.86 40.84
C GLN C 338 4.69 6.87 41.84
N ILE D 5 1.27 7.08 -31.36
CA ILE D 5 1.98 8.36 -31.11
C ILE D 5 1.51 8.97 -29.78
N PRO D 6 2.39 9.69 -29.07
CA PRO D 6 1.92 10.48 -27.92
C PRO D 6 1.06 11.67 -28.35
N MET D 7 0.17 12.10 -27.45
CA MET D 7 -0.84 13.11 -27.76
C MET D 7 -0.81 14.22 -26.72
N LEU D 8 -0.64 15.47 -27.17
CA LEU D 8 -0.71 16.62 -26.27
C LEU D 8 -2.16 16.85 -25.83
N ALA D 9 -2.34 17.20 -24.56
CA ALA D 9 -3.67 17.34 -23.97
C ALA D 9 -3.63 18.14 -22.68
N VAL D 10 -4.74 18.80 -22.38
CA VAL D 10 -4.90 19.50 -21.10
C VAL D 10 -5.06 18.46 -19.99
N HIS D 11 -4.48 18.75 -18.83
CA HIS D 11 -4.45 17.78 -17.72
C HIS D 11 -4.29 18.46 -16.38
N PHE D 12 -4.72 17.78 -15.32
CA PHE D 12 -4.50 18.23 -13.95
C PHE D 12 -4.34 17.01 -13.05
N ASP D 13 -3.29 17.00 -12.22
CA ASP D 13 -2.97 15.86 -11.37
C ASP D 13 -3.97 15.72 -10.23
N LYS D 14 -4.22 16.83 -9.54
CA LYS D 14 -5.14 16.87 -8.41
C LYS D 14 -6.23 17.92 -8.65
N PRO D 15 -7.39 17.76 -8.00
CA PRO D 15 -8.46 18.75 -8.12
C PRO D 15 -8.18 19.99 -7.28
N GLY D 16 -8.47 21.16 -7.84
CA GLY D 16 -8.26 22.43 -7.13
C GLY D 16 -8.58 23.62 -8.02
N GLY D 17 -7.84 24.70 -7.82
CA GLY D 17 -8.03 25.93 -8.60
C GLY D 17 -7.47 25.81 -10.00
N PRO D 18 -7.51 26.90 -10.78
CA PRO D 18 -7.00 26.90 -12.15
C PRO D 18 -5.49 26.72 -12.27
N GLU D 19 -4.74 27.01 -11.21
CA GLU D 19 -3.28 26.88 -11.21
C GLU D 19 -2.78 25.44 -11.37
N ASN D 20 -3.68 24.46 -11.22
CA ASN D 20 -3.33 23.05 -11.36
C ASN D 20 -3.38 22.52 -12.80
N LEU D 21 -3.70 23.38 -13.76
CA LEU D 21 -3.80 22.99 -15.17
C LEU D 21 -2.47 23.12 -15.89
N TYR D 22 -2.19 22.17 -16.78
CA TYR D 22 -1.04 22.23 -17.68
C TYR D 22 -1.23 21.28 -18.87
N VAL D 23 -0.30 21.32 -19.82
CA VAL D 23 -0.40 20.50 -21.03
C VAL D 23 0.63 19.36 -21.00
N LYS D 24 0.13 18.13 -21.06
CA LYS D 24 0.92 16.91 -20.87
C LYS D 24 0.80 16.01 -22.11
N GLU D 25 1.78 15.13 -22.30
CA GLU D 25 1.69 14.08 -23.33
C GLU D 25 0.96 12.86 -22.78
N VAL D 26 -0.27 12.65 -23.24
CA VAL D 26 -1.14 11.59 -22.73
C VAL D 26 -1.36 10.53 -23.81
N ALA D 27 -1.91 9.39 -23.39
CA ALA D 27 -2.28 8.32 -24.31
C ALA D 27 -3.21 8.82 -25.43
N LYS D 28 -2.78 8.62 -26.67
CA LYS D 28 -3.60 8.90 -27.84
C LYS D 28 -4.63 7.78 -27.99
N PRO D 29 -5.94 8.13 -27.92
CA PRO D 29 -6.96 7.08 -27.95
C PRO D 29 -7.17 6.48 -29.34
N SER D 30 -7.93 5.40 -29.38
CA SER D 30 -8.25 4.71 -30.62
C SER D 30 -9.78 4.60 -30.77
N PRO D 31 -10.29 4.57 -32.02
CA PRO D 31 -11.70 4.30 -32.22
C PRO D 31 -12.09 2.85 -31.87
N GLY D 32 -13.36 2.51 -32.05
CA GLY D 32 -13.85 1.21 -31.64
C GLY D 32 -15.31 1.00 -31.99
N GLU D 33 -15.56 0.34 -33.12
CA GLU D 33 -16.89 -0.05 -33.55
C GLU D 33 -17.86 1.13 -33.62
N GLY D 34 -18.00 1.72 -34.81
CA GLY D 34 -18.96 2.78 -35.06
C GLY D 34 -18.56 4.13 -34.52
N GLU D 35 -17.25 4.36 -34.39
CA GLU D 35 -16.75 5.68 -34.03
C GLU D 35 -15.43 5.98 -34.73
N VAL D 36 -15.06 7.26 -34.74
CA VAL D 36 -13.89 7.75 -35.47
C VAL D 36 -12.97 8.55 -34.57
N LEU D 37 -11.76 8.80 -35.06
CA LEU D 37 -10.77 9.62 -34.36
C LEU D 37 -10.72 10.99 -35.03
N LEU D 38 -10.93 12.04 -34.25
CA LEU D 38 -11.00 13.41 -34.77
C LEU D 38 -9.70 14.17 -34.48
N LYS D 39 -8.99 14.56 -35.52
CA LYS D 39 -7.77 15.35 -35.38
C LYS D 39 -8.15 16.77 -34.99
N VAL D 40 -8.17 17.03 -33.68
CA VAL D 40 -8.77 18.24 -33.11
C VAL D 40 -8.01 19.51 -33.47
N ALA D 41 -8.65 20.39 -34.24
CA ALA D 41 -8.10 21.70 -34.57
C ALA D 41 -8.36 22.67 -33.44
N ALA D 42 -9.61 22.68 -32.96
CA ALA D 42 -10.03 23.59 -31.90
C ALA D 42 -11.04 22.94 -30.96
N SER D 43 -10.99 23.32 -29.68
CA SER D 43 -12.02 22.96 -28.71
C SER D 43 -12.43 24.25 -27.99
N ALA D 44 -13.25 24.15 -26.95
CA ALA D 44 -13.73 25.35 -26.27
C ALA D 44 -14.11 25.09 -24.81
N LEU D 45 -14.10 26.15 -24.01
CA LEU D 45 -14.42 26.06 -22.59
C LEU D 45 -15.92 26.14 -22.34
N ASN D 46 -16.37 25.33 -21.38
CA ASN D 46 -17.70 25.45 -20.82
C ASN D 46 -17.61 25.48 -19.30
N ARG D 47 -18.71 25.80 -18.64
CA ARG D 47 -18.72 25.92 -17.18
C ARG D 47 -18.48 24.59 -16.49
N ALA D 48 -18.89 23.50 -17.17
CA ALA D 48 -18.65 22.15 -16.66
C ALA D 48 -17.16 21.89 -16.40
N ASP D 49 -16.30 22.41 -17.29
CA ASP D 49 -14.85 22.19 -17.20
C ASP D 49 -14.28 22.73 -15.89
N LEU D 50 -14.81 23.85 -15.42
CA LEU D 50 -14.39 24.44 -14.15
C LEU D 50 -14.76 23.53 -12.99
N MET D 51 -16.01 23.07 -12.97
CA MET D 51 -16.51 22.20 -11.91
C MET D 51 -15.73 20.89 -11.86
N GLN D 52 -15.35 20.38 -13.02
CA GLN D 52 -14.67 19.10 -13.12
C GLN D 52 -13.29 19.11 -12.47
N ARG D 53 -12.51 20.16 -12.72
CA ARG D 53 -11.17 20.26 -12.12
C ARG D 53 -11.21 20.64 -10.64
N GLN D 54 -12.37 21.08 -10.17
CA GLN D 54 -12.58 21.31 -8.74
C GLN D 54 -12.96 20.00 -8.03
N GLY D 55 -13.51 19.05 -8.79
CA GLY D 55 -13.89 17.74 -8.27
C GLY D 55 -15.38 17.46 -8.25
N GLN D 56 -16.18 18.48 -8.60
CA GLN D 56 -17.65 18.34 -8.60
C GLN D 56 -18.15 17.48 -9.75
N TYR D 57 -17.82 17.90 -10.98
CA TYR D 57 -18.40 17.27 -12.18
C TYR D 57 -17.56 16.09 -12.64
N ASP D 58 -17.81 14.92 -12.05
CA ASP D 58 -17.20 13.68 -12.53
C ASP D 58 -17.81 13.31 -13.88
N PRO D 59 -16.99 12.81 -14.82
CA PRO D 59 -17.54 12.38 -16.12
C PRO D 59 -18.31 11.07 -16.01
N PRO D 60 -19.23 10.81 -16.96
CA PRO D 60 -20.02 9.58 -16.91
C PRO D 60 -19.15 8.33 -17.09
N PRO D 61 -19.54 7.21 -16.45
CA PRO D 61 -18.80 5.94 -16.52
C PRO D 61 -18.38 5.54 -17.94
N GLY D 62 -17.09 5.28 -18.13
CA GLY D 62 -16.55 4.91 -19.45
C GLY D 62 -15.90 6.08 -20.17
N ALA D 63 -16.59 7.22 -20.20
CA ALA D 63 -16.11 8.41 -20.92
C ALA D 63 -14.75 8.87 -20.38
N SER D 64 -13.97 9.51 -21.26
CA SER D 64 -12.61 9.94 -20.90
C SER D 64 -12.65 11.06 -19.87
N ASN D 65 -11.70 11.02 -18.93
CA ASN D 65 -11.63 11.98 -17.84
C ASN D 65 -10.63 13.10 -18.14
N ILE D 66 -10.75 13.66 -19.34
CA ILE D 66 -9.93 14.79 -19.79
C ILE D 66 -10.87 15.87 -20.32
N LEU D 67 -10.55 17.13 -20.02
CA LEU D 67 -11.49 18.25 -20.23
C LEU D 67 -11.87 18.45 -21.69
N GLY D 68 -13.06 19.00 -21.93
CA GLY D 68 -13.51 19.36 -23.28
C GLY D 68 -14.78 18.65 -23.74
N LEU D 69 -15.90 19.39 -23.77
CA LEU D 69 -17.20 18.83 -24.16
C LEU D 69 -17.50 18.89 -25.66
N GLU D 70 -16.68 19.63 -26.42
CA GLU D 70 -16.91 19.79 -27.85
C GLU D 70 -15.58 19.91 -28.59
N ALA D 71 -15.61 19.67 -29.89
CA ALA D 71 -14.39 19.77 -30.70
C ALA D 71 -14.69 19.85 -32.19
N SER D 72 -13.91 20.64 -32.90
CA SER D 72 -13.93 20.69 -34.36
C SER D 72 -12.55 20.28 -34.88
N GLY D 73 -12.52 19.71 -36.08
CA GLY D 73 -11.27 19.24 -36.67
C GLY D 73 -11.49 18.38 -37.90
N HIS D 74 -10.44 17.66 -38.30
CA HIS D 74 -10.51 16.75 -39.44
C HIS D 74 -10.68 15.32 -38.96
N VAL D 75 -11.28 14.48 -39.81
CA VAL D 75 -11.45 13.06 -39.50
C VAL D 75 -10.12 12.35 -39.71
N ALA D 76 -9.57 11.80 -38.63
CA ALA D 76 -8.21 11.25 -38.64
C ALA D 76 -8.14 9.75 -38.91
N GLU D 77 -9.15 9.01 -38.46
CA GLU D 77 -9.11 7.54 -38.52
C GLU D 77 -10.52 6.96 -38.38
N LEU D 78 -10.82 5.95 -39.19
CA LEU D 78 -12.13 5.30 -39.17
C LEU D 78 -12.08 3.99 -38.39
N GLY D 79 -12.92 3.87 -37.36
CA GLY D 79 -13.01 2.63 -36.60
C GLY D 79 -13.82 1.59 -37.36
N PRO D 80 -13.83 0.33 -36.85
CA PRO D 80 -14.68 -0.74 -37.38
C PRO D 80 -16.16 -0.37 -37.45
N GLY D 81 -16.90 -1.03 -38.33
CA GLY D 81 -18.36 -0.91 -38.39
C GLY D 81 -18.91 0.47 -38.64
N CYS D 82 -18.23 1.26 -39.45
CA CYS D 82 -18.73 2.58 -39.86
C CYS D 82 -19.74 2.43 -41.00
N GLN D 83 -20.92 3.00 -40.81
CA GLN D 83 -21.97 3.00 -41.82
C GLN D 83 -21.88 4.22 -42.71
N GLY D 84 -21.50 5.35 -42.11
CA GLY D 84 -21.53 6.64 -42.79
C GLY D 84 -20.50 6.76 -43.89
N HIS D 85 -20.59 7.87 -44.61
CA HIS D 85 -19.69 8.15 -45.72
C HIS D 85 -18.64 9.18 -45.33
N TRP D 86 -18.44 9.35 -44.02
CA TRP D 86 -17.36 10.19 -43.51
C TRP D 86 -16.04 9.61 -43.96
N LYS D 87 -15.32 10.36 -44.80
CA LYS D 87 -14.04 9.92 -45.32
C LYS D 87 -12.92 10.54 -44.49
N ILE D 88 -11.75 9.94 -44.58
CA ILE D 88 -10.58 10.42 -43.86
C ILE D 88 -10.13 11.77 -44.45
N GLY D 89 -9.90 12.76 -43.58
CA GLY D 89 -9.53 14.11 -44.02
C GLY D 89 -10.69 15.11 -44.16
N ASP D 90 -11.92 14.64 -43.95
CA ASP D 90 -13.10 15.52 -43.98
C ASP D 90 -13.19 16.33 -42.70
N THR D 91 -13.58 17.60 -42.82
CA THR D 91 -13.72 18.46 -41.65
C THR D 91 -15.09 18.23 -41.00
N ALA D 92 -15.13 18.32 -39.68
CA ALA D 92 -16.36 18.09 -38.91
C ALA D 92 -16.24 18.58 -37.47
N MET D 93 -17.38 18.79 -36.82
CA MET D 93 -17.45 19.14 -35.41
C MET D 93 -18.38 18.16 -34.68
N ALA D 94 -18.27 18.10 -33.37
CA ALA D 94 -19.08 17.15 -32.61
C ALA D 94 -19.24 17.47 -31.13
N LEU D 95 -20.27 16.88 -30.53
CA LEU D 95 -20.55 16.97 -29.10
C LEU D 95 -19.89 15.80 -28.39
N LEU D 96 -19.21 16.11 -27.29
CA LEU D 96 -18.41 15.12 -26.57
C LEU D 96 -18.79 15.09 -25.10
N PRO D 97 -18.62 13.93 -24.45
CA PRO D 97 -18.73 13.81 -22.99
C PRO D 97 -17.40 14.12 -22.30
N GLY D 98 -16.36 14.38 -23.09
CA GLY D 98 -15.02 14.62 -22.58
C GLY D 98 -13.95 14.30 -23.63
N GLY D 99 -12.71 14.62 -23.29
CA GLY D 99 -11.56 14.33 -24.14
C GLY D 99 -11.36 15.29 -25.29
N GLY D 100 -12.10 16.39 -25.27
CA GLY D 100 -12.13 17.35 -26.38
C GLY D 100 -10.93 18.27 -26.47
N GLN D 101 -10.39 18.68 -25.32
CA GLN D 101 -9.24 19.58 -25.27
C GLN D 101 -7.94 18.77 -25.32
N ALA D 102 -7.70 18.14 -26.47
CA ALA D 102 -6.54 17.27 -26.70
C ALA D 102 -6.50 16.89 -28.17
N GLN D 103 -5.30 16.82 -28.75
CA GLN D 103 -5.13 16.66 -30.20
C GLN D 103 -6.09 15.67 -30.87
N TYR D 104 -6.31 14.52 -30.22
CA TYR D 104 -7.16 13.47 -30.77
C TYR D 104 -8.27 13.06 -29.78
N VAL D 105 -9.49 12.91 -30.30
CA VAL D 105 -10.64 12.51 -29.50
C VAL D 105 -11.49 11.50 -30.26
N THR D 106 -12.07 10.56 -29.52
CA THR D 106 -12.91 9.52 -30.10
C THR D 106 -14.38 9.99 -30.14
N VAL D 107 -15.01 9.88 -31.31
CA VAL D 107 -16.37 10.39 -31.52
C VAL D 107 -17.22 9.41 -32.34
N PRO D 108 -18.36 8.97 -31.79
CA PRO D 108 -19.34 8.19 -32.55
C PRO D 108 -19.81 8.93 -33.79
N GLU D 109 -19.80 8.26 -34.94
CA GLU D 109 -20.05 8.91 -36.23
C GLU D 109 -21.44 9.56 -36.33
N GLY D 110 -22.40 9.06 -35.56
CA GLY D 110 -23.72 9.66 -35.48
C GLY D 110 -23.70 11.10 -35.00
N LEU D 111 -22.81 11.41 -34.06
CA LEU D 111 -22.71 12.76 -33.48
C LEU D 111 -21.75 13.67 -34.26
N LEU D 112 -21.30 13.21 -35.42
CA LEU D 112 -20.33 13.92 -36.22
C LEU D 112 -21.08 14.90 -37.11
N MET D 113 -20.82 16.20 -36.93
CA MET D 113 -21.53 17.25 -37.66
C MET D 113 -20.61 17.99 -38.61
N PRO D 114 -21.12 18.33 -39.81
CA PRO D 114 -20.30 19.06 -40.76
C PRO D 114 -20.13 20.53 -40.36
N ILE D 115 -19.12 21.18 -40.94
CA ILE D 115 -18.82 22.58 -40.64
C ILE D 115 -19.48 23.49 -41.67
N PRO D 116 -20.39 24.37 -41.20
CA PRO D 116 -21.04 25.32 -42.11
C PRO D 116 -20.02 26.07 -42.96
N GLU D 117 -20.36 26.30 -44.22
CA GLU D 117 -19.43 26.95 -45.14
C GLU D 117 -19.26 28.42 -44.78
N GLY D 118 -18.00 28.87 -44.85
CA GLY D 118 -17.64 30.23 -44.50
C GLY D 118 -17.01 30.34 -43.13
N LEU D 119 -17.23 29.34 -42.28
CA LEU D 119 -16.72 29.38 -40.90
C LEU D 119 -15.39 28.62 -40.75
N THR D 120 -14.48 29.16 -39.94
CA THR D 120 -13.20 28.51 -39.64
C THR D 120 -13.40 27.37 -38.66
N LEU D 121 -12.47 26.40 -38.69
CA LEU D 121 -12.48 25.31 -37.72
C LEU D 121 -12.54 25.85 -36.28
N THR D 122 -11.93 27.01 -36.05
CA THR D 122 -11.98 27.67 -34.75
C THR D 122 -13.42 28.10 -34.41
N GLN D 123 -14.04 28.84 -35.33
CA GLN D 123 -15.40 29.33 -35.13
C GLN D 123 -16.39 28.20 -34.86
N ALA D 124 -16.19 27.08 -35.56
CA ALA D 124 -17.04 25.89 -35.41
C ALA D 124 -16.95 25.24 -34.02
N ALA D 125 -15.80 25.39 -33.36
CA ALA D 125 -15.62 24.84 -32.01
C ALA D 125 -16.53 25.50 -30.98
N ALA D 126 -17.07 26.67 -31.31
CA ALA D 126 -18.03 27.37 -30.43
C ALA D 126 -19.45 26.81 -30.51
N ILE D 127 -19.75 25.99 -31.52
CA ILE D 127 -21.14 25.58 -31.78
C ILE D 127 -21.71 24.47 -30.86
N PRO D 128 -21.10 23.27 -30.84
CA PRO D 128 -21.77 22.07 -30.30
C PRO D 128 -22.43 22.21 -28.92
N GLU D 129 -21.65 22.28 -27.84
CA GLU D 129 -22.21 22.20 -26.47
C GLU D 129 -23.16 23.34 -26.16
N ALA D 130 -22.77 24.56 -26.55
CA ALA D 130 -23.60 25.73 -26.32
C ALA D 130 -24.93 25.62 -27.05
N TRP D 131 -24.87 25.37 -28.35
CA TRP D 131 -26.06 25.41 -29.20
C TRP D 131 -26.93 24.16 -29.10
N LEU D 132 -26.32 22.99 -28.91
CA LEU D 132 -27.10 21.76 -28.74
C LEU D 132 -27.86 21.78 -27.42
N THR D 133 -27.25 22.35 -26.39
CA THR D 133 -27.92 22.54 -25.12
C THR D 133 -29.04 23.55 -25.27
N ALA D 134 -28.73 24.68 -25.91
CA ALA D 134 -29.73 25.72 -26.16
C ALA D 134 -30.92 25.15 -26.91
N PHE D 135 -30.63 24.42 -28.01
CA PHE D 135 -31.66 23.77 -28.82
C PHE D 135 -32.42 22.70 -28.04
N GLN D 136 -31.73 22.00 -27.14
CA GLN D 136 -32.37 21.04 -26.27
C GLN D 136 -33.36 21.77 -25.37
N LEU D 137 -32.84 22.72 -24.59
CA LEU D 137 -33.64 23.41 -23.58
C LEU D 137 -34.87 24.08 -24.20
N LEU D 138 -34.69 24.76 -25.32
CA LEU D 138 -35.77 25.50 -25.95
C LEU D 138 -36.84 24.57 -26.52
N HIS D 139 -36.46 23.74 -27.48
CA HIS D 139 -37.40 22.93 -28.23
C HIS D 139 -37.76 21.60 -27.55
N LEU D 140 -36.83 20.64 -27.55
CA LEU D 140 -37.13 19.26 -27.09
C LEU D 140 -37.72 19.17 -25.70
N VAL D 141 -37.18 19.97 -24.76
CA VAL D 141 -37.63 19.95 -23.37
C VAL D 141 -38.72 21.00 -23.13
N GLY D 142 -38.49 22.21 -23.64
CA GLY D 142 -39.35 23.36 -23.36
C GLY D 142 -40.57 23.53 -24.26
N ASN D 143 -40.45 23.13 -25.52
CA ASN D 143 -41.50 23.36 -26.52
C ASN D 143 -41.80 24.84 -26.70
N VAL D 144 -40.80 25.57 -27.18
CA VAL D 144 -40.98 26.97 -27.51
C VAL D 144 -41.92 27.07 -28.69
N GLN D 145 -42.97 27.88 -28.53
CA GLN D 145 -43.90 28.19 -29.61
C GLN D 145 -43.73 29.66 -30.01
N ALA D 146 -44.11 29.99 -31.23
CA ALA D 146 -44.00 31.36 -31.73
C ALA D 146 -44.87 32.27 -30.89
N GLY D 147 -44.32 33.40 -30.44
CA GLY D 147 -45.04 34.35 -29.60
C GLY D 147 -44.76 34.21 -28.11
N ASP D 148 -44.09 33.12 -27.72
CA ASP D 148 -43.76 32.87 -26.31
C ASP D 148 -42.72 33.85 -25.79
N TYR D 149 -43.00 34.43 -24.62
CA TYR D 149 -42.00 35.23 -23.92
C TYR D 149 -41.07 34.26 -23.21
N VAL D 150 -39.77 34.37 -23.51
CA VAL D 150 -38.76 33.46 -22.98
C VAL D 150 -37.74 34.22 -22.15
N LEU D 151 -37.58 33.84 -20.89
CA LEU D 151 -36.57 34.43 -20.01
C LEU D 151 -35.32 33.58 -20.02
N ILE D 152 -34.16 34.23 -20.21
CA ILE D 152 -32.88 33.54 -20.27
C ILE D 152 -31.92 34.15 -19.26
N HIS D 153 -31.53 33.37 -18.25
CA HIS D 153 -30.58 33.83 -17.25
C HIS D 153 -29.15 33.56 -17.70
N ALA D 154 -28.22 34.38 -17.24
CA ALA D 154 -26.83 34.32 -17.69
C ALA D 154 -26.80 34.32 -19.21
N GLY D 155 -27.53 35.26 -19.79
CA GLY D 155 -27.86 35.22 -21.21
C GLY D 155 -26.75 35.58 -22.16
N LEU D 156 -25.60 35.99 -21.64
CA LEU D 156 -24.44 36.30 -22.46
C LEU D 156 -23.30 35.30 -22.20
N SER D 157 -23.70 34.11 -21.75
CA SER D 157 -22.82 32.96 -21.67
C SER D 157 -22.80 32.26 -23.03
N GLY D 158 -22.03 31.18 -23.14
CA GLY D 158 -22.04 30.36 -24.35
C GLY D 158 -23.43 29.84 -24.65
N VAL D 159 -24.09 29.29 -23.64
CA VAL D 159 -25.44 28.76 -23.78
C VAL D 159 -26.43 29.89 -24.05
N GLY D 160 -26.30 30.97 -23.29
CA GLY D 160 -27.20 32.12 -23.43
C GLY D 160 -27.15 32.74 -24.82
N THR D 161 -25.95 33.14 -25.24
CA THR D 161 -25.75 33.75 -26.55
C THR D 161 -26.32 32.90 -27.70
N ALA D 162 -26.31 31.59 -27.52
CA ALA D 162 -26.93 30.67 -28.46
C ALA D 162 -28.46 30.66 -28.31
N ALA D 163 -28.94 30.71 -27.08
CA ALA D 163 -30.39 30.68 -26.81
C ALA D 163 -31.12 31.93 -27.31
N ILE D 164 -30.45 33.08 -27.23
CA ILE D 164 -31.03 34.34 -27.70
C ILE D 164 -31.37 34.27 -29.18
N GLN D 165 -30.45 33.72 -29.98
CA GLN D 165 -30.63 33.62 -31.42
C GLN D 165 -31.65 32.54 -31.80
N LEU D 166 -31.57 31.38 -31.14
CA LEU D 166 -32.50 30.28 -31.40
C LEU D 166 -33.94 30.65 -31.08
N THR D 167 -34.12 31.39 -29.98
CA THR D 167 -35.42 31.93 -29.60
C THR D 167 -35.99 32.80 -30.70
N ARG D 168 -35.17 33.72 -31.19
CA ARG D 168 -35.59 34.67 -32.20
C ARG D 168 -35.96 33.96 -33.49
N MET D 169 -35.11 33.02 -33.92
CA MET D 169 -35.41 32.21 -35.11
C MET D 169 -36.68 31.39 -34.91
N ALA D 170 -36.93 30.95 -33.68
CA ALA D 170 -38.13 30.20 -33.33
C ALA D 170 -39.42 31.04 -33.40
N GLY D 171 -39.29 32.34 -33.62
CA GLY D 171 -40.43 33.25 -33.69
C GLY D 171 -40.92 33.64 -32.31
N ALA D 172 -40.02 33.56 -31.32
CA ALA D 172 -40.34 33.83 -29.93
C ALA D 172 -39.68 35.12 -29.47
N ILE D 173 -39.98 35.54 -28.24
CA ILE D 173 -39.50 36.82 -27.70
C ILE D 173 -38.52 36.60 -26.55
N PRO D 174 -37.20 36.78 -26.80
CA PRO D 174 -36.19 36.56 -25.77
C PRO D 174 -35.95 37.76 -24.85
N LEU D 175 -36.06 37.52 -23.55
CA LEU D 175 -35.70 38.50 -22.52
C LEU D 175 -34.52 37.94 -21.73
N VAL D 176 -33.48 38.74 -21.55
CA VAL D 176 -32.22 38.29 -20.98
C VAL D 176 -31.90 38.97 -19.66
N THR D 177 -31.15 38.29 -18.80
CA THR D 177 -30.61 38.89 -17.58
C THR D 177 -29.11 38.60 -17.47
N ALA D 178 -28.30 39.65 -17.40
CA ALA D 178 -26.87 39.53 -17.14
C ALA D 178 -26.46 40.52 -16.05
N GLY D 179 -25.19 40.49 -15.67
CA GLY D 179 -24.70 41.33 -14.57
C GLY D 179 -23.74 42.40 -15.03
N SER D 180 -24.10 43.11 -16.10
CA SER D 180 -23.25 44.14 -16.67
C SER D 180 -23.96 44.88 -17.80
N GLN D 181 -23.72 46.19 -17.91
CA GLN D 181 -24.34 47.01 -18.96
C GLN D 181 -23.70 46.77 -20.32
N LYS D 182 -22.38 46.59 -20.35
CA LYS D 182 -21.68 46.23 -21.59
C LYS D 182 -22.19 44.89 -22.14
N LYS D 183 -22.46 43.94 -21.25
CA LYS D 183 -22.97 42.63 -21.65
C LYS D 183 -24.38 42.71 -22.23
N LEU D 184 -25.24 43.54 -21.63
CA LEU D 184 -26.62 43.71 -22.10
C LEU D 184 -26.70 44.34 -23.50
N GLN D 185 -25.84 45.33 -23.77
CA GLN D 185 -25.80 45.98 -25.08
C GLN D 185 -25.43 45.00 -26.20
N MET D 186 -24.54 44.07 -25.90
CA MET D 186 -24.21 42.98 -26.82
C MET D 186 -25.42 42.05 -26.97
N ALA D 187 -26.11 41.78 -25.88
CA ALA D 187 -27.33 40.96 -25.89
C ALA D 187 -28.40 41.57 -26.78
N GLU D 188 -28.54 42.89 -26.70
CA GLU D 188 -29.46 43.63 -27.56
C GLU D 188 -29.17 43.34 -29.04
N LYS D 189 -27.89 43.44 -29.41
CA LYS D 189 -27.45 43.19 -30.79
C LYS D 189 -27.66 41.74 -31.23
N LEU D 190 -27.65 40.81 -30.28
CA LEU D 190 -27.98 39.41 -30.57
C LEU D 190 -29.49 39.18 -30.70
N GLY D 191 -30.29 40.23 -30.53
CA GLY D 191 -31.73 40.17 -30.76
C GLY D 191 -32.57 40.12 -29.50
N ALA D 192 -31.95 40.39 -28.34
CA ALA D 192 -32.67 40.40 -27.07
C ALA D 192 -33.66 41.54 -27.03
N ALA D 193 -34.95 41.22 -26.92
CA ALA D 193 -36.02 42.22 -26.90
C ALA D 193 -36.00 43.06 -25.62
N ALA D 194 -35.33 42.56 -24.59
CA ALA D 194 -35.11 43.32 -23.35
C ALA D 194 -33.96 42.71 -22.56
N GLY D 195 -33.14 43.57 -21.97
CA GLY D 195 -32.00 43.13 -21.15
C GLY D 195 -32.00 43.77 -19.78
N PHE D 196 -31.93 42.95 -18.73
CA PHE D 196 -32.02 43.44 -17.36
C PHE D 196 -30.73 43.21 -16.58
N ASN D 197 -30.34 44.20 -15.79
CA ASN D 197 -29.15 44.11 -14.96
C ASN D 197 -29.55 43.64 -13.56
N TYR D 198 -29.25 42.38 -13.23
CA TYR D 198 -29.68 41.79 -11.95
C TYR D 198 -29.02 42.44 -10.74
N LYS D 199 -27.83 43.01 -10.95
CA LYS D 199 -27.13 43.71 -9.88
C LYS D 199 -27.76 45.08 -9.56
N LYS D 200 -28.59 45.60 -10.45
CA LYS D 200 -29.24 46.90 -10.28
C LYS D 200 -30.73 46.79 -9.93
N GLU D 201 -31.45 45.92 -10.63
CA GLU D 201 -32.91 45.86 -10.51
C GLU D 201 -33.45 44.43 -10.42
N ASP D 202 -34.68 44.32 -9.92
CA ASP D 202 -35.38 43.04 -9.81
C ASP D 202 -35.90 42.64 -11.18
N PHE D 203 -35.43 41.50 -11.68
CA PHE D 203 -35.82 41.03 -13.02
C PHE D 203 -37.29 40.60 -13.12
N SER D 204 -37.86 40.14 -12.00
CA SER D 204 -39.26 39.72 -11.98
C SER D 204 -40.20 40.87 -12.33
N GLU D 205 -40.06 41.99 -11.60
CA GLU D 205 -40.90 43.16 -11.81
C GLU D 205 -40.68 43.77 -13.20
N ALA D 206 -39.42 43.79 -13.63
CA ALA D 206 -39.07 44.27 -14.97
C ALA D 206 -39.71 43.40 -16.06
N THR D 207 -39.70 42.09 -15.84
CA THR D 207 -40.30 41.15 -16.78
C THR D 207 -41.80 41.35 -16.85
N LEU D 208 -42.44 41.31 -15.69
CA LEU D 208 -43.89 41.51 -15.58
C LEU D 208 -44.33 42.81 -16.25
N LYS D 209 -43.48 43.85 -16.15
CA LYS D 209 -43.75 45.13 -16.79
C LYS D 209 -43.75 45.02 -18.31
N PHE D 210 -42.72 44.38 -18.86
CA PHE D 210 -42.58 44.24 -20.31
C PHE D 210 -43.61 43.29 -20.90
N THR D 211 -43.96 42.25 -20.13
CA THR D 211 -45.00 41.28 -20.55
C THR D 211 -46.42 41.72 -20.20
N LYS D 212 -46.58 42.95 -19.72
CA LYS D 212 -47.89 43.53 -19.40
C LYS D 212 -48.63 42.73 -18.32
N GLY D 213 -47.88 42.21 -17.35
CA GLY D 213 -48.46 41.43 -16.25
C GLY D 213 -48.80 39.98 -16.59
N ALA D 214 -48.55 39.58 -17.82
CA ALA D 214 -48.85 38.22 -18.28
C ALA D 214 -47.81 37.22 -17.79
N GLY D 215 -46.56 37.65 -17.75
CA GLY D 215 -45.43 36.79 -17.35
C GLY D 215 -44.81 36.11 -18.55
N VAL D 216 -43.70 35.40 -18.30
CA VAL D 216 -42.99 34.67 -19.35
C VAL D 216 -43.43 33.21 -19.41
N ASN D 217 -43.49 32.67 -20.61
CA ASN D 217 -43.96 31.30 -20.83
C ASN D 217 -42.86 30.26 -20.60
N LEU D 218 -41.60 30.68 -20.71
CA LEU D 218 -40.46 29.77 -20.62
C LEU D 218 -39.29 30.42 -19.89
N ILE D 219 -38.72 29.72 -18.90
CA ILE D 219 -37.57 30.21 -18.16
C ILE D 219 -36.41 29.24 -18.26
N LEU D 220 -35.30 29.68 -18.87
CA LEU D 220 -34.07 28.90 -18.91
C LEU D 220 -33.21 29.28 -17.71
N ASP D 221 -33.39 28.55 -16.61
CA ASP D 221 -32.76 28.89 -15.33
C ASP D 221 -31.49 28.08 -15.10
N CYS D 222 -30.35 28.75 -15.15
CA CYS D 222 -29.07 28.15 -14.79
C CYS D 222 -28.52 28.75 -13.48
N ILE D 223 -29.36 29.44 -12.73
CA ILE D 223 -28.96 30.08 -11.47
C ILE D 223 -29.57 29.34 -10.27
N GLY D 224 -30.85 29.01 -10.36
CA GLY D 224 -31.49 28.14 -9.38
C GLY D 224 -31.89 28.83 -8.08
N GLY D 225 -31.08 28.63 -7.04
CA GLY D 225 -31.44 29.03 -5.67
C GLY D 225 -31.71 30.50 -5.41
N SER D 226 -30.76 31.36 -5.78
CA SER D 226 -30.88 32.80 -5.52
C SER D 226 -31.97 33.48 -6.35
N TYR D 227 -32.50 32.77 -7.36
CA TYR D 227 -33.44 33.33 -8.31
C TYR D 227 -34.86 32.73 -8.19
N TRP D 228 -35.04 31.74 -7.32
CA TRP D 228 -36.26 30.93 -7.33
C TRP D 228 -37.53 31.74 -7.06
N GLU D 229 -37.42 32.70 -6.14
CA GLU D 229 -38.58 33.52 -5.75
C GLU D 229 -39.06 34.35 -6.93
N LYS D 230 -38.12 35.07 -7.52
CA LYS D 230 -38.40 35.99 -8.63
C LYS D 230 -38.80 35.26 -9.91
N ASN D 231 -38.31 34.04 -10.10
CA ASN D 231 -38.72 33.20 -11.23
C ASN D 231 -40.20 32.82 -11.16
N VAL D 232 -40.67 32.45 -9.98
CA VAL D 232 -42.07 32.03 -9.82
C VAL D 232 -43.02 33.23 -9.94
N ASN D 233 -42.58 34.38 -9.45
CA ASN D 233 -43.40 35.60 -9.51
C ASN D 233 -43.65 36.08 -10.95
N CYS D 234 -42.72 35.80 -11.86
CA CYS D 234 -42.87 36.23 -13.26
C CYS D 234 -43.19 35.09 -14.25
N LEU D 235 -43.53 33.92 -13.72
CA LEU D 235 -43.93 32.77 -14.54
C LEU D 235 -45.39 32.91 -14.96
N ALA D 236 -45.68 32.63 -16.22
CA ALA D 236 -47.04 32.77 -16.78
C ALA D 236 -47.82 31.47 -16.67
N LEU D 237 -49.14 31.57 -16.80
CA LEU D 237 -50.02 30.40 -16.70
C LEU D 237 -49.49 29.23 -17.52
N ASP D 238 -49.47 28.06 -16.89
CA ASP D 238 -48.98 26.82 -17.52
C ASP D 238 -47.55 26.98 -18.06
N GLY D 239 -46.77 27.81 -17.38
CA GLY D 239 -45.42 28.10 -17.82
C GLY D 239 -44.51 26.91 -17.65
N ARG D 240 -43.45 26.86 -18.47
CA ARG D 240 -42.41 25.85 -18.32
C ARG D 240 -41.23 26.51 -17.64
N TRP D 241 -40.61 25.79 -16.72
CA TRP D 241 -39.47 26.31 -15.97
C TRP D 241 -38.34 25.28 -16.05
N VAL D 242 -37.39 25.55 -16.95
CA VAL D 242 -36.26 24.65 -17.16
C VAL D 242 -35.11 25.03 -16.25
N LEU D 243 -34.74 24.11 -15.36
CA LEU D 243 -33.61 24.30 -14.46
C LEU D 243 -32.43 23.47 -14.95
N TYR D 244 -31.33 24.13 -15.28
CA TYR D 244 -30.18 23.44 -15.86
C TYR D 244 -28.81 23.92 -15.37
N GLY D 245 -28.75 24.59 -14.21
CA GLY D 245 -27.50 25.22 -13.76
C GLY D 245 -27.16 25.19 -12.28
N LEU D 246 -27.98 25.84 -11.46
CA LEU D 246 -27.72 25.95 -10.01
C LEU D 246 -26.43 26.72 -9.65
N MET D 247 -26.03 27.66 -10.50
CA MET D 247 -24.85 28.50 -10.23
C MET D 247 -25.02 29.32 -8.95
N GLY D 248 -26.21 29.89 -8.79
CA GLY D 248 -26.51 30.77 -7.66
C GLY D 248 -27.19 30.10 -6.50
N GLY D 249 -27.10 28.78 -6.40
CA GLY D 249 -27.64 28.07 -5.24
C GLY D 249 -27.85 26.58 -5.43
N GLY D 250 -29.10 26.14 -5.27
CA GLY D 250 -29.42 24.73 -5.12
C GLY D 250 -30.34 24.49 -3.93
N ASP D 251 -30.32 25.42 -2.98
CA ASP D 251 -31.22 25.38 -1.82
C ASP D 251 -32.45 26.25 -2.03
N ILE D 252 -33.56 25.81 -1.44
CA ILE D 252 -34.84 26.53 -1.48
C ILE D 252 -35.32 26.73 -0.05
N ASN D 253 -36.01 27.85 0.18
CA ASN D 253 -36.45 28.21 1.53
C ASN D 253 -37.65 29.16 1.49
N GLY D 254 -38.80 28.61 1.12
CA GLY D 254 -40.03 29.40 1.04
C GLY D 254 -41.19 28.63 0.44
N PRO D 255 -42.31 29.33 0.18
CA PRO D 255 -43.51 28.72 -0.39
C PRO D 255 -43.43 28.56 -1.92
N LEU D 256 -42.58 27.64 -2.37
CA LEU D 256 -42.40 27.38 -3.80
C LEU D 256 -43.57 26.59 -4.36
N PHE D 257 -43.93 25.51 -3.68
CA PHE D 257 -45.01 24.62 -4.11
C PHE D 257 -46.33 25.37 -4.23
N SER D 258 -46.63 26.20 -3.23
CA SER D 258 -47.86 26.98 -3.20
C SER D 258 -48.00 27.86 -4.44
N LYS D 259 -46.96 28.63 -4.73
CA LYS D 259 -46.98 29.57 -5.86
C LYS D 259 -46.92 28.88 -7.21
N LEU D 260 -46.18 27.76 -7.29
CA LEU D 260 -46.06 27.00 -8.54
C LEU D 260 -47.41 26.42 -8.96
N LEU D 261 -48.11 25.82 -8.00
CA LEU D 261 -49.43 25.25 -8.25
C LEU D 261 -50.42 26.34 -8.68
N PHE D 262 -50.30 27.52 -8.10
CA PHE D 262 -51.13 28.67 -8.49
C PHE D 262 -50.90 29.07 -9.95
N LYS D 263 -49.63 29.04 -10.38
CA LYS D 263 -49.26 29.37 -11.77
C LYS D 263 -49.43 28.18 -12.73
N ARG D 264 -49.77 27.00 -12.19
CA ARG D 264 -49.85 25.74 -12.95
C ARG D 264 -48.52 25.40 -13.61
N GLY D 265 -47.43 25.77 -12.94
CA GLY D 265 -46.09 25.68 -13.52
C GLY D 265 -45.54 24.28 -13.61
N SER D 266 -44.55 24.12 -14.47
CA SER D 266 -43.79 22.87 -14.59
C SER D 266 -42.32 23.19 -14.39
N LEU D 267 -41.69 22.55 -13.41
CA LEU D 267 -40.25 22.69 -13.19
C LEU D 267 -39.54 21.48 -13.78
N ILE D 268 -39.05 21.63 -15.01
CA ILE D 268 -38.34 20.55 -15.71
C ILE D 268 -36.84 20.77 -15.55
N THR D 269 -36.12 19.75 -15.08
CA THR D 269 -34.66 19.79 -15.04
C THR D 269 -34.10 19.03 -16.26
N SER D 270 -32.94 19.47 -16.74
CA SER D 270 -32.30 18.84 -17.89
C SER D 270 -30.78 18.69 -17.69
N LEU D 271 -30.23 17.62 -18.26
CA LEU D 271 -28.79 17.40 -18.33
C LEU D 271 -28.50 16.77 -19.69
N LEU D 272 -27.45 17.24 -20.36
CA LEU D 272 -27.07 16.72 -21.67
C LEU D 272 -25.91 15.73 -21.59
N ARG D 273 -24.95 15.97 -20.70
CA ARG D 273 -23.74 15.15 -20.59
C ARG D 273 -23.99 13.73 -20.07
N SER D 274 -25.03 13.55 -19.25
CA SER D 274 -25.35 12.25 -18.67
C SER D 274 -26.23 11.37 -19.56
N ARG D 275 -26.56 11.85 -20.76
CA ARG D 275 -27.53 11.18 -21.64
C ARG D 275 -26.88 10.04 -22.43
N ASP D 276 -27.70 9.04 -22.77
CA ASP D 276 -27.23 7.91 -23.59
C ASP D 276 -27.17 8.29 -25.06
N ASN D 277 -26.46 7.48 -25.84
CA ASN D 277 -26.25 7.73 -27.26
C ASN D 277 -27.54 7.88 -28.07
N LYS D 278 -28.57 7.12 -27.70
CA LYS D 278 -29.86 7.19 -28.39
C LYS D 278 -30.47 8.58 -28.31
N TYR D 279 -30.40 9.18 -27.12
CA TYR D 279 -30.89 10.54 -26.90
C TYR D 279 -30.04 11.55 -27.67
N LYS D 280 -28.73 11.39 -27.60
CA LYS D 280 -27.81 12.34 -28.21
C LYS D 280 -27.92 12.35 -29.74
N GLN D 281 -27.99 11.18 -30.36
CA GLN D 281 -28.14 11.10 -31.82
C GLN D 281 -29.47 11.68 -32.28
N MET D 282 -30.51 11.49 -31.47
CA MET D 282 -31.83 12.06 -31.76
C MET D 282 -31.74 13.58 -31.74
N LEU D 283 -31.06 14.10 -30.72
CA LEU D 283 -30.85 15.54 -30.60
C LEU D 283 -30.01 16.08 -31.77
N VAL D 284 -28.90 15.40 -32.06
CA VAL D 284 -28.00 15.82 -33.15
C VAL D 284 -28.71 15.77 -34.51
N ASN D 285 -29.47 14.70 -34.73
CA ASN D 285 -30.26 14.57 -35.96
C ASN D 285 -31.23 15.73 -36.13
N ALA D 286 -31.96 16.05 -35.06
CA ALA D 286 -32.94 17.14 -35.09
C ALA D 286 -32.25 18.49 -35.28
N PHE D 287 -31.12 18.66 -34.61
CA PHE D 287 -30.35 19.90 -34.69
C PHE D 287 -29.83 20.10 -36.11
N THR D 288 -29.22 19.05 -36.66
CA THR D 288 -28.63 19.12 -37.99
C THR D 288 -29.65 19.43 -39.09
N GLU D 289 -30.93 19.11 -38.84
CA GLU D 289 -32.01 19.43 -39.79
C GLU D 289 -32.64 20.81 -39.58
N GLN D 290 -32.92 21.16 -38.33
CA GLN D 290 -33.68 22.36 -38.00
C GLN D 290 -32.82 23.61 -37.80
N ILE D 291 -31.56 23.43 -37.42
CA ILE D 291 -30.70 24.56 -37.04
C ILE D 291 -29.43 24.70 -37.89
N LEU D 292 -28.68 23.60 -38.03
CA LEU D 292 -27.34 23.63 -38.61
C LEU D 292 -27.18 24.43 -39.92
N PRO D 293 -28.10 24.26 -40.89
CA PRO D 293 -27.95 24.99 -42.15
C PRO D 293 -27.97 26.53 -42.00
N HIS D 294 -28.65 27.02 -40.97
CA HIS D 294 -28.80 28.47 -40.78
C HIS D 294 -27.51 29.19 -40.33
N PHE D 295 -26.43 28.44 -40.13
CA PHE D 295 -25.11 29.04 -39.89
C PHE D 295 -24.45 29.56 -41.18
N SER D 296 -25.07 29.30 -42.33
CA SER D 296 -24.50 29.69 -43.62
C SER D 296 -25.55 30.10 -44.68
N THR D 297 -26.67 30.69 -44.24
CA THR D 297 -27.73 31.11 -45.16
C THR D 297 -27.31 32.31 -46.02
N GLU D 298 -27.53 33.53 -45.51
CA GLU D 298 -27.28 34.73 -46.28
C GLU D 298 -26.77 35.90 -45.44
N GLY D 299 -27.54 36.29 -44.42
CA GLY D 299 -27.13 37.37 -43.53
C GLY D 299 -28.18 37.75 -42.49
N PRO D 300 -29.29 38.36 -42.94
CA PRO D 300 -30.35 38.84 -42.05
C PRO D 300 -30.73 37.89 -40.90
N GLN D 301 -31.03 36.63 -41.23
CA GLN D 301 -31.47 35.64 -40.24
C GLN D 301 -30.34 34.70 -39.79
N ARG D 302 -29.15 34.87 -40.37
CA ARG D 302 -28.08 33.90 -40.22
C ARG D 302 -27.58 33.78 -38.79
N LEU D 303 -27.59 32.56 -38.25
CA LEU D 303 -27.11 32.28 -36.90
C LEU D 303 -25.60 32.42 -36.86
N LEU D 304 -25.10 33.01 -35.78
CA LEU D 304 -23.67 33.31 -35.66
C LEU D 304 -23.10 32.73 -34.38
N PRO D 305 -21.98 31.99 -34.49
CA PRO D 305 -21.25 31.57 -33.29
C PRO D 305 -20.50 32.76 -32.71
N VAL D 306 -20.63 32.97 -31.41
CA VAL D 306 -20.09 34.17 -30.78
C VAL D 306 -18.85 33.85 -29.94
N LEU D 307 -17.69 34.27 -30.44
CA LEU D 307 -16.42 34.08 -29.74
C LEU D 307 -16.02 35.36 -29.03
N ASP D 308 -15.77 35.27 -27.74
CA ASP D 308 -15.22 36.39 -26.99
C ASP D 308 -13.71 36.49 -27.23
N ARG D 309 -13.03 35.35 -27.03
CA ARG D 309 -11.57 35.29 -27.17
C ARG D 309 -11.10 33.90 -27.60
N ILE D 310 -9.89 33.85 -28.15
CA ILE D 310 -9.22 32.60 -28.49
C ILE D 310 -7.89 32.50 -27.74
N TYR D 311 -7.67 31.39 -27.06
CA TYR D 311 -6.41 31.10 -26.39
C TYR D 311 -5.81 29.83 -26.98
N PRO D 312 -4.47 29.77 -27.08
CA PRO D 312 -3.84 28.50 -27.44
C PRO D 312 -3.86 27.57 -26.23
N VAL D 313 -3.85 26.27 -26.48
CA VAL D 313 -3.99 25.27 -25.40
C VAL D 313 -2.93 25.42 -24.30
N THR D 314 -1.73 25.86 -24.68
CA THR D 314 -0.66 26.11 -23.72
C THR D 314 -1.05 27.15 -22.66
N GLU D 315 -1.88 28.11 -23.06
CA GLU D 315 -2.40 29.12 -22.14
C GLU D 315 -3.76 28.70 -21.56
N ILE D 316 -3.93 27.40 -21.31
CA ILE D 316 -5.17 26.87 -20.70
C ILE D 316 -5.39 27.45 -19.31
N GLN D 317 -4.31 27.56 -18.55
CA GLN D 317 -4.38 28.10 -17.19
C GLN D 317 -5.01 29.50 -17.20
N GLU D 318 -4.61 30.30 -18.17
CA GLU D 318 -5.09 31.68 -18.30
C GLU D 318 -6.56 31.73 -18.72
N ALA D 319 -6.98 30.78 -19.54
CA ALA D 319 -8.36 30.71 -20.03
C ALA D 319 -9.34 30.46 -18.89
N HIS D 320 -8.98 29.58 -17.97
CA HIS D 320 -9.85 29.24 -16.84
C HIS D 320 -10.08 30.44 -15.92
N LYS D 321 -9.03 31.22 -15.68
CA LYS D 321 -9.15 32.45 -14.88
C LYS D 321 -10.12 33.46 -15.50
N TYR D 322 -10.16 33.50 -16.82
CA TYR D 322 -11.04 34.41 -17.56
C TYR D 322 -12.52 34.05 -17.36
N MET D 323 -12.83 32.75 -17.43
CA MET D 323 -14.20 32.29 -17.24
C MET D 323 -14.66 32.44 -15.79
N GLU D 324 -13.77 32.21 -14.83
CA GLU D 324 -14.09 32.36 -13.40
C GLU D 324 -14.35 33.81 -13.01
N ALA D 325 -13.69 34.74 -13.71
CA ALA D 325 -13.90 36.16 -13.49
C ALA D 325 -15.19 36.66 -14.13
N ASN D 326 -15.83 35.82 -14.95
CA ASN D 326 -17.09 36.14 -15.62
C ASN D 326 -16.98 37.31 -16.60
N LYS D 327 -15.80 37.45 -17.20
CA LYS D 327 -15.56 38.47 -18.21
C LYS D 327 -15.97 37.99 -19.61
N ASN D 328 -16.06 36.67 -19.81
CA ASN D 328 -16.40 36.15 -21.13
C ASN D 328 -17.81 36.54 -21.56
N ILE D 329 -17.91 37.14 -22.74
CA ILE D 329 -19.17 37.58 -23.32
C ILE D 329 -19.38 36.73 -24.57
N GLY D 330 -19.62 35.44 -24.34
CA GLY D 330 -19.74 34.43 -25.40
C GLY D 330 -18.86 33.22 -25.15
N LYS D 331 -18.55 32.50 -26.22
CA LYS D 331 -17.69 31.31 -26.13
C LYS D 331 -16.23 31.70 -26.03
N ILE D 332 -15.41 30.74 -25.62
CA ILE D 332 -13.97 30.96 -25.43
C ILE D 332 -13.19 29.73 -25.90
N VAL D 333 -12.58 29.85 -27.08
CA VAL D 333 -12.08 28.72 -27.84
C VAL D 333 -10.58 28.44 -27.61
N LEU D 334 -10.24 27.15 -27.52
CA LEU D 334 -8.85 26.69 -27.38
C LEU D 334 -8.39 26.00 -28.65
N GLU D 335 -7.18 26.34 -29.12
CA GLU D 335 -6.64 25.78 -30.35
C GLU D 335 -5.49 24.84 -30.06
N LEU D 336 -5.54 23.65 -30.66
CA LEU D 336 -4.56 22.61 -30.37
C LEU D 336 -3.48 22.53 -31.46
N PRO D 337 -2.21 22.39 -31.04
CA PRO D 337 -1.11 22.30 -31.99
C PRO D 337 -1.16 21.01 -32.81
N GLN D 338 -1.27 21.14 -34.12
CA GLN D 338 -1.42 19.98 -35.01
C GLN D 338 -0.08 19.48 -35.51
N ILE E 5 2.07 25.68 22.36
CA ILE E 5 3.02 24.55 22.47
C ILE E 5 2.33 23.26 21.98
N PRO E 6 3.08 22.37 21.28
CA PRO E 6 2.45 21.16 20.74
C PRO E 6 2.26 20.05 21.78
N MET E 7 1.45 19.05 21.39
CA MET E 7 1.06 17.95 22.28
C MET E 7 0.57 16.79 21.43
N LEU E 8 1.04 15.57 21.73
CA LEU E 8 0.55 14.37 21.05
C LEU E 8 -0.84 13.99 21.54
N ALA E 9 -1.78 13.83 20.61
CA ALA E 9 -3.16 13.48 20.94
C ALA E 9 -3.76 12.51 19.90
N VAL E 10 -4.67 11.66 20.37
CA VAL E 10 -5.41 10.77 19.48
C VAL E 10 -6.42 11.61 18.71
N HIS E 11 -6.57 11.32 17.42
CA HIS E 11 -7.31 12.20 16.52
C HIS E 11 -7.98 11.42 15.38
N PHE E 12 -9.04 12.00 14.83
CA PHE E 12 -9.64 11.53 13.58
C PHE E 12 -10.18 12.72 12.78
N ASP E 13 -9.83 12.78 11.50
CA ASP E 13 -10.20 13.94 10.67
C ASP E 13 -11.67 13.89 10.24
N LYS E 14 -12.13 12.72 9.83
CA LYS E 14 -13.55 12.49 9.50
C LYS E 14 -14.08 11.32 10.32
N PRO E 15 -15.39 11.34 10.63
CA PRO E 15 -15.99 10.22 11.34
C PRO E 15 -16.18 9.01 10.41
N GLY E 16 -15.92 7.82 10.93
CA GLY E 16 -16.02 6.59 10.14
C GLY E 16 -15.55 5.38 10.92
N GLY E 17 -14.78 4.52 10.26
CA GLY E 17 -14.28 3.29 10.88
C GLY E 17 -13.02 3.53 11.68
N PRO E 18 -12.47 2.44 12.27
CA PRO E 18 -11.26 2.57 13.09
C PRO E 18 -10.00 2.97 12.31
N GLU E 19 -10.02 2.75 11.00
CA GLU E 19 -8.88 3.08 10.14
C GLU E 19 -8.58 4.59 10.07
N ASN E 20 -9.56 5.41 10.44
CA ASN E 20 -9.38 6.87 10.46
C ASN E 20 -8.54 7.39 11.64
N LEU E 21 -8.27 6.54 12.63
CA LEU E 21 -7.55 6.95 13.83
C LEU E 21 -6.04 7.09 13.60
N TYR E 22 -5.45 8.15 14.16
CA TYR E 22 -4.00 8.31 14.20
C TYR E 22 -3.59 9.29 15.31
N VAL E 23 -2.29 9.37 15.57
CA VAL E 23 -1.77 10.25 16.61
C VAL E 23 -1.27 11.56 15.99
N LYS E 24 -1.76 12.69 16.50
CA LYS E 24 -1.46 14.00 15.92
C LYS E 24 -0.96 15.01 16.96
N GLU E 25 -0.13 15.94 16.50
CA GLU E 25 0.27 17.08 17.31
C GLU E 25 -0.84 18.12 17.29
N VAL E 26 -1.40 18.42 18.45
CA VAL E 26 -2.48 19.41 18.58
C VAL E 26 -2.10 20.45 19.64
N ALA E 27 -2.93 21.47 19.78
CA ALA E 27 -2.70 22.54 20.76
C ALA E 27 -2.87 22.02 22.18
N LYS E 28 -1.85 22.26 23.01
CA LYS E 28 -1.84 21.86 24.41
C LYS E 28 -2.81 22.73 25.22
N PRO E 29 -3.75 22.11 25.96
CA PRO E 29 -4.73 22.90 26.71
C PRO E 29 -4.12 23.55 27.94
N SER E 30 -4.83 24.52 28.50
CA SER E 30 -4.40 25.25 29.69
C SER E 30 -5.52 25.22 30.73
N PRO E 31 -5.16 25.22 32.04
CA PRO E 31 -6.17 25.34 33.09
C PRO E 31 -6.98 26.64 33.02
N GLY E 32 -7.95 26.80 33.92
CA GLY E 32 -8.82 27.96 33.88
C GLY E 32 -9.81 28.01 35.02
N GLU E 33 -9.34 28.46 36.18
CA GLU E 33 -10.17 28.71 37.35
C GLU E 33 -10.73 27.40 37.93
N GLY E 34 -10.14 26.95 39.03
CA GLY E 34 -10.64 25.77 39.73
C GLY E 34 -10.48 24.47 38.96
N GLU E 35 -9.42 24.38 38.17
CA GLU E 35 -9.07 23.14 37.48
C GLU E 35 -7.57 23.09 37.24
N VAL E 36 -7.05 21.87 37.12
CA VAL E 36 -5.61 21.64 36.99
C VAL E 36 -5.29 21.11 35.59
N LEU E 37 -4.01 20.91 35.31
CA LEU E 37 -3.56 20.27 34.07
C LEU E 37 -2.87 18.96 34.44
N LEU E 38 -3.34 17.85 33.89
CA LEU E 38 -2.82 16.53 34.22
C LEU E 38 -1.92 16.01 33.12
N LYS E 39 -0.65 15.75 33.46
CA LYS E 39 0.29 15.11 32.54
C LYS E 39 -0.08 13.64 32.50
N VAL E 40 -0.69 13.22 31.40
CA VAL E 40 -1.32 11.89 31.32
C VAL E 40 -0.31 10.78 31.12
N ALA E 41 -0.35 9.79 32.01
CA ALA E 41 0.46 8.57 31.89
C ALA E 41 -0.29 7.53 31.07
N ALA E 42 -1.60 7.43 31.27
CA ALA E 42 -2.42 6.45 30.56
C ALA E 42 -3.90 6.81 30.57
N SER E 43 -4.58 6.47 29.49
CA SER E 43 -6.03 6.57 29.39
C SER E 43 -6.60 5.17 29.10
N ALA E 44 -7.83 5.08 28.64
CA ALA E 44 -8.43 3.77 28.37
C ALA E 44 -9.62 3.84 27.41
N LEU E 45 -9.86 2.75 26.69
CA LEU E 45 -10.99 2.66 25.77
C LEU E 45 -12.29 2.39 26.51
N ASN E 46 -13.29 3.19 26.21
CA ASN E 46 -14.65 2.94 26.64
C ASN E 46 -15.52 2.81 25.39
N ARG E 47 -16.65 2.12 25.51
CA ARG E 47 -17.54 1.92 24.37
C ARG E 47 -17.96 3.23 23.71
N ALA E 48 -18.06 4.30 24.51
CA ALA E 48 -18.43 5.62 24.01
C ALA E 48 -17.44 6.13 22.96
N ASP E 49 -16.17 5.79 23.13
CA ASP E 49 -15.13 6.18 22.18
C ASP E 49 -15.45 5.66 20.78
N LEU E 50 -15.88 4.39 20.69
CA LEU E 50 -16.25 3.79 19.41
C LEU E 50 -17.40 4.55 18.77
N MET E 51 -18.42 4.84 19.58
CA MET E 51 -19.62 5.54 19.12
C MET E 51 -19.29 6.96 18.66
N GLN E 52 -18.30 7.57 19.30
CA GLN E 52 -17.91 8.95 18.99
C GLN E 52 -17.23 9.10 17.62
N ARG E 53 -16.30 8.20 17.31
CA ARG E 53 -15.57 8.29 16.03
C ARG E 53 -16.44 7.84 14.84
N GLN E 54 -17.45 7.04 15.11
CA GLN E 54 -18.48 6.74 14.10
C GLN E 54 -19.38 7.95 13.92
N GLY E 55 -19.54 8.75 14.97
CA GLY E 55 -20.27 10.01 14.92
C GLY E 55 -21.64 9.97 15.59
N GLN E 56 -21.82 9.07 16.55
CA GLN E 56 -23.08 8.97 17.31
C GLN E 56 -23.01 9.72 18.64
N TYR E 57 -21.90 9.56 19.36
CA TYR E 57 -21.73 10.18 20.66
C TYR E 57 -20.92 11.47 20.55
N ASP E 58 -21.61 12.61 20.47
CA ASP E 58 -20.94 13.90 20.48
C ASP E 58 -20.72 14.36 21.92
N PRO E 59 -19.57 15.02 22.18
CA PRO E 59 -19.28 15.47 23.55
C PRO E 59 -20.19 16.60 24.02
N PRO E 60 -20.37 16.73 25.34
CA PRO E 60 -21.22 17.81 25.87
C PRO E 60 -20.69 19.20 25.53
N PRO E 61 -21.58 20.19 25.39
CA PRO E 61 -21.16 21.56 25.05
C PRO E 61 -20.00 22.05 25.91
N GLY E 62 -18.93 22.49 25.26
CA GLY E 62 -17.77 23.05 25.96
C GLY E 62 -16.62 22.08 26.12
N ALA E 63 -16.95 20.79 26.28
CA ALA E 63 -15.92 19.76 26.47
C ALA E 63 -15.06 19.57 25.22
N SER E 64 -13.88 18.99 25.42
CA SER E 64 -12.94 18.76 24.31
C SER E 64 -13.48 17.74 23.34
N ASN E 65 -13.03 17.84 22.09
CA ASN E 65 -13.50 16.97 21.01
C ASN E 65 -12.42 15.93 20.68
N ILE E 66 -11.87 15.33 21.73
CA ILE E 66 -10.83 14.31 21.61
C ILE E 66 -11.17 13.16 22.57
N LEU E 67 -10.96 11.93 22.10
CA LEU E 67 -11.38 10.73 22.82
C LEU E 67 -10.75 10.63 24.21
N GLY E 68 -11.41 9.89 25.10
CA GLY E 68 -10.87 9.62 26.43
C GLY E 68 -11.76 10.11 27.55
N LEU E 69 -12.47 9.18 28.19
CA LEU E 69 -13.38 9.51 29.29
C LEU E 69 -12.72 9.40 30.66
N GLU E 70 -11.49 8.92 30.69
CA GLU E 70 -10.73 8.84 31.94
C GLU E 70 -9.24 9.01 31.67
N ALA E 71 -8.47 9.22 32.73
CA ALA E 71 -7.04 9.40 32.62
C ALA E 71 -6.36 9.34 33.98
N SER E 72 -5.15 8.81 34.00
CA SER E 72 -4.32 8.81 35.21
C SER E 72 -2.95 9.39 34.88
N GLY E 73 -2.44 10.23 35.78
CA GLY E 73 -1.12 10.83 35.59
C GLY E 73 -0.65 11.70 36.74
N HIS E 74 0.32 12.57 36.43
CA HIS E 74 0.86 13.50 37.41
C HIS E 74 0.21 14.87 37.25
N VAL E 75 0.10 15.61 38.34
CA VAL E 75 -0.39 16.99 38.32
C VAL E 75 0.69 17.91 37.76
N ALA E 76 0.50 18.35 36.52
CA ALA E 76 1.51 19.13 35.79
C ALA E 76 1.45 20.64 36.09
N GLU E 77 0.25 21.17 36.28
CA GLU E 77 0.05 22.61 36.43
C GLU E 77 -1.23 22.94 37.20
N LEU E 78 -1.17 23.95 38.05
CA LEU E 78 -2.34 24.41 38.81
C LEU E 78 -2.93 25.66 38.18
N GLY E 79 -4.24 25.64 37.92
CA GLY E 79 -4.95 26.80 37.40
C GLY E 79 -5.31 27.77 38.52
N PRO E 80 -5.76 28.98 38.17
CA PRO E 80 -6.24 29.96 39.16
C PRO E 80 -7.32 29.43 40.11
N GLY E 81 -7.48 30.09 41.25
CA GLY E 81 -8.58 29.81 42.19
C GLY E 81 -8.73 28.35 42.60
N CYS E 82 -7.62 27.73 43.00
CA CYS E 82 -7.65 26.36 43.51
C CYS E 82 -7.55 26.34 45.02
N GLN E 83 -8.18 25.33 45.62
CA GLN E 83 -8.23 25.20 47.07
C GLN E 83 -7.55 23.92 47.57
N GLY E 84 -7.67 22.84 46.80
CA GLY E 84 -7.55 21.49 47.34
C GLY E 84 -6.18 20.90 47.57
N HIS E 85 -5.20 21.73 47.90
CA HIS E 85 -3.88 21.24 48.32
C HIS E 85 -3.20 20.24 47.37
N TRP E 86 -3.69 20.12 46.14
CA TRP E 86 -3.01 19.30 45.15
C TRP E 86 -1.75 20.05 44.71
N LYS E 87 -0.62 19.37 44.80
CA LYS E 87 0.67 19.97 44.44
C LYS E 87 1.11 19.45 43.06
N ILE E 88 2.04 20.17 42.44
CA ILE E 88 2.61 19.73 41.17
C ILE E 88 3.47 18.49 41.41
N GLY E 89 3.34 17.50 40.53
CA GLY E 89 4.06 16.23 40.69
C GLY E 89 3.26 15.13 41.37
N ASP E 90 2.15 15.50 42.01
CA ASP E 90 1.27 14.53 42.66
C ASP E 90 0.60 13.64 41.61
N THR E 91 0.66 12.33 41.82
CA THR E 91 -0.04 11.38 40.95
C THR E 91 -1.52 11.35 41.32
N ALA E 92 -2.36 11.17 40.31
CA ALA E 92 -3.80 11.13 40.50
C ALA E 92 -4.50 10.60 39.26
N MET E 93 -5.78 10.25 39.43
CA MET E 93 -6.64 9.84 38.32
C MET E 93 -7.94 10.64 38.39
N ALA E 94 -8.64 10.75 37.26
CA ALA E 94 -9.89 11.50 37.23
C ALA E 94 -10.83 11.06 36.12
N LEU E 95 -12.09 11.46 36.24
CA LEU E 95 -13.12 11.20 35.24
C LEU E 95 -13.26 12.41 34.33
N LEU E 96 -13.34 12.15 33.03
CA LEU E 96 -13.33 13.22 32.05
C LEU E 96 -14.56 13.17 31.14
N PRO E 97 -14.97 14.33 30.59
CA PRO E 97 -15.95 14.36 29.51
C PRO E 97 -15.31 14.13 28.14
N GLY E 98 -13.97 14.11 28.10
CA GLY E 98 -13.20 14.03 26.85
C GLY E 98 -11.80 14.59 27.04
N GLY E 99 -10.94 14.40 26.04
CA GLY E 99 -9.56 14.91 26.07
C GLY E 99 -8.57 14.08 26.88
N GLY E 100 -8.96 12.86 27.22
CA GLY E 100 -8.14 11.99 28.07
C GLY E 100 -7.00 11.29 27.35
N GLN E 101 -7.22 10.92 26.09
CA GLN E 101 -6.22 10.19 25.30
C GLN E 101 -5.26 11.16 24.58
N ALA E 102 -4.55 11.97 25.37
CA ALA E 102 -3.55 12.91 24.86
C ALA E 102 -2.62 13.30 26.02
N GLN E 103 -1.44 13.79 25.69
CA GLN E 103 -0.39 14.02 26.71
C GLN E 103 -0.81 14.93 27.87
N TYR E 104 -1.71 15.87 27.62
CA TYR E 104 -2.21 16.77 28.66
C TYR E 104 -3.72 16.97 28.58
N VAL E 105 -4.36 17.04 29.74
CA VAL E 105 -5.81 17.21 29.83
C VAL E 105 -6.16 18.13 30.99
N THR E 106 -7.23 18.91 30.81
CA THR E 106 -7.71 19.82 31.83
C THR E 106 -8.73 19.08 32.72
N VAL E 107 -8.61 19.26 34.03
CA VAL E 107 -9.39 18.51 35.02
C VAL E 107 -9.78 19.39 36.22
N PRO E 108 -11.09 19.54 36.49
CA PRO E 108 -11.54 20.21 37.72
C PRO E 108 -11.00 19.52 38.97
N GLU E 109 -10.47 20.29 39.92
CA GLU E 109 -9.74 19.71 41.06
C GLU E 109 -10.60 18.77 41.92
N GLY E 110 -11.88 19.06 42.01
CA GLY E 110 -12.79 18.22 42.78
C GLY E 110 -12.78 16.79 42.28
N LEU E 111 -12.90 16.63 40.96
CA LEU E 111 -13.00 15.31 40.33
C LEU E 111 -11.68 14.53 40.40
N LEU E 112 -10.59 15.22 40.69
CA LEU E 112 -9.27 14.60 40.81
C LEU E 112 -9.26 13.62 41.98
N MET E 113 -8.96 12.35 41.69
CA MET E 113 -8.92 11.29 42.72
C MET E 113 -7.50 10.77 42.89
N PRO E 114 -7.13 10.38 44.12
CA PRO E 114 -5.78 9.89 44.38
C PRO E 114 -5.62 8.44 43.94
N ILE E 115 -4.38 8.04 43.68
CA ILE E 115 -4.08 6.69 43.23
C ILE E 115 -3.86 5.77 44.43
N PRO E 116 -4.64 4.69 44.54
CA PRO E 116 -4.50 3.74 45.65
C PRO E 116 -3.09 3.19 45.79
N GLU E 117 -2.72 2.81 47.00
CA GLU E 117 -1.38 2.27 47.26
C GLU E 117 -1.21 0.89 46.67
N GLY E 118 -0.05 0.67 46.04
CA GLY E 118 0.29 -0.62 45.43
C GLY E 118 -0.16 -0.78 43.99
N LEU E 119 -0.75 0.28 43.42
CA LEU E 119 -1.26 0.24 42.05
C LEU E 119 -0.44 1.11 41.10
N THR E 120 -0.31 0.66 39.86
CA THR E 120 0.43 1.39 38.83
C THR E 120 -0.47 2.42 38.14
N LEU E 121 0.14 3.45 37.57
CA LEU E 121 -0.58 4.46 36.78
C LEU E 121 -1.44 3.83 35.67
N THR E 122 -0.94 2.78 35.06
CA THR E 122 -1.71 2.05 34.04
C THR E 122 -2.93 1.40 34.69
N GLN E 123 -2.73 0.72 35.81
CA GLN E 123 -3.82 0.07 36.55
C GLN E 123 -4.89 1.07 36.96
N ALA E 124 -4.44 2.22 37.46
CA ALA E 124 -5.33 3.28 37.92
C ALA E 124 -6.21 3.81 36.79
N ALA E 125 -5.69 3.82 35.57
CA ALA E 125 -6.43 4.30 34.40
C ALA E 125 -7.67 3.45 34.07
N ALA E 126 -7.73 2.24 34.61
CA ALA E 126 -8.88 1.36 34.41
C ALA E 126 -10.02 1.60 35.42
N ILE E 127 -9.81 2.50 36.38
CA ILE E 127 -10.78 2.70 37.48
C ILE E 127 -11.96 3.66 37.19
N PRO E 128 -11.67 4.92 36.80
CA PRO E 128 -12.73 5.96 36.81
C PRO E 128 -14.05 5.61 36.09
N GLU E 129 -14.06 5.62 34.76
CA GLU E 129 -15.31 5.49 33.99
C GLU E 129 -15.99 4.16 34.23
N ALA E 130 -15.20 3.11 34.41
CA ALA E 130 -15.73 1.77 34.62
C ALA E 130 -16.42 1.64 35.98
N TRP E 131 -15.73 2.07 37.05
CA TRP E 131 -16.23 1.89 38.41
C TRP E 131 -17.17 3.00 38.87
N LEU E 132 -16.92 4.23 38.45
CA LEU E 132 -17.82 5.34 38.80
C LEU E 132 -19.21 5.11 38.22
N THR E 133 -19.26 4.55 37.02
CA THR E 133 -20.53 4.16 36.42
C THR E 133 -21.11 3.01 37.22
N ALA E 134 -20.31 1.95 37.39
CA ALA E 134 -20.74 0.77 38.16
C ALA E 134 -21.30 1.17 39.52
N PHE E 135 -20.61 2.08 40.20
CA PHE E 135 -21.06 2.60 41.49
C PHE E 135 -22.36 3.40 41.36
N GLN E 136 -22.42 4.27 40.35
CA GLN E 136 -23.63 5.06 40.09
C GLN E 136 -24.83 4.15 39.87
N LEU E 137 -24.66 3.16 38.99
CA LEU E 137 -25.76 2.28 38.62
C LEU E 137 -26.26 1.42 39.79
N LEU E 138 -25.34 1.01 40.66
CA LEU E 138 -25.69 0.13 41.78
C LEU E 138 -26.34 0.89 42.95
N HIS E 139 -25.64 1.89 43.49
CA HIS E 139 -26.07 2.54 44.72
C HIS E 139 -26.97 3.76 44.52
N LEU E 140 -26.49 4.75 43.77
CA LEU E 140 -27.21 6.02 43.64
C LEU E 140 -28.48 5.91 42.79
N VAL E 141 -28.45 5.05 41.78
CA VAL E 141 -29.58 4.90 40.86
C VAL E 141 -30.43 3.68 41.19
N GLY E 142 -29.78 2.53 41.35
CA GLY E 142 -30.47 1.27 41.61
C GLY E 142 -30.75 0.96 43.07
N ASN E 143 -29.99 1.59 43.98
CA ASN E 143 -30.12 1.35 45.42
C ASN E 143 -29.99 -0.13 45.80
N VAL E 144 -28.79 -0.66 45.66
CA VAL E 144 -28.53 -2.06 45.97
C VAL E 144 -28.53 -2.27 47.47
N GLN E 145 -29.17 -3.35 47.90
CA GLN E 145 -29.22 -3.73 49.31
C GLN E 145 -28.55 -5.08 49.48
N ALA E 146 -28.25 -5.44 50.73
CA ALA E 146 -27.64 -6.73 51.04
C ALA E 146 -28.66 -7.85 50.83
N GLY E 147 -28.24 -8.90 50.11
CA GLY E 147 -29.10 -10.06 49.85
C GLY E 147 -29.80 -10.04 48.51
N ASP E 148 -29.66 -8.94 47.75
CA ASP E 148 -30.31 -8.80 46.45
C ASP E 148 -29.64 -9.65 45.38
N TYR E 149 -30.46 -10.17 44.46
CA TYR E 149 -29.95 -10.83 43.26
C TYR E 149 -29.84 -9.76 42.17
N VAL E 150 -28.61 -9.51 41.70
CA VAL E 150 -28.35 -8.52 40.65
C VAL E 150 -27.97 -9.22 39.36
N LEU E 151 -28.64 -8.85 38.26
CA LEU E 151 -28.34 -9.41 36.95
C LEU E 151 -27.48 -8.44 36.14
N ILE E 152 -26.25 -8.85 35.84
CA ILE E 152 -25.28 -8.02 35.14
C ILE E 152 -25.06 -8.50 33.71
N HIS E 153 -25.52 -7.71 32.74
CA HIS E 153 -25.34 -8.01 31.33
C HIS E 153 -24.02 -7.45 30.85
N ALA E 154 -23.42 -8.14 29.87
CA ALA E 154 -22.07 -7.83 29.40
C ALA E 154 -21.15 -7.72 30.62
N GLY E 155 -21.24 -8.73 31.47
CA GLY E 155 -20.63 -8.69 32.80
C GLY E 155 -19.13 -8.72 32.84
N LEU E 156 -18.49 -9.02 31.71
CA LEU E 156 -17.04 -9.00 31.61
C LEU E 156 -16.55 -7.84 30.74
N SER E 157 -17.38 -6.80 30.66
CA SER E 157 -16.98 -5.53 30.07
C SER E 157 -16.30 -4.69 31.15
N GLY E 158 -15.86 -3.49 30.78
CA GLY E 158 -15.22 -2.58 31.73
C GLY E 158 -16.12 -2.21 32.90
N VAL E 159 -17.39 -1.90 32.61
CA VAL E 159 -18.36 -1.58 33.64
C VAL E 159 -18.79 -2.83 34.37
N GLY E 160 -18.93 -3.94 33.65
CA GLY E 160 -19.35 -5.20 34.24
C GLY E 160 -18.37 -5.74 35.26
N THR E 161 -17.10 -5.80 34.87
CA THR E 161 -16.04 -6.32 35.74
C THR E 161 -15.89 -5.51 37.03
N ALA E 162 -16.23 -4.22 36.98
CA ALA E 162 -16.33 -3.42 38.18
C ALA E 162 -17.59 -3.83 38.94
N ALA E 163 -18.72 -3.81 38.23
CA ALA E 163 -20.03 -4.13 38.79
C ALA E 163 -20.06 -5.42 39.61
N ILE E 164 -19.43 -6.47 39.10
CA ILE E 164 -19.43 -7.77 39.78
C ILE E 164 -18.86 -7.68 41.18
N GLN E 165 -17.81 -6.88 41.35
CA GLN E 165 -17.12 -6.74 42.62
C GLN E 165 -17.88 -5.83 43.58
N LEU E 166 -18.31 -4.68 43.08
CA LEU E 166 -19.08 -3.72 43.88
C LEU E 166 -20.35 -4.36 44.44
N THR E 167 -21.02 -5.16 43.60
CA THR E 167 -22.18 -5.95 44.01
C THR E 167 -21.85 -6.86 45.19
N ARG E 168 -20.69 -7.51 45.10
CA ARG E 168 -20.25 -8.45 46.12
C ARG E 168 -19.86 -7.72 47.41
N MET E 169 -19.27 -6.53 47.26
CA MET E 169 -18.90 -5.69 48.40
C MET E 169 -20.11 -5.07 49.07
N ALA E 170 -21.15 -4.78 48.29
CA ALA E 170 -22.41 -4.26 48.83
C ALA E 170 -23.20 -5.33 49.59
N GLY E 171 -22.73 -6.57 49.52
CA GLY E 171 -23.36 -7.69 50.22
C GLY E 171 -24.45 -8.37 49.40
N ALA E 172 -24.32 -8.28 48.07
CA ALA E 172 -25.33 -8.79 47.14
C ALA E 172 -24.80 -9.96 46.32
N ILE E 173 -25.73 -10.67 45.67
CA ILE E 173 -25.42 -11.84 44.86
C ILE E 173 -25.45 -11.45 43.38
N PRO E 174 -24.28 -11.42 42.71
CA PRO E 174 -24.25 -11.05 41.30
C PRO E 174 -24.43 -12.25 40.36
N LEU E 175 -25.31 -12.09 39.37
CA LEU E 175 -25.49 -13.08 38.31
C LEU E 175 -25.07 -12.44 36.99
N VAL E 176 -24.21 -13.12 36.24
CA VAL E 176 -23.61 -12.55 35.03
C VAL E 176 -24.17 -13.18 33.76
N THR E 177 -24.10 -12.43 32.65
CA THR E 177 -24.35 -13.00 31.33
C THR E 177 -23.31 -12.50 30.30
N ALA E 178 -22.54 -13.44 29.75
CA ALA E 178 -21.56 -13.16 28.72
C ALA E 178 -21.75 -14.12 27.56
N GLY E 179 -21.00 -13.92 26.47
CA GLY E 179 -21.11 -14.75 25.28
C GLY E 179 -19.92 -15.66 25.03
N SER E 180 -19.36 -16.22 26.10
CA SER E 180 -18.13 -17.01 26.02
C SER E 180 -17.85 -17.76 27.31
N GLN E 181 -17.48 -19.04 27.21
CA GLN E 181 -17.14 -19.84 28.39
C GLN E 181 -15.83 -19.40 29.04
N LYS E 182 -14.90 -18.89 28.24
CA LYS E 182 -13.66 -18.31 28.75
C LYS E 182 -13.95 -17.09 29.62
N LYS E 183 -14.95 -16.31 29.22
CA LYS E 183 -15.32 -15.11 29.97
C LYS E 183 -16.11 -15.46 31.23
N LEU E 184 -17.03 -16.42 31.12
CA LEU E 184 -17.85 -16.85 32.26
C LEU E 184 -17.03 -17.51 33.37
N GLN E 185 -15.91 -18.12 33.02
CA GLN E 185 -14.98 -18.66 34.01
C GLN E 185 -14.29 -17.53 34.78
N MET E 186 -14.00 -16.43 34.08
CA MET E 186 -13.35 -15.28 34.69
C MET E 186 -14.30 -14.54 35.62
N ALA E 187 -15.57 -14.48 35.25
CA ALA E 187 -16.59 -13.90 36.10
C ALA E 187 -16.69 -14.66 37.44
N GLU E 188 -16.54 -15.98 37.38
CA GLU E 188 -16.59 -16.83 38.57
C GLU E 188 -15.46 -16.50 39.53
N LYS E 189 -14.26 -16.24 38.98
CA LYS E 189 -13.12 -15.86 39.80
C LYS E 189 -13.30 -14.45 40.38
N LEU E 190 -13.97 -13.57 39.65
CA LEU E 190 -14.24 -12.22 40.13
C LEU E 190 -15.30 -12.21 41.24
N GLY E 191 -16.09 -13.28 41.32
CA GLY E 191 -17.09 -13.44 42.38
C GLY E 191 -18.53 -13.51 41.91
N ALA E 192 -18.75 -13.92 40.67
CA ALA E 192 -20.11 -14.10 40.15
C ALA E 192 -20.70 -15.39 40.70
N ALA E 193 -21.87 -15.29 41.31
CA ALA E 193 -22.56 -16.45 41.88
C ALA E 193 -23.05 -17.41 40.79
N ALA E 194 -23.28 -16.88 39.59
CA ALA E 194 -23.65 -17.70 38.43
C ALA E 194 -23.47 -16.92 37.13
N GLY E 195 -23.02 -17.62 36.09
CA GLY E 195 -22.78 -17.01 34.79
C GLY E 195 -23.52 -17.76 33.69
N PHE E 196 -24.17 -17.03 32.80
CA PHE E 196 -24.97 -17.64 31.74
C PHE E 196 -24.49 -17.24 30.35
N ASN E 197 -24.24 -18.24 29.51
CA ASN E 197 -23.85 -18.04 28.12
C ASN E 197 -25.12 -17.75 27.31
N TYR E 198 -25.29 -16.50 26.89
CA TYR E 198 -26.53 -16.11 26.20
C TYR E 198 -26.66 -16.71 24.80
N LYS E 199 -25.53 -17.07 24.21
CA LYS E 199 -25.54 -17.74 22.90
C LYS E 199 -25.95 -19.21 23.02
N LYS E 200 -25.85 -19.77 24.23
CA LYS E 200 -26.17 -21.20 24.46
C LYS E 200 -27.55 -21.42 25.08
N GLU E 201 -27.93 -20.58 26.04
CA GLU E 201 -29.18 -20.77 26.80
C GLU E 201 -29.95 -19.47 27.01
N ASP E 202 -31.17 -19.60 27.52
CA ASP E 202 -31.99 -18.46 27.91
C ASP E 202 -31.55 -18.02 29.30
N PHE E 203 -31.16 -16.75 29.44
CA PHE E 203 -30.73 -16.24 30.75
C PHE E 203 -31.90 -16.00 31.68
N SER E 204 -33.09 -15.74 31.11
CA SER E 204 -34.29 -15.52 31.90
C SER E 204 -34.68 -16.76 32.69
N GLU E 205 -34.73 -17.91 32.01
CA GLU E 205 -35.16 -19.18 32.64
C GLU E 205 -34.13 -19.68 33.64
N ALA E 206 -32.84 -19.52 33.32
CA ALA E 206 -31.78 -19.92 34.24
C ALA E 206 -31.72 -19.00 35.48
N THR E 207 -32.00 -17.72 35.28
CA THR E 207 -32.05 -16.75 36.39
C THR E 207 -33.18 -17.10 37.35
N LEU E 208 -34.37 -17.32 36.79
CA LEU E 208 -35.52 -17.75 37.57
C LEU E 208 -35.23 -19.04 38.32
N LYS E 209 -34.49 -19.95 37.69
CA LYS E 209 -34.15 -21.25 38.29
C LYS E 209 -33.15 -21.10 39.45
N PHE E 210 -32.19 -20.19 39.31
CA PHE E 210 -31.22 -19.94 40.38
C PHE E 210 -31.89 -19.23 41.55
N THR E 211 -32.75 -18.27 41.26
CA THR E 211 -33.44 -17.47 42.28
C THR E 211 -34.69 -18.17 42.87
N LYS E 212 -34.90 -19.43 42.54
CA LYS E 212 -36.02 -20.24 43.04
C LYS E 212 -37.38 -19.65 42.67
N GLY E 213 -37.46 -19.00 41.51
CA GLY E 213 -38.69 -18.38 41.04
C GLY E 213 -38.94 -16.95 41.52
N ALA E 214 -38.10 -16.48 42.45
CA ALA E 214 -38.26 -15.15 43.04
C ALA E 214 -37.81 -14.02 42.10
N GLY E 215 -36.90 -14.34 41.18
CA GLY E 215 -36.45 -13.37 40.17
C GLY E 215 -35.40 -12.40 40.67
N VAL E 216 -34.74 -11.72 39.74
CA VAL E 216 -33.69 -10.75 40.08
C VAL E 216 -34.26 -9.43 40.60
N ASN E 217 -33.63 -8.89 41.63
CA ASN E 217 -34.08 -7.64 42.26
C ASN E 217 -33.54 -6.40 41.56
N LEU E 218 -32.44 -6.57 40.81
CA LEU E 218 -31.81 -5.45 40.13
C LEU E 218 -31.16 -5.93 38.83
N ILE E 219 -31.46 -5.26 37.72
CA ILE E 219 -30.86 -5.61 36.43
C ILE E 219 -30.08 -4.41 35.90
N LEU E 220 -28.79 -4.62 35.68
CA LEU E 220 -27.95 -3.61 35.04
C LEU E 220 -27.90 -3.93 33.56
N ASP E 221 -28.82 -3.31 32.81
CA ASP E 221 -29.02 -3.61 31.40
C ASP E 221 -28.29 -2.59 30.51
N CYS E 222 -27.37 -3.08 29.69
CA CYS E 222 -26.73 -2.26 28.67
C CYS E 222 -26.97 -2.84 27.28
N ILE E 223 -27.99 -3.71 27.16
CA ILE E 223 -28.31 -4.37 25.90
C ILE E 223 -29.61 -3.80 25.35
N GLY E 224 -30.69 -3.93 26.11
CA GLY E 224 -31.96 -3.29 25.78
C GLY E 224 -32.86 -4.06 24.84
N GLY E 225 -32.93 -3.62 23.58
CA GLY E 225 -33.92 -4.07 22.62
C GLY E 225 -34.06 -5.57 22.41
N SER E 226 -32.93 -6.26 22.30
CA SER E 226 -32.93 -7.72 22.08
C SER E 226 -33.17 -8.52 23.36
N TYR E 227 -33.10 -7.84 24.51
CA TYR E 227 -33.18 -8.48 25.81
C TYR E 227 -34.47 -8.17 26.59
N TRP E 228 -35.25 -7.18 26.13
CA TRP E 228 -36.32 -6.62 26.97
C TRP E 228 -37.28 -7.68 27.53
N GLU E 229 -37.73 -8.58 26.67
CA GLU E 229 -38.66 -9.64 27.08
C GLU E 229 -38.07 -10.48 28.19
N LYS E 230 -36.85 -10.96 27.97
CA LYS E 230 -36.19 -11.88 28.90
C LYS E 230 -35.85 -11.21 30.24
N ASN E 231 -35.49 -9.93 30.20
CA ASN E 231 -35.26 -9.16 31.42
C ASN E 231 -36.53 -9.09 32.28
N VAL E 232 -37.64 -8.71 31.66
CA VAL E 232 -38.90 -8.51 32.40
C VAL E 232 -39.40 -9.79 33.04
N ASN E 233 -39.33 -10.90 32.29
CA ASN E 233 -39.76 -12.20 32.80
C ASN E 233 -39.03 -12.60 34.08
N CYS E 234 -37.71 -12.44 34.09
CA CYS E 234 -36.89 -12.86 35.22
C CYS E 234 -36.75 -11.82 36.33
N LEU E 235 -37.42 -10.67 36.19
CA LEU E 235 -37.39 -9.63 37.23
C LEU E 235 -38.30 -10.01 38.39
N ALA E 236 -37.89 -9.63 39.60
CA ALA E 236 -38.65 -9.91 40.82
C ALA E 236 -39.72 -8.84 41.03
N LEU E 237 -40.51 -9.00 42.10
CA LEU E 237 -41.49 -7.97 42.48
C LEU E 237 -40.74 -6.72 42.98
N ASP E 238 -41.30 -5.54 42.68
CA ASP E 238 -40.66 -4.25 42.98
C ASP E 238 -39.23 -4.16 42.44
N GLY E 239 -39.01 -4.75 41.27
CA GLY E 239 -37.69 -4.82 40.68
C GLY E 239 -37.21 -3.48 40.15
N ARG E 240 -35.90 -3.27 40.23
CA ARG E 240 -35.26 -2.11 39.61
C ARG E 240 -34.57 -2.56 38.34
N TRP E 241 -34.89 -1.91 37.24
CA TRP E 241 -34.34 -2.27 35.94
C TRP E 241 -33.55 -1.07 35.42
N VAL E 242 -32.23 -1.14 35.50
CA VAL E 242 -31.36 -0.05 35.12
C VAL E 242 -30.93 -0.18 33.66
N LEU E 243 -31.39 0.76 32.84
CA LEU E 243 -31.08 0.75 31.41
C LEU E 243 -30.00 1.79 31.12
N TYR E 244 -28.88 1.36 30.55
CA TYR E 244 -27.76 2.29 30.32
C TYR E 244 -26.88 1.97 29.11
N GLY E 245 -27.38 1.18 28.15
CA GLY E 245 -26.53 0.74 27.03
C GLY E 245 -27.10 0.79 25.64
N LEU E 246 -28.17 0.03 25.40
CA LEU E 246 -28.77 -0.09 24.06
C LEU E 246 -27.84 -0.73 23.01
N MET E 247 -26.93 -1.59 23.45
CA MET E 247 -26.05 -2.32 22.53
C MET E 247 -26.82 -3.34 21.69
N GLY E 248 -27.94 -3.82 22.23
CA GLY E 248 -28.78 -4.79 21.54
C GLY E 248 -30.08 -4.21 21.00
N GLY E 249 -30.06 -2.93 20.63
CA GLY E 249 -31.19 -2.33 19.94
C GLY E 249 -31.56 -0.94 20.39
N GLY E 250 -32.71 -0.82 21.06
CA GLY E 250 -33.34 0.47 21.34
C GLY E 250 -34.82 0.46 20.99
N ASP E 251 -35.22 -0.47 20.11
CA ASP E 251 -36.63 -0.60 19.72
C ASP E 251 -37.32 -1.69 20.53
N ILE E 252 -38.58 -1.43 20.86
CA ILE E 252 -39.40 -2.34 21.65
C ILE E 252 -40.65 -2.70 20.84
N ASN E 253 -41.11 -3.94 21.00
CA ASN E 253 -42.18 -4.48 20.18
C ASN E 253 -42.89 -5.61 20.92
N GLY E 254 -43.83 -5.24 21.78
CA GLY E 254 -44.58 -6.20 22.57
C GLY E 254 -45.19 -5.60 23.82
N PRO E 255 -45.78 -6.45 24.67
CA PRO E 255 -46.46 -6.01 25.89
C PRO E 255 -45.51 -5.74 27.05
N LEU E 256 -44.70 -4.70 26.93
CA LEU E 256 -43.78 -4.31 28.00
C LEU E 256 -44.55 -3.76 29.20
N PHE E 257 -45.38 -2.76 28.94
CA PHE E 257 -46.14 -2.07 29.98
C PHE E 257 -47.02 -3.04 30.76
N SER E 258 -47.65 -3.97 30.06
CA SER E 258 -48.47 -5.00 30.70
C SER E 258 -47.65 -5.80 31.69
N LYS E 259 -46.49 -6.29 31.24
CA LYS E 259 -45.61 -7.14 32.05
C LYS E 259 -44.98 -6.37 33.20
N LEU E 260 -44.50 -5.16 32.91
CA LEU E 260 -43.75 -4.37 33.89
C LEU E 260 -44.59 -3.92 35.08
N LEU E 261 -45.86 -3.60 34.85
CA LEU E 261 -46.78 -3.21 35.90
C LEU E 261 -47.13 -4.40 36.80
N PHE E 262 -47.16 -5.61 36.23
CA PHE E 262 -47.48 -6.82 36.98
C PHE E 262 -46.40 -7.14 38.01
N LYS E 263 -45.15 -6.84 37.66
CA LYS E 263 -44.01 -7.04 38.55
C LYS E 263 -43.74 -5.81 39.43
N ARG E 264 -44.47 -4.72 39.18
CA ARG E 264 -44.25 -3.43 39.86
C ARG E 264 -42.86 -2.87 39.55
N GLY E 265 -42.47 -3.01 38.29
CA GLY E 265 -41.10 -2.70 37.88
C GLY E 265 -40.79 -1.22 37.77
N SER E 266 -39.50 -0.92 37.76
CA SER E 266 -39.00 0.43 37.52
C SER E 266 -37.93 0.36 36.46
N LEU E 267 -38.17 1.01 35.33
CA LEU E 267 -37.17 1.11 34.26
C LEU E 267 -36.43 2.43 34.43
N ILE E 268 -35.32 2.39 35.18
CA ILE E 268 -34.54 3.60 35.47
C ILE E 268 -33.38 3.72 34.49
N THR E 269 -33.38 4.77 33.67
CA THR E 269 -32.29 5.01 32.73
C THR E 269 -31.24 5.91 33.35
N SER E 270 -29.99 5.74 32.90
CA SER E 270 -28.86 6.48 33.46
C SER E 270 -27.89 6.92 32.37
N LEU E 271 -27.31 8.10 32.56
CA LEU E 271 -26.16 8.55 31.77
C LEU E 271 -25.23 9.33 32.68
N LEU E 272 -23.93 9.11 32.52
CA LEU E 272 -22.92 9.75 33.36
C LEU E 272 -22.24 10.93 32.67
N ARG E 273 -21.85 10.73 31.41
CA ARG E 273 -21.09 11.75 30.67
C ARG E 273 -21.83 13.08 30.49
N SER E 274 -23.15 13.02 30.38
CA SER E 274 -23.97 14.21 30.10
C SER E 274 -24.41 14.99 31.35
N ARG E 275 -23.91 14.60 32.52
CA ARG E 275 -24.31 15.23 33.78
C ARG E 275 -23.50 16.51 34.04
N ASP E 276 -24.00 17.35 34.95
CA ASP E 276 -23.31 18.59 35.34
C ASP E 276 -22.31 18.36 36.47
N ASN E 277 -21.52 19.39 36.78
CA ASN E 277 -20.45 19.27 37.77
C ASN E 277 -20.92 18.90 39.17
N LYS E 278 -22.10 19.39 39.56
CA LYS E 278 -22.66 19.06 40.86
C LYS E 278 -22.80 17.55 41.01
N TYR E 279 -23.55 16.94 40.09
CA TYR E 279 -23.81 15.50 40.11
C TYR E 279 -22.55 14.65 40.08
N LYS E 280 -21.53 15.12 39.36
CA LYS E 280 -20.29 14.36 39.20
C LYS E 280 -19.42 14.41 40.46
N GLN E 281 -19.26 15.59 41.05
CA GLN E 281 -18.51 15.70 42.32
C GLN E 281 -19.22 14.95 43.44
N MET E 282 -20.54 15.05 43.50
CA MET E 282 -21.33 14.28 44.47
C MET E 282 -21.05 12.78 44.31
N LEU E 283 -20.93 12.34 43.07
CA LEU E 283 -20.57 10.95 42.77
C LEU E 283 -19.12 10.66 43.19
N VAL E 284 -18.22 11.58 42.89
CA VAL E 284 -16.80 11.42 43.22
C VAL E 284 -16.58 11.41 44.74
N ASN E 285 -17.32 12.26 45.45
CA ASN E 285 -17.18 12.35 46.90
C ASN E 285 -17.73 11.11 47.61
N ALA E 286 -18.80 10.53 47.07
CA ALA E 286 -19.35 9.29 47.59
C ALA E 286 -18.39 8.14 47.32
N PHE E 287 -17.92 8.07 46.07
CA PHE E 287 -17.02 7.01 45.64
C PHE E 287 -15.71 7.02 46.43
N THR E 288 -15.15 8.21 46.65
CA THR E 288 -13.90 8.34 47.40
C THR E 288 -14.06 7.93 48.87
N GLU E 289 -15.27 8.09 49.41
CA GLU E 289 -15.57 7.64 50.76
C GLU E 289 -15.88 6.15 50.82
N GLN E 290 -16.82 5.71 49.98
CA GLN E 290 -17.42 4.37 50.12
C GLN E 290 -16.71 3.25 49.36
N ILE E 291 -15.90 3.59 48.36
CA ILE E 291 -15.29 2.57 47.49
C ILE E 291 -13.76 2.65 47.47
N LEU E 292 -13.23 3.83 47.17
CA LEU E 292 -11.80 4.02 46.85
C LEU E 292 -10.83 3.35 47.83
N PRO E 293 -11.08 3.44 49.14
CA PRO E 293 -10.15 2.82 50.09
C PRO E 293 -9.99 1.29 49.96
N HIS E 294 -10.99 0.62 49.37
CA HIS E 294 -10.95 -0.83 49.23
C HIS E 294 -10.16 -1.35 48.02
N PHE E 295 -9.58 -0.43 47.24
CA PHE E 295 -8.63 -0.82 46.19
C PHE E 295 -7.28 -1.22 46.78
N SER E 296 -7.02 -0.79 48.00
CA SER E 296 -5.75 -1.04 48.66
C SER E 296 -5.90 -1.47 50.11
N THR E 297 -6.92 -2.30 50.41
CA THR E 297 -7.07 -2.86 51.76
C THR E 297 -5.99 -3.92 52.02
N GLU E 298 -6.25 -5.17 51.63
CA GLU E 298 -5.26 -6.24 51.85
C GLU E 298 -5.34 -7.36 50.80
N GLY E 299 -6.53 -7.94 50.63
CA GLY E 299 -6.71 -8.99 49.62
C GLY E 299 -8.12 -9.54 49.55
N PRO E 300 -8.52 -10.37 50.53
CA PRO E 300 -9.79 -11.10 50.51
C PRO E 300 -10.96 -10.28 49.97
N GLN E 301 -11.16 -9.07 50.52
CA GLN E 301 -12.28 -8.20 50.12
C GLN E 301 -11.82 -7.10 49.16
N ARG E 302 -10.49 -6.97 48.99
CA ARG E 302 -9.90 -5.89 48.21
C ARG E 302 -10.43 -5.84 46.79
N LEU E 303 -10.57 -4.62 46.26
CA LEU E 303 -11.08 -4.41 44.91
C LEU E 303 -9.95 -4.44 43.88
N LEU E 304 -10.22 -5.06 42.73
CA LEU E 304 -9.21 -5.29 41.70
C LEU E 304 -9.61 -4.63 40.38
N PRO E 305 -8.79 -3.67 39.88
CA PRO E 305 -9.06 -3.13 38.55
C PRO E 305 -8.66 -4.14 37.48
N VAL E 306 -9.60 -4.54 36.64
CA VAL E 306 -9.38 -5.65 35.71
C VAL E 306 -8.88 -5.13 34.36
N LEU E 307 -7.65 -5.51 34.02
CA LEU E 307 -7.05 -5.14 32.74
C LEU E 307 -6.91 -6.36 31.85
N ASP E 308 -7.33 -6.24 30.59
CA ASP E 308 -7.20 -7.31 29.61
C ASP E 308 -5.88 -7.16 28.87
N ARG E 309 -5.67 -5.96 28.31
CA ARG E 309 -4.46 -5.65 27.55
C ARG E 309 -4.06 -4.19 27.75
N ILE E 310 -2.82 -3.89 27.39
CA ILE E 310 -2.33 -2.52 27.40
C ILE E 310 -1.69 -2.21 26.06
N TYR E 311 -2.18 -1.18 25.38
CA TYR E 311 -1.62 -0.73 24.12
C TYR E 311 -0.97 0.64 24.30
N PRO E 312 0.01 0.96 23.46
CA PRO E 312 0.46 2.34 23.36
C PRO E 312 -0.50 3.16 22.49
N VAL E 313 -0.41 4.48 22.59
CA VAL E 313 -1.27 5.38 21.80
C VAL E 313 -1.02 5.23 20.30
N THR E 314 0.22 4.91 19.94
CA THR E 314 0.58 4.62 18.55
C THR E 314 -0.28 3.49 17.95
N GLU E 315 -0.68 2.53 18.79
CA GLU E 315 -1.52 1.40 18.34
C GLU E 315 -2.99 1.60 18.69
N ILE E 316 -3.45 2.86 18.69
CA ILE E 316 -4.86 3.18 18.93
C ILE E 316 -5.77 2.48 17.92
N GLN E 317 -5.31 2.43 16.67
CA GLN E 317 -6.06 1.83 15.58
C GLN E 317 -6.32 0.36 15.87
N GLU E 318 -5.27 -0.35 16.29
CA GLU E 318 -5.36 -1.76 16.63
C GLU E 318 -6.18 -2.00 17.89
N ALA E 319 -6.28 -0.98 18.75
CA ALA E 319 -7.05 -1.06 19.99
C ALA E 319 -8.55 -1.14 19.75
N HIS E 320 -9.05 -0.24 18.91
CA HIS E 320 -10.49 -0.19 18.62
C HIS E 320 -10.98 -1.46 17.96
N LYS E 321 -10.18 -2.02 17.05
CA LYS E 321 -10.52 -3.26 16.37
C LYS E 321 -10.74 -4.39 17.39
N TYR E 322 -9.86 -4.44 18.39
CA TYR E 322 -9.92 -5.44 19.44
C TYR E 322 -11.20 -5.33 20.28
N MET E 323 -11.64 -4.09 20.53
CA MET E 323 -12.88 -3.84 21.27
C MET E 323 -14.10 -4.14 20.41
N GLU E 324 -14.06 -3.73 19.14
CA GLU E 324 -15.18 -3.98 18.22
C GLU E 324 -15.35 -5.48 17.99
N ALA E 325 -14.27 -6.24 18.11
CA ALA E 325 -14.31 -7.69 18.05
C ALA E 325 -14.85 -8.34 19.32
N ASN E 326 -15.25 -7.54 20.31
CA ASN E 326 -15.79 -8.04 21.59
C ASN E 326 -14.89 -9.06 22.29
N LYS E 327 -13.58 -8.96 22.07
CA LYS E 327 -12.62 -9.91 22.61
C LYS E 327 -12.15 -9.54 24.02
N ASN E 328 -12.27 -8.27 24.39
CA ASN E 328 -11.71 -7.80 25.66
C ASN E 328 -12.48 -8.32 26.88
N ILE E 329 -11.72 -8.76 27.88
CA ILE E 329 -12.27 -9.28 29.12
C ILE E 329 -11.78 -8.35 30.23
N GLY E 330 -12.47 -7.22 30.37
CA GLY E 330 -12.09 -6.17 31.30
C GLY E 330 -11.74 -4.89 30.56
N LYS E 331 -11.08 -3.97 31.25
CA LYS E 331 -10.68 -2.69 30.66
C LYS E 331 -9.52 -2.89 29.69
N ILE E 332 -9.25 -1.84 28.92
CA ILE E 332 -8.25 -1.90 27.85
C ILE E 332 -7.54 -0.53 27.79
N VAL E 333 -6.29 -0.51 28.26
CA VAL E 333 -5.59 0.72 28.61
C VAL E 333 -4.65 1.21 27.50
N LEU E 334 -4.62 2.53 27.32
CA LEU E 334 -3.71 3.19 26.37
C LEU E 334 -2.66 3.99 27.11
N GLU E 335 -1.39 3.72 26.81
CA GLU E 335 -0.28 4.43 27.46
C GLU E 335 0.26 5.55 26.59
N LEU E 336 0.55 6.68 27.22
CA LEU E 336 1.01 7.86 26.52
C LEU E 336 2.50 8.08 26.70
N PRO E 337 3.20 8.55 25.64
CA PRO E 337 4.60 8.91 25.80
C PRO E 337 4.70 10.19 26.62
N GLN E 338 5.83 10.36 27.30
CA GLN E 338 6.02 11.49 28.21
C GLN E 338 7.33 12.22 27.96
#